data_9GCX
#
_entry.id   9GCX
#
_cell.length_a   210.082
_cell.length_b   210.082
_cell.length_c   344.844
_cell.angle_alpha   90
_cell.angle_beta   90
_cell.angle_gamma   120
#
_symmetry.space_group_name_H-M   'P 65 2 2'
#
loop_
_entity.id
_entity.type
_entity.pdbx_description
1 polymer 'Cytochrome b-c1 complex subunit 1, mitochondrial'
2 polymer 'Cytochrome b-c1 complex subunit 2, mitochondrial'
3 polymer 'Cytochrome b'
4 polymer 'Cytochrome c1, heme protein, mitochondrial'
5 polymer 'Cytochrome b-c1 complex subunit Rieske, mitochondrial'
6 polymer 'Cytochrome b-c1 complex subunit 7'
7 polymer 'Cytochrome b-c1 complex subunit 8'
8 polymer 'Cytochrome b-c1 complex subunit 6, mitochondrial'
9 polymer 'Cytochrome b-c1 complex subunit 9'
10 polymer 'Cytochrome b-c1 complex subunit 10'
11 non-polymer '(1R)-2-{[(R)-(2-AMINOETHOXY)(HYDROXY)PHOSPHORYL]OXY}-1-[(DODECANOYLOXY)METHYL]ETHYL (9Z)-OCTADEC-9-ENOATE'
12 non-polymer CARDIOLIPIN
13 non-polymer 'PROTOPORPHYRIN IX CONTAINING FE'
14 non-polymer 2-methyl-3-(4-(4-(trifluoromethoxy)phenoxy)phenyl)-1,5,7,8-tetrahydro-4H-pyrano[4,3-b]pyridin-4-one
15 non-polymer DODECYL-BETA-D-MALTOSIDE
16 non-polymer 'HEME C'
17 non-polymer 'FE2/S2 (INORGANIC) CLUSTER'
18 non-polymer '(7R,17E,20E)-4-HYDROXY-N,N,N-TRIMETHYL-9-OXO-7-[(PALMITOYLOXY)METHYL]-3,5,8-TRIOXA-4-PHOSPHAHEXACOSA-17,20-DIEN-1-AMINIUM 4-OXIDE'
19 non-polymer 'SULFATE ION'
20 water water
#
loop_
_entity_poly.entity_id
_entity_poly.type
_entity_poly.pdbx_seq_one_letter_code
_entity_poly.pdbx_strand_id
1 'polypeptide(L)'
;MAASAVCRAAGAGTRVLLRTRRSPALLRSSDLRGTATYAQALQSVPETQVSQLDNGLRVASEQSSQPTCTVGVWIDAGSR
YESEKNNGAGYFVEHLAFKGTKNRPGNALEKEVESMGAHLNAYSTREHTAYYIKALSKDLPKAVELLADIVQNCSLEDSQ
IEKERDVILQELQENDTSMRDVVFNYLHATAFQGTPLAQSVEGPSENVRKLSRADLTEYLSRHYKAPRMVLAAAGGLEHR
QLLDLAQKHFSGLSGTYDEDAVPTLSPCRFTGSQICHREDGLPLAHVAIAVEGPGWAHPDNVALQVANAIIGHYDCTYGG
GAHLSSPLASIAATNKLCQSFQTFNICYADTGLLGAHFVCDHMSIDDMMFVLQGQWMRLCTSATESEVLRGKNLLRNALV
SHLDGTTPVCEDIGRSLLTYGRRIPLAEWESRIAEVDARVVREVCSKYFYDQCPAVAGFGPIEQLPDYNRIRSGMFWLRF
;
A
2 'polypeptide(L)'
;MKLLTRAGSLSRFYSLKVAPKVKATEAPAGVPPHPQDLEFTRLPNGLVIASLENYAPASRIGLFIKAGSRYENSNNLGTS
HLLRLASSLTTKGASSFKITRGIEAVGGKLSVTSTRENMAYTVECLRDDVDILMEFLLNVTTAPEFRRWEVAALQPQLRI
DKAVALQNPQAHVIENLHAAAYRNALANSLYCPDYRIGKVTPVELHDYVQNHFTSARMALIGLGVSHPVLKQVAEQFLNI
RGGLGLSGAKAKYHGGEIREQNGDSLVHAALVAESAAIGSAEANAFSVLQHVLGAGPHVKRGSNATSSLYQAVAKGVHQP
FDVSAFNASYSDSGLFGFYTISQAASAGDVIKAAYNQVKTIAQGNLSNPDVQAAKNKLKAGYLMSVESSEGFLDEVGSQA
LAAGSYTPPSTVLQQIDAVADADVINAAKKFVSGRKSMAASGNLGHTPFIDEL
;
B
3 'polypeptide(L)'
;MTNIRKSHPLMKIVNNAFIDLPAPSNISSWWNFGSLLGICLILQILTGLFLAMHYTSDTTTAFSSVTHICRDVNYGWIIR
YMHANGASMFFICLYMHVGRGLYYGSYTFLETWNIGVILLLTVMATAFMGYVLPWGQMSFWGATVITNLLSAIPYIGTNL
VEWIWGGFSVDKATLTRFFAFHFILPFIIMAIAMVHLLFLHETGSNNPTGISSDVDKIPFHPYYTIKDILGALLLILALM
LLVLFAPDLLGDPDNYTPANPLNTPPHIKPEWYFLFAYAILRSIPNKLGGVLALAFSILILALIPLLHTSKQRSMMFRPL
SQCLFWALVADLLTLTWIGGQPVEHPYITIGQLASVLYFLLILVLMPTAGTIENKLLKW
;
C
4 'polypeptide(L)'
;MAAAAATLRGAMVGPRGAGLPGARARGLLCGARPGQLPLRTPQAVSLSSKSGLSRGRKVILSALGMLAAGGAGLAVALHS
AVSASDLELHPPSYPWSHRGLLSSLDHTSIRRGFQVYKQVCSSCHSMDYVAYRHLVGVCYTEDEAKALAEEVEVQDGPNE
DGEMFMRPGKLSDYFPKPYPNPEAARAANNGALPPDLSYIVRARHGGEDYVFSLLTGYCEPPTGVSLREGLYFNPYFPGQ
AIGMAPPIYNEVLEFDDGTPATMSQVAKDVCTFLRWAAEPEHDHRKRMGLKMLLMMGLLLPLVYAMKRHKWSVLKSRKLA
YRPPK
;
D
5 'polypeptide(L)'
;MLSVAARSGPFAPVLSATSRGVAGALRPLVQAAVPATSESPVLDLKRSVLCRESLRGQAAGRPLVASVSLNVPASVRYSH
TDIKVPDFSDYRRPEVLDSTKSSKESSEARKGFSYLVTATTTVGVAYAAKNVVSQFVSSMSASADVLAMSKIEIKLSDIP
EGKNMAFKWRGKPLFVRHRTKKEIDQEAAVEVSQLRDPQHDLERVKKPEWVILIGVCTHLGCVPIANAGDFGGYYCPCHG
SHYDASGRIRKGPAPLNLEVPSYEFTSDDMVIVG
;
E,I
6 'polypeptide(L)'
;MAGRPAVSASSRWLEGIRKWYYNAAGFNKLGLMRDDTIHENDDVKEAIRRLPENLYNDRVFRIKRALDLSMRQQILPKEQ
WTKYEEDKSYLEPYLKEVIRERKEREEWAKK
;
F
7 'polypeptide(L)'
;MGRQFGHLTRVRHVITYSLSPFEQRAFPHYFSKGIPNVLRRTRACILRVAPPFVAFYLVYTWGTQEFEKSKRKNPAAYEN
DR
;
G
8 'polypeptide(L)'
;PKARDPLGPPFPLEFAGSGELVPHTLPQSSSGDLGQEEEEEEELVDPLTTVREQCEQLEKCVKARERLELCDERVSSRSQ
TEEDCTEELLDFLHARDHCVAHKLFNSLK
;
H
9 'polypeptide(L)' MVAPTLTARLYSLLFRRTSTFALTIVVGALFFERAFDQGADAIYEHINEGKLWKHIKHKYENKE J
10 'polypeptide(L)' MLTRFLGPRYRQLARNWVPTASLWGAVGAVGLVWATDWRLILDWVPYINGKFKKDD K
#
# COMPACT_ATOMS: atom_id res chain seq x y z
N ALA A 36 -40.23 20.69 -35.11
CA ALA A 36 -40.13 21.30 -33.75
C ALA A 36 -39.17 20.50 -32.85
N THR A 37 -37.88 20.90 -32.72
CA THR A 37 -36.85 20.09 -32.06
C THR A 37 -36.54 20.56 -30.64
N TYR A 38 -35.63 19.83 -29.97
CA TYR A 38 -35.14 20.10 -28.61
C TYR A 38 -34.44 21.46 -28.59
N ALA A 39 -33.53 21.65 -29.56
CA ALA A 39 -32.82 22.90 -29.78
C ALA A 39 -33.80 24.04 -29.65
N GLN A 40 -34.80 23.98 -30.54
CA GLN A 40 -35.79 25.00 -30.68
C GLN A 40 -36.55 25.18 -29.38
N ALA A 41 -36.93 24.07 -28.74
CA ALA A 41 -37.74 24.11 -27.53
C ALA A 41 -37.03 24.95 -26.49
N LEU A 42 -35.70 24.88 -26.49
CA LEU A 42 -34.89 25.54 -25.48
C LEU A 42 -35.09 27.05 -25.58
N GLN A 43 -35.23 27.55 -26.81
CA GLN A 43 -35.40 28.97 -27.06
C GLN A 43 -36.72 29.48 -26.47
N SER A 44 -37.72 28.59 -26.35
CA SER A 44 -39.09 28.98 -26.07
C SER A 44 -39.34 29.02 -24.57
N VAL A 45 -38.35 28.56 -23.79
CA VAL A 45 -38.54 28.41 -22.36
C VAL A 45 -38.77 29.81 -21.82
N PRO A 46 -39.78 30.03 -20.95
CA PRO A 46 -40.02 31.36 -20.37
C PRO A 46 -38.82 32.03 -19.69
N GLU A 47 -38.60 33.31 -20.00
CA GLU A 47 -37.61 34.22 -19.47
C GLU A 47 -37.66 34.33 -17.94
N THR A 48 -36.52 34.32 -17.23
CA THR A 48 -36.58 34.67 -15.81
C THR A 48 -36.34 36.17 -15.66
N GLN A 49 -37.17 36.83 -14.84
CA GLN A 49 -37.05 38.27 -14.67
C GLN A 49 -36.53 38.64 -13.28
N VAL A 50 -35.65 39.65 -13.26
CA VAL A 50 -35.02 40.10 -12.02
C VAL A 50 -35.05 41.62 -11.93
N SER A 51 -35.35 42.13 -10.73
CA SER A 51 -35.36 43.54 -10.36
C SER A 51 -34.75 43.66 -8.96
N GLN A 52 -34.73 44.86 -8.37
CA GLN A 52 -34.03 45.05 -7.10
C GLN A 52 -34.54 46.28 -6.34
N LEU A 53 -34.71 46.17 -5.01
CA LEU A 53 -35.17 47.29 -4.17
C LEU A 53 -33.96 48.15 -3.77
N ASP A 54 -34.27 49.29 -3.14
CA ASP A 54 -33.23 50.24 -2.79
C ASP A 54 -32.42 49.68 -1.63
N ASN A 55 -33.06 48.86 -0.80
CA ASN A 55 -32.35 48.22 0.28
C ASN A 55 -31.49 47.07 -0.24
N GLY A 56 -31.68 46.70 -1.52
CA GLY A 56 -30.80 45.78 -2.22
C GLY A 56 -31.44 44.42 -2.49
N LEU A 57 -32.61 44.16 -1.91
CA LEU A 57 -33.24 42.85 -2.03
C LEU A 57 -33.55 42.58 -3.50
N ARG A 58 -33.20 41.39 -3.97
CA ARG A 58 -33.51 41.11 -5.36
C ARG A 58 -34.87 40.43 -5.43
N VAL A 59 -35.52 40.63 -6.56
CA VAL A 59 -36.75 39.93 -6.82
C VAL A 59 -36.66 39.28 -8.20
N ALA A 60 -36.92 37.97 -8.26
CA ALA A 60 -36.83 37.17 -9.47
C ALA A 60 -38.07 36.30 -9.60
N SER A 61 -38.45 36.03 -10.85
CA SER A 61 -39.66 35.29 -11.12
C SER A 61 -39.61 34.66 -12.51
N GLU A 62 -40.31 33.52 -12.65
CA GLU A 62 -40.66 32.92 -13.92
C GLU A 62 -42.19 32.87 -14.01
N GLN A 63 -42.75 33.29 -15.15
CA GLN A 63 -44.19 33.36 -15.36
C GLN A 63 -44.70 32.23 -16.26
N SER A 64 -45.86 31.68 -15.89
CA SER A 64 -46.55 30.66 -16.66
C SER A 64 -48.07 30.83 -16.48
N SER A 65 -48.83 29.97 -17.16
CA SER A 65 -50.28 29.99 -17.05
C SER A 65 -50.75 28.90 -16.10
N GLN A 66 -50.14 28.81 -14.89
CA GLN A 66 -50.62 27.85 -13.90
C GLN A 66 -51.57 28.53 -12.91
N PRO A 67 -52.47 27.76 -12.25
CA PRO A 67 -53.29 28.25 -11.12
C PRO A 67 -52.59 28.25 -9.76
N THR A 68 -51.38 27.69 -9.75
CA THR A 68 -50.63 27.51 -8.54
C THR A 68 -49.30 28.21 -8.72
N CYS A 69 -48.64 28.45 -7.59
CA CYS A 69 -47.33 29.09 -7.60
C CYS A 69 -46.55 28.63 -6.38
N THR A 70 -45.29 29.05 -6.36
CA THR A 70 -44.37 28.84 -5.26
C THR A 70 -43.50 30.08 -5.19
N VAL A 71 -43.26 30.55 -3.96
CA VAL A 71 -42.62 31.83 -3.72
C VAL A 71 -41.84 31.72 -2.41
N GLY A 72 -40.65 32.30 -2.40
CA GLY A 72 -39.87 32.20 -1.19
C GLY A 72 -38.74 33.21 -1.13
N VAL A 73 -38.09 33.20 0.03
CA VAL A 73 -36.94 34.02 0.36
C VAL A 73 -35.76 33.06 0.47
N TRP A 74 -34.74 33.29 -0.35
CA TRP A 74 -33.46 32.62 -0.24
C TRP A 74 -32.44 33.59 0.37
N ILE A 75 -31.61 33.10 1.31
CA ILE A 75 -30.70 33.93 2.10
C ILE A 75 -29.32 33.30 2.08
N ASP A 76 -28.28 34.07 1.75
CA ASP A 76 -26.92 33.60 1.93
C ASP A 76 -26.57 33.59 3.40
N ALA A 77 -27.10 32.59 4.11
CA ALA A 77 -26.77 32.37 5.50
C ALA A 77 -26.80 30.87 5.77
N GLY A 78 -26.05 30.43 6.79
CA GLY A 78 -25.93 29.01 7.11
C GLY A 78 -24.72 28.78 8.01
N SER A 79 -24.35 27.50 8.19
CA SER A 79 -23.36 27.09 9.17
C SER A 79 -21.98 27.64 8.82
N ARG A 80 -21.74 27.91 7.54
CA ARG A 80 -20.44 28.40 7.10
C ARG A 80 -20.20 29.81 7.64
N TYR A 81 -21.28 30.54 7.92
CA TYR A 81 -21.17 31.90 8.40
C TYR A 81 -21.14 31.91 9.93
N GLU A 82 -21.22 30.73 10.55
CA GLU A 82 -21.27 30.65 12.00
C GLU A 82 -19.87 30.40 12.55
N SER A 83 -19.58 30.95 13.74
CA SER A 83 -18.35 30.60 14.47
C SER A 83 -18.63 29.36 15.30
N GLU A 84 -17.60 28.94 16.03
CA GLU A 84 -17.70 27.79 16.92
C GLU A 84 -18.77 28.07 17.96
N LYS A 85 -18.92 29.35 18.31
CA LYS A 85 -19.69 29.74 19.49
C LYS A 85 -21.15 29.77 19.13
N ASN A 86 -21.47 30.16 17.90
CA ASN A 86 -22.86 30.36 17.49
C ASN A 86 -23.33 29.29 16.50
N ASN A 87 -22.53 28.22 16.34
CA ASN A 87 -22.84 27.19 15.37
C ASN A 87 -24.15 26.56 15.77
N GLY A 88 -25.10 26.49 14.82
CA GLY A 88 -26.39 25.83 14.99
C GLY A 88 -27.53 26.83 15.13
N ALA A 89 -27.17 28.11 15.08
CA ALA A 89 -28.13 29.18 15.30
C ALA A 89 -29.09 29.19 14.12
N GLY A 90 -28.50 29.15 12.91
CA GLY A 90 -29.27 29.13 11.67
C GLY A 90 -30.34 28.05 11.73
N TYR A 91 -29.96 26.90 12.28
CA TYR A 91 -30.79 25.72 12.42
C TYR A 91 -31.86 25.94 13.50
N PHE A 92 -31.48 26.60 14.61
CA PHE A 92 -32.37 26.84 15.74
C PHE A 92 -33.48 27.79 15.29
N VAL A 93 -33.07 28.82 14.57
CA VAL A 93 -34.00 29.76 13.97
C VAL A 93 -35.00 29.03 13.08
N GLU A 94 -34.60 27.96 12.39
CA GLU A 94 -35.50 27.34 11.44
C GLU A 94 -36.62 26.65 12.21
N HIS A 95 -36.34 26.28 13.47
CA HIS A 95 -37.36 25.65 14.29
C HIS A 95 -38.36 26.69 14.75
N LEU A 96 -37.92 27.93 14.86
CA LEU A 96 -38.76 29.01 15.38
C LEU A 96 -39.45 29.79 14.27
N ALA A 97 -39.06 29.57 13.01
CA ALA A 97 -39.41 30.39 11.87
C ALA A 97 -40.92 30.51 11.71
N PHE A 98 -41.64 29.47 12.13
CA PHE A 98 -43.05 29.38 11.78
C PHE A 98 -43.93 29.31 13.03
N LYS A 99 -43.39 29.69 14.19
CA LYS A 99 -44.07 29.46 15.45
C LYS A 99 -44.67 30.73 16.04
N GLY A 100 -44.85 31.77 15.21
CA GLY A 100 -45.51 32.99 15.65
C GLY A 100 -44.71 34.25 15.36
N THR A 101 -45.38 35.24 14.77
CA THR A 101 -44.72 36.52 14.55
C THR A 101 -45.32 37.52 15.55
N LYS A 102 -44.86 38.76 15.50
CA LYS A 102 -45.41 39.76 16.40
C LYS A 102 -46.81 40.13 15.91
N ASN A 103 -47.04 40.01 14.58
CA ASN A 103 -48.29 40.36 13.93
C ASN A 103 -49.31 39.22 13.98
N ARG A 104 -48.82 37.99 13.87
CA ARG A 104 -49.67 36.81 13.98
C ARG A 104 -49.18 35.91 15.11
N PRO A 105 -49.37 36.28 16.40
CA PRO A 105 -48.77 35.57 17.52
C PRO A 105 -49.21 34.12 17.63
N GLY A 106 -48.36 33.30 18.29
CA GLY A 106 -48.62 31.89 18.51
C GLY A 106 -48.85 31.14 17.19
N ASN A 107 -49.96 30.39 17.14
CA ASN A 107 -50.17 29.49 16.02
C ASN A 107 -50.92 30.19 14.90
N ALA A 108 -51.11 31.51 15.02
CA ALA A 108 -51.89 32.27 14.06
C ALA A 108 -51.27 32.13 12.68
N LEU A 109 -49.93 32.03 12.65
CA LEU A 109 -49.17 31.97 11.42
C LEU A 109 -49.65 30.76 10.65
N GLU A 110 -49.65 29.62 11.33
CA GLU A 110 -49.87 28.36 10.64
C GLU A 110 -51.35 28.19 10.32
N LYS A 111 -52.19 28.75 11.20
CA LYS A 111 -53.65 28.72 11.02
C LYS A 111 -53.98 29.33 9.67
N GLU A 112 -53.45 30.54 9.42
CA GLU A 112 -53.75 31.27 8.19
C GLU A 112 -53.27 30.49 6.98
N VAL A 113 -52.16 29.75 7.15
CA VAL A 113 -51.55 29.06 6.02
C VAL A 113 -52.40 27.83 5.71
N GLU A 114 -52.72 27.07 6.77
CA GLU A 114 -53.53 25.86 6.63
C GLU A 114 -54.85 26.18 5.93
N SER A 115 -55.53 27.24 6.36
CA SER A 115 -56.87 27.53 5.89
C SER A 115 -56.88 27.98 4.42
N MET A 116 -55.74 28.53 3.93
CA MET A 116 -55.59 28.95 2.54
C MET A 116 -55.37 27.75 1.63
N GLY A 117 -55.00 26.63 2.26
CA GLY A 117 -54.61 25.40 1.60
C GLY A 117 -53.16 25.48 1.17
N ALA A 118 -52.46 26.49 1.67
CA ALA A 118 -51.11 26.76 1.23
C ALA A 118 -50.14 25.95 2.07
N HIS A 119 -48.93 25.82 1.53
CA HIS A 119 -47.95 24.89 2.05
C HIS A 119 -46.66 25.66 2.34
N LEU A 120 -46.20 25.57 3.59
CA LEU A 120 -45.09 26.35 4.12
C LEU A 120 -43.95 25.45 4.55
N ASN A 121 -42.76 25.68 3.96
CA ASN A 121 -41.59 24.84 4.17
C ASN A 121 -40.33 25.71 4.27
N ALA A 122 -39.21 25.05 4.59
CA ALA A 122 -37.96 25.69 4.98
C ALA A 122 -36.81 24.71 4.81
N TYR A 123 -35.58 25.23 4.76
CA TYR A 123 -34.39 24.38 4.77
C TYR A 123 -33.12 25.18 5.05
N SER A 124 -32.12 24.47 5.58
CA SER A 124 -30.81 25.02 5.92
C SER A 124 -29.70 24.17 5.30
N THR A 125 -28.88 24.79 4.44
CA THR A 125 -27.62 24.18 4.00
C THR A 125 -26.48 24.85 4.76
N ARG A 126 -25.22 24.53 4.42
CA ARG A 126 -24.08 25.18 5.05
C ARG A 126 -24.00 26.66 4.64
N GLU A 127 -24.52 26.96 3.43
CA GLU A 127 -24.35 28.26 2.78
C GLU A 127 -25.68 29.03 2.59
N HIS A 128 -26.82 28.32 2.60
CA HIS A 128 -28.09 28.90 2.18
C HIS A 128 -29.22 28.54 3.15
N THR A 129 -30.18 29.47 3.31
CA THR A 129 -31.40 29.26 4.05
C THR A 129 -32.58 29.63 3.14
N ALA A 130 -33.65 28.84 3.19
CA ALA A 130 -34.81 29.17 2.39
C ALA A 130 -36.07 28.98 3.22
N TYR A 131 -37.02 29.90 3.03
CA TYR A 131 -38.38 29.71 3.46
C TYR A 131 -39.22 29.94 2.23
N TYR A 132 -40.28 29.15 2.08
CA TYR A 132 -41.04 29.22 0.84
C TYR A 132 -42.45 28.68 1.07
N ILE A 133 -43.42 29.23 0.30
CA ILE A 133 -44.83 28.85 0.34
C ILE A 133 -45.28 28.42 -1.05
N LYS A 134 -46.01 27.29 -1.07
CA LYS A 134 -46.72 26.80 -2.25
C LYS A 134 -48.19 27.14 -2.06
N ALA A 135 -48.76 27.94 -2.98
CA ALA A 135 -50.17 28.29 -2.86
C ALA A 135 -50.81 28.53 -4.22
N LEU A 136 -52.07 28.95 -4.12
CA LEU A 136 -52.86 29.31 -5.29
C LEU A 136 -52.31 30.63 -5.81
N SER A 137 -52.25 30.76 -7.13
CA SER A 137 -51.84 32.00 -7.75
C SER A 137 -52.61 33.15 -7.12
N LYS A 138 -53.90 32.93 -6.86
CA LYS A 138 -54.76 33.95 -6.31
C LYS A 138 -54.30 34.43 -4.93
N ASP A 139 -53.56 33.62 -4.16
CA ASP A 139 -53.21 34.04 -2.81
C ASP A 139 -51.80 34.64 -2.72
N LEU A 140 -51.09 34.77 -3.86
CA LEU A 140 -49.67 35.17 -3.92
C LEU A 140 -49.40 36.41 -3.07
N PRO A 141 -50.15 37.50 -3.26
CA PRO A 141 -50.01 38.70 -2.42
C PRO A 141 -50.07 38.40 -0.93
N LYS A 142 -50.99 37.53 -0.53
CA LYS A 142 -51.10 37.16 0.87
C LYS A 142 -49.91 36.28 1.26
N ALA A 143 -49.50 35.38 0.34
CA ALA A 143 -48.35 34.53 0.57
C ALA A 143 -47.11 35.37 0.88
N VAL A 144 -46.88 36.38 0.02
CA VAL A 144 -45.69 37.21 0.08
C VAL A 144 -45.72 37.97 1.40
N GLU A 145 -46.92 38.35 1.82
CA GLU A 145 -47.08 39.02 3.10
C GLU A 145 -46.62 38.09 4.24
N LEU A 146 -46.96 36.82 4.12
CA LEU A 146 -46.69 35.89 5.21
C LEU A 146 -45.19 35.65 5.34
N LEU A 147 -44.53 35.45 4.19
CA LEU A 147 -43.10 35.24 4.11
C LEU A 147 -42.40 36.38 4.82
N ALA A 148 -42.74 37.60 4.36
CA ALA A 148 -42.15 38.83 4.87
C ALA A 148 -42.34 38.93 6.38
N ASP A 149 -43.49 38.44 6.87
CA ASP A 149 -43.77 38.47 8.30
C ASP A 149 -42.87 37.49 9.05
N ILE A 150 -42.62 36.32 8.44
CA ILE A 150 -41.83 35.24 8.99
C ILE A 150 -40.38 35.66 9.21
N VAL A 151 -39.77 36.25 8.18
CA VAL A 151 -38.34 36.50 8.20
C VAL A 151 -38.03 37.68 9.14
N GLN A 152 -38.92 38.66 9.20
CA GLN A 152 -38.61 39.95 9.79
C GLN A 152 -39.09 40.06 11.23
N ASN A 153 -40.34 39.65 11.46
CA ASN A 153 -41.02 39.93 12.71
C ASN A 153 -41.17 38.62 13.48
N CYS A 154 -40.24 37.71 13.23
CA CYS A 154 -40.22 36.41 13.87
C CYS A 154 -40.14 36.60 15.39
N SER A 155 -41.10 36.05 16.17
CA SER A 155 -41.21 36.50 17.56
C SER A 155 -40.20 35.88 18.52
N LEU A 156 -39.79 34.61 18.29
CA LEU A 156 -38.76 33.97 19.10
C LEU A 156 -39.05 34.02 20.61
N GLU A 157 -40.16 33.42 21.10
CA GLU A 157 -40.55 33.53 22.50
C GLU A 157 -39.74 32.63 23.42
N ASP A 158 -39.40 33.12 24.63
CA ASP A 158 -38.45 32.45 25.52
C ASP A 158 -38.91 31.01 25.73
N SER A 159 -40.22 30.83 25.88
CA SER A 159 -40.84 29.58 26.26
C SER A 159 -40.90 28.63 25.07
N GLN A 160 -40.96 29.20 23.87
CA GLN A 160 -40.97 28.44 22.62
C GLN A 160 -39.56 27.97 22.30
N ILE A 161 -38.58 28.83 22.61
CA ILE A 161 -37.18 28.49 22.46
C ILE A 161 -36.85 27.26 23.31
N GLU A 162 -37.30 27.26 24.58
CA GLU A 162 -37.11 26.13 25.47
C GLU A 162 -37.72 24.86 24.89
N LYS A 163 -38.88 24.97 24.23
CA LYS A 163 -39.51 23.84 23.55
C LYS A 163 -38.61 23.35 22.41
N GLU A 164 -38.13 24.27 21.57
CA GLU A 164 -37.40 23.90 20.37
C GLU A 164 -36.01 23.35 20.73
N ARG A 165 -35.50 23.74 21.90
CA ARG A 165 -34.27 23.21 22.45
C ARG A 165 -34.31 21.67 22.45
N ASP A 166 -35.30 21.09 23.15
CA ASP A 166 -35.34 19.64 23.27
C ASP A 166 -35.66 19.01 21.93
N VAL A 167 -36.38 19.74 21.09
CA VAL A 167 -36.76 19.14 19.82
C VAL A 167 -35.50 18.91 19.01
N ILE A 168 -34.62 19.92 19.01
CA ILE A 168 -33.41 19.82 18.20
C ILE A 168 -32.56 18.69 18.77
N LEU A 169 -32.45 18.67 20.09
CA LEU A 169 -31.66 17.65 20.76
C LEU A 169 -32.09 16.27 20.28
N GLN A 170 -33.40 16.06 20.16
CA GLN A 170 -33.91 14.74 19.81
C GLN A 170 -33.70 14.49 18.32
N GLU A 171 -33.70 15.55 17.52
CA GLU A 171 -33.52 15.41 16.09
C GLU A 171 -32.10 14.94 15.86
N LEU A 172 -31.22 15.36 16.78
CA LEU A 172 -29.80 15.05 16.70
C LEU A 172 -29.63 13.56 16.99
N GLN A 173 -30.37 13.07 17.98
CA GLN A 173 -30.44 11.65 18.32
C GLN A 173 -30.82 10.85 17.08
N GLU A 174 -31.89 11.28 16.40
CA GLU A 174 -32.39 10.55 15.26
C GLU A 174 -31.33 10.56 14.16
N ASN A 175 -30.65 11.70 13.98
CA ASN A 175 -29.65 11.84 12.93
C ASN A 175 -28.53 10.83 13.09
N ASP A 176 -28.19 10.50 14.35
CA ASP A 176 -27.04 9.68 14.69
C ASP A 176 -27.28 8.26 14.21
N THR A 177 -28.53 7.97 13.85
CA THR A 177 -28.88 6.66 13.33
C THR A 177 -29.14 6.77 11.82
N SER A 178 -28.69 7.83 11.17
CA SER A 178 -28.70 7.84 9.71
C SER A 178 -27.26 7.78 9.22
N MET A 179 -26.85 6.65 8.66
CA MET A 179 -25.44 6.51 8.37
C MET A 179 -25.02 7.44 7.22
N ARG A 180 -25.87 7.58 6.20
CA ARG A 180 -25.62 8.54 5.14
C ARG A 180 -25.38 9.92 5.74
N ASP A 181 -26.25 10.33 6.67
CA ASP A 181 -26.10 11.63 7.29
C ASP A 181 -24.74 11.75 7.95
N VAL A 182 -24.38 10.77 8.77
CA VAL A 182 -23.22 10.79 9.63
C VAL A 182 -21.92 10.78 8.82
N VAL A 183 -21.90 9.95 7.78
CA VAL A 183 -20.67 9.78 7.01
C VAL A 183 -20.38 11.09 6.27
N PHE A 184 -21.45 11.73 5.76
CA PHE A 184 -21.35 12.93 4.95
C PHE A 184 -20.93 14.11 5.82
N ASN A 185 -21.55 14.21 6.99
CA ASN A 185 -21.12 15.16 8.00
C ASN A 185 -19.63 15.00 8.28
N TYR A 186 -19.20 13.73 8.37
CA TYR A 186 -17.83 13.41 8.69
C TYR A 186 -16.94 13.85 7.53
N LEU A 187 -17.37 13.57 6.29
CA LEU A 187 -16.62 13.91 5.09
C LEU A 187 -16.25 15.38 5.15
N HIS A 188 -17.24 16.22 5.47
CA HIS A 188 -17.07 17.66 5.61
C HIS A 188 -16.16 17.95 6.79
N ALA A 189 -16.33 17.21 7.89
CA ALA A 189 -15.62 17.53 9.12
C ALA A 189 -14.13 17.37 8.92
N THR A 190 -13.72 16.37 8.14
CA THR A 190 -12.30 16.10 7.95
C THR A 190 -11.81 16.84 6.72
N ALA A 191 -12.65 16.94 5.68
CA ALA A 191 -12.27 17.54 4.41
C ALA A 191 -11.93 19.03 4.57
N PHE A 192 -12.62 19.73 5.49
CA PHE A 192 -12.42 21.15 5.69
C PHE A 192 -12.09 21.44 7.15
N GLN A 193 -11.46 20.48 7.83
CA GLN A 193 -11.08 20.59 9.23
C GLN A 193 -10.43 21.94 9.51
N GLY A 194 -10.81 22.51 10.66
CA GLY A 194 -10.23 23.78 11.10
C GLY A 194 -10.86 24.99 10.41
N THR A 195 -12.03 24.80 9.80
CA THR A 195 -12.72 25.91 9.16
C THR A 195 -14.19 25.86 9.61
N PRO A 196 -15.03 26.81 9.12
CA PRO A 196 -16.48 26.74 9.28
C PRO A 196 -17.19 25.76 8.35
N LEU A 197 -16.49 25.39 7.28
CA LEU A 197 -17.06 24.39 6.39
C LEU A 197 -17.07 23.03 7.07
N ALA A 198 -16.23 22.85 8.10
CA ALA A 198 -16.17 21.58 8.81
C ALA A 198 -17.42 21.38 9.65
N GLN A 199 -18.05 22.50 10.01
CA GLN A 199 -19.16 22.51 10.96
C GLN A 199 -20.39 21.86 10.34
N SER A 200 -21.11 21.13 11.22
CA SER A 200 -22.44 20.57 11.01
C SER A 200 -23.42 21.73 10.91
N VAL A 201 -24.50 21.49 10.16
CA VAL A 201 -25.53 22.50 10.08
C VAL A 201 -26.24 22.54 11.44
N GLU A 202 -26.43 21.37 12.06
CA GLU A 202 -27.38 21.30 13.16
C GLU A 202 -26.75 21.92 14.42
N GLY A 203 -25.40 21.93 14.45
CA GLY A 203 -24.61 22.45 15.55
C GLY A 203 -24.24 21.36 16.55
N PRO A 204 -23.20 21.52 17.39
CA PRO A 204 -22.86 20.50 18.39
C PRO A 204 -23.89 20.53 19.51
N SER A 205 -24.05 19.40 20.20
CA SER A 205 -25.09 19.33 21.20
C SER A 205 -24.86 20.39 22.27
N GLU A 206 -23.59 20.75 22.53
CA GLU A 206 -23.28 21.78 23.51
C GLU A 206 -24.05 23.07 23.22
N ASN A 207 -23.90 23.55 21.98
CA ASN A 207 -24.46 24.80 21.50
C ASN A 207 -26.00 24.77 21.56
N VAL A 208 -26.60 23.64 21.18
CA VAL A 208 -28.05 23.57 21.17
C VAL A 208 -28.58 23.78 22.58
N ARG A 209 -27.84 23.30 23.58
CA ARG A 209 -28.25 23.37 24.97
C ARG A 209 -28.07 24.79 25.51
N LYS A 210 -27.16 25.56 24.92
CA LYS A 210 -26.69 26.78 25.55
C LYS A 210 -27.14 28.04 24.79
N LEU A 211 -27.43 27.88 23.49
CA LEU A 211 -27.70 28.98 22.57
C LEU A 211 -28.80 29.84 23.15
N SER A 212 -28.53 31.16 23.21
CA SER A 212 -29.34 32.14 23.93
C SER A 212 -30.27 32.84 22.94
N ARG A 213 -31.37 33.41 23.46
CA ARG A 213 -32.32 34.16 22.65
C ARG A 213 -31.60 35.34 21.99
N ALA A 214 -30.78 36.00 22.83
CA ALA A 214 -29.87 37.04 22.42
C ALA A 214 -29.04 36.56 21.22
N ASP A 215 -28.54 35.31 21.26
CA ASP A 215 -27.62 34.81 20.24
C ASP A 215 -28.33 34.65 18.91
N LEU A 216 -29.63 34.32 18.97
CA LEU A 216 -30.44 34.12 17.78
C LEU A 216 -30.70 35.49 17.15
N THR A 217 -30.99 36.47 18.01
CA THR A 217 -31.06 37.89 17.69
C THR A 217 -29.81 38.36 16.93
N GLU A 218 -28.61 38.16 17.53
CA GLU A 218 -27.36 38.55 16.91
C GLU A 218 -27.38 38.00 15.49
N TYR A 219 -27.61 36.68 15.39
CA TYR A 219 -27.42 35.95 14.16
C TYR A 219 -28.30 36.56 13.07
N LEU A 220 -29.58 36.75 13.38
CA LEU A 220 -30.58 37.18 12.42
C LEU A 220 -30.24 38.59 11.95
N SER A 221 -29.89 39.42 12.93
CA SER A 221 -29.53 40.82 12.72
C SER A 221 -28.30 40.92 11.81
N ARG A 222 -27.38 39.98 11.97
CA ARG A 222 -26.09 40.04 11.30
C ARG A 222 -26.18 39.56 9.85
N HIS A 223 -27.10 38.62 9.56
CA HIS A 223 -27.03 37.84 8.33
C HIS A 223 -28.22 38.07 7.39
N TYR A 224 -29.42 38.27 7.95
CA TYR A 224 -30.63 38.44 7.16
C TYR A 224 -30.70 39.89 6.68
N LYS A 225 -29.91 40.22 5.66
CA LYS A 225 -29.74 41.58 5.18
C LYS A 225 -29.96 41.58 3.68
N ALA A 226 -30.66 42.61 3.20
CA ALA A 226 -31.34 42.64 1.92
C ALA A 226 -30.44 42.29 0.72
N PRO A 227 -29.16 42.76 0.67
CA PRO A 227 -28.28 42.42 -0.45
C PRO A 227 -27.88 40.96 -0.49
N ARG A 228 -28.18 40.22 0.60
CA ARG A 228 -27.89 38.81 0.71
C ARG A 228 -29.19 37.99 0.73
N MET A 229 -30.29 38.56 0.23
CA MET A 229 -31.58 37.87 0.17
C MET A 229 -32.19 38.01 -1.22
N VAL A 230 -33.00 37.02 -1.60
CA VAL A 230 -33.71 36.99 -2.88
C VAL A 230 -35.16 36.57 -2.64
N LEU A 231 -36.09 37.32 -3.22
CA LEU A 231 -37.48 36.91 -3.28
C LEU A 231 -37.70 36.29 -4.64
N ALA A 232 -38.02 34.99 -4.65
CA ALA A 232 -38.16 34.27 -5.90
C ALA A 232 -39.53 33.62 -5.96
N ALA A 233 -40.02 33.42 -7.19
CA ALA A 233 -41.35 32.90 -7.39
C ALA A 233 -41.57 32.44 -8.83
N ALA A 234 -42.41 31.38 -8.95
CA ALA A 234 -42.91 30.91 -10.23
C ALA A 234 -44.38 30.52 -10.12
N GLY A 235 -45.02 30.50 -11.29
CA GLY A 235 -46.41 30.13 -11.47
C GLY A 235 -47.18 31.20 -12.27
N GLY A 236 -48.51 31.14 -12.18
CA GLY A 236 -49.32 32.24 -12.61
C GLY A 236 -49.08 33.46 -11.72
N LEU A 237 -48.17 34.34 -12.15
CA LEU A 237 -47.99 35.63 -11.49
C LEU A 237 -47.31 36.61 -12.46
N GLU A 238 -47.54 37.91 -12.20
CA GLU A 238 -46.95 39.02 -12.95
C GLU A 238 -45.68 39.48 -12.23
N HIS A 239 -44.54 39.54 -12.96
CA HIS A 239 -43.28 39.89 -12.33
C HIS A 239 -43.45 41.23 -11.62
N ARG A 240 -44.07 42.17 -12.36
CA ARG A 240 -44.42 43.50 -11.91
C ARG A 240 -45.04 43.41 -10.51
N GLN A 241 -45.99 42.48 -10.37
CA GLN A 241 -46.85 42.46 -9.20
C GLN A 241 -46.05 41.92 -8.03
N LEU A 242 -45.21 40.92 -8.31
CA LEU A 242 -44.34 40.36 -7.30
C LEU A 242 -43.43 41.47 -6.75
N LEU A 243 -42.90 42.28 -7.67
CA LEU A 243 -41.93 43.33 -7.36
C LEU A 243 -42.58 44.39 -6.47
N ASP A 244 -43.84 44.67 -6.78
CA ASP A 244 -44.62 45.63 -6.01
C ASP A 244 -44.74 45.12 -4.59
N LEU A 245 -45.10 43.83 -4.48
CA LEU A 245 -45.39 43.19 -3.20
C LEU A 245 -44.13 43.12 -2.36
N ALA A 246 -43.00 42.91 -3.05
CA ALA A 246 -41.68 42.90 -2.44
C ALA A 246 -41.43 44.26 -1.79
N GLN A 247 -41.63 45.32 -2.60
CA GLN A 247 -41.44 46.69 -2.18
C GLN A 247 -42.32 46.94 -0.97
N LYS A 248 -43.55 46.38 -0.98
CA LYS A 248 -44.55 46.67 0.05
C LYS A 248 -44.24 46.01 1.39
N HIS A 249 -43.61 44.82 1.37
CA HIS A 249 -43.52 44.04 2.59
C HIS A 249 -42.09 43.95 3.09
N PHE A 250 -41.12 44.07 2.18
CA PHE A 250 -39.75 43.74 2.52
C PHE A 250 -38.88 44.98 2.65
N SER A 251 -39.41 46.14 2.29
CA SER A 251 -38.50 47.26 2.07
C SER A 251 -37.89 47.77 3.37
N GLY A 252 -38.41 47.34 4.52
CA GLY A 252 -37.88 47.76 5.82
C GLY A 252 -36.61 47.01 6.18
N LEU A 253 -36.36 45.93 5.43
CA LEU A 253 -35.24 45.04 5.66
C LEU A 253 -33.93 45.79 5.45
N SER A 254 -33.02 45.65 6.42
CA SER A 254 -31.74 46.36 6.45
C SER A 254 -30.77 45.87 5.36
N GLY A 255 -30.03 46.83 4.79
CA GLY A 255 -28.97 46.56 3.85
C GLY A 255 -27.74 47.44 4.09
N THR A 256 -27.17 47.36 5.30
CA THR A 256 -26.15 48.31 5.76
C THR A 256 -24.82 47.64 6.14
N VAL A 262 -19.18 43.58 7.26
CA VAL A 262 -19.86 42.64 6.32
C VAL A 262 -19.30 41.24 6.58
N PRO A 263 -20.08 40.29 7.14
CA PRO A 263 -19.68 38.88 7.05
C PRO A 263 -19.54 38.49 5.57
N THR A 264 -18.28 38.44 5.09
CA THR A 264 -17.94 37.70 3.88
C THR A 264 -17.11 36.49 4.28
N LEU A 265 -17.02 35.53 3.34
CA LEU A 265 -16.58 34.15 3.55
C LEU A 265 -15.08 34.01 3.30
N SER A 266 -14.33 33.67 4.35
CA SER A 266 -12.95 33.26 4.20
C SER A 266 -12.87 32.10 3.22
N PRO A 267 -11.78 31.96 2.43
CA PRO A 267 -11.53 30.75 1.65
C PRO A 267 -11.63 29.60 2.65
N CYS A 268 -12.04 28.40 2.20
CA CYS A 268 -11.92 27.24 3.06
C CYS A 268 -10.87 26.25 2.56
N ARG A 269 -9.90 25.97 3.45
CA ARG A 269 -8.76 25.09 3.19
C ARG A 269 -9.20 23.63 3.19
N PHE A 270 -8.94 22.93 2.09
CA PHE A 270 -9.25 21.51 2.00
C PHE A 270 -8.02 20.70 2.39
N THR A 271 -8.27 19.53 2.97
CA THR A 271 -7.18 18.72 3.49
C THR A 271 -7.41 17.24 3.19
N GLY A 272 -6.38 16.60 2.60
CA GLY A 272 -6.39 15.17 2.35
C GLY A 272 -6.28 14.44 3.69
N SER A 273 -7.27 13.60 3.98
CA SER A 273 -7.50 13.16 5.34
C SER A 273 -8.51 12.03 5.30
N GLN A 274 -8.62 11.35 6.44
CA GLN A 274 -9.47 10.18 6.60
C GLN A 274 -10.06 10.25 7.99
N ILE A 275 -11.38 10.06 8.08
CA ILE A 275 -12.06 9.86 9.35
C ILE A 275 -12.81 8.52 9.33
N CYS A 276 -12.48 7.65 10.30
CA CYS A 276 -13.01 6.30 10.37
C CYS A 276 -13.62 6.02 11.73
N HIS A 277 -14.95 5.97 11.71
CA HIS A 277 -15.74 5.51 12.83
C HIS A 277 -16.04 4.04 12.56
N ARG A 278 -15.22 3.18 13.15
CA ARG A 278 -15.39 1.74 13.10
C ARG A 278 -16.43 1.41 14.15
N GLU A 279 -17.52 0.81 13.68
CA GLU A 279 -18.60 0.36 14.53
C GLU A 279 -19.15 -0.93 13.96
N ASP A 280 -18.55 -2.04 14.40
CA ASP A 280 -18.73 -3.33 13.76
C ASP A 280 -20.19 -3.76 13.93
N GLY A 281 -20.85 -3.19 14.94
CA GLY A 281 -22.19 -3.59 15.34
C GLY A 281 -23.25 -3.16 14.33
N LEU A 282 -22.91 -2.21 13.46
CA LEU A 282 -23.82 -1.82 12.40
C LEU A 282 -23.73 -2.85 11.27
N PRO A 283 -24.77 -2.98 10.43
CA PRO A 283 -24.84 -4.12 9.52
C PRO A 283 -24.28 -3.82 8.13
N LEU A 284 -24.18 -2.54 7.76
CA LEU A 284 -23.49 -2.20 6.53
C LEU A 284 -22.55 -1.01 6.73
N ALA A 285 -21.55 -0.95 5.85
CA ALA A 285 -20.52 0.06 5.92
C ALA A 285 -20.88 1.18 4.97
N HIS A 286 -20.69 2.42 5.42
CA HIS A 286 -20.82 3.58 4.56
C HIS A 286 -19.46 4.22 4.34
N VAL A 287 -19.14 4.49 3.08
CA VAL A 287 -17.90 5.19 2.76
C VAL A 287 -18.25 6.38 1.86
N ALA A 288 -17.75 7.58 2.23
CA ALA A 288 -17.81 8.74 1.33
C ALA A 288 -16.40 9.23 1.03
N ILE A 289 -16.11 9.47 -0.26
CA ILE A 289 -14.78 9.90 -0.68
C ILE A 289 -14.88 11.03 -1.69
N ALA A 290 -14.01 12.03 -1.56
CA ALA A 290 -14.13 13.24 -2.36
C ALA A 290 -12.78 13.95 -2.48
N VAL A 291 -12.58 14.57 -3.65
CA VAL A 291 -11.45 15.45 -3.87
C VAL A 291 -11.97 16.89 -3.78
N GLU A 292 -11.05 17.84 -3.64
CA GLU A 292 -11.44 19.24 -3.67
C GLU A 292 -11.98 19.57 -5.05
N GLY A 293 -13.20 20.10 -5.06
CA GLY A 293 -13.90 20.56 -6.24
C GLY A 293 -13.71 22.06 -6.43
N PRO A 294 -14.14 22.60 -7.59
CA PRO A 294 -13.92 24.02 -7.90
C PRO A 294 -14.79 25.08 -7.24
N GLY A 295 -16.03 24.76 -6.89
CA GLY A 295 -16.86 25.80 -6.32
C GLY A 295 -17.85 26.32 -7.35
N TRP A 296 -18.88 27.05 -6.87
CA TRP A 296 -20.12 27.24 -7.58
C TRP A 296 -19.87 27.76 -8.99
N ALA A 297 -18.95 28.72 -9.09
CA ALA A 297 -18.90 29.62 -10.23
C ALA A 297 -18.21 28.97 -11.44
N HIS A 298 -17.27 28.06 -11.20
CA HIS A 298 -16.35 27.61 -12.23
C HIS A 298 -17.03 26.82 -13.34
N PRO A 299 -16.64 27.04 -14.61
CA PRO A 299 -17.20 26.32 -15.75
C PRO A 299 -16.85 24.83 -15.87
N ASP A 300 -16.04 24.38 -14.93
CA ASP A 300 -15.61 23.00 -14.93
C ASP A 300 -16.74 22.13 -14.39
N ASN A 301 -17.64 22.75 -13.61
CA ASN A 301 -18.74 22.01 -13.00
C ASN A 301 -19.57 21.31 -14.07
N VAL A 302 -19.64 21.89 -15.28
CA VAL A 302 -20.40 21.28 -16.37
C VAL A 302 -19.74 19.97 -16.80
N ALA A 303 -18.45 20.03 -17.14
CA ALA A 303 -17.71 18.89 -17.64
C ALA A 303 -17.62 17.81 -16.57
N LEU A 304 -17.47 18.25 -15.32
CA LEU A 304 -17.43 17.38 -14.15
C LEU A 304 -18.77 16.65 -13.97
N GLN A 305 -19.88 17.34 -14.22
CA GLN A 305 -21.18 16.70 -14.08
C GLN A 305 -21.41 15.74 -15.24
N VAL A 306 -20.81 16.02 -16.40
CA VAL A 306 -20.87 15.06 -17.48
C VAL A 306 -20.18 13.77 -17.02
N ALA A 307 -18.99 13.93 -16.44
CA ALA A 307 -18.18 12.79 -16.06
C ALA A 307 -18.88 11.99 -14.96
N ASN A 308 -19.38 12.68 -13.93
CA ASN A 308 -20.16 12.08 -12.85
C ASN A 308 -21.34 11.28 -13.39
N ALA A 309 -22.02 11.82 -14.41
CA ALA A 309 -23.13 11.13 -15.01
C ALA A 309 -22.65 9.87 -15.72
N ILE A 310 -21.44 9.88 -16.28
CA ILE A 310 -20.99 8.67 -16.96
C ILE A 310 -20.94 7.54 -15.91
N ILE A 311 -20.38 7.86 -14.75
CA ILE A 311 -20.11 6.87 -13.70
C ILE A 311 -21.40 6.49 -12.98
N GLY A 312 -22.14 7.49 -12.53
CA GLY A 312 -23.57 7.29 -12.34
C GLY A 312 -23.95 7.10 -10.88
N HIS A 313 -25.00 6.29 -10.69
CA HIS A 313 -25.57 5.98 -9.39
C HIS A 313 -26.17 4.58 -9.53
N TYR A 314 -26.26 3.84 -8.43
CA TYR A 314 -26.76 2.48 -8.48
C TYR A 314 -27.40 2.15 -7.14
N ASP A 315 -28.40 1.27 -7.17
CA ASP A 315 -29.21 0.84 -6.04
C ASP A 315 -29.72 -0.54 -6.40
N CYS A 316 -29.86 -1.41 -5.39
CA CYS A 316 -30.09 -2.82 -5.68
C CYS A 316 -31.53 -3.05 -6.08
N THR A 317 -32.29 -1.96 -6.26
CA THR A 317 -33.60 -2.11 -6.85
C THR A 317 -33.53 -1.79 -8.34
N TYR A 318 -32.43 -1.18 -8.79
CA TYR A 318 -32.27 -0.74 -10.18
C TYR A 318 -32.38 -1.91 -11.14
N GLY A 319 -33.24 -1.73 -12.15
CA GLY A 319 -33.69 -2.83 -12.98
C GLY A 319 -32.59 -3.28 -13.93
N GLY A 320 -31.74 -2.31 -14.29
CA GLY A 320 -30.74 -2.45 -15.34
C GLY A 320 -29.75 -3.59 -15.10
N GLY A 321 -29.21 -3.66 -13.88
CA GLY A 321 -28.28 -4.73 -13.49
C GLY A 321 -27.04 -4.78 -14.37
N ALA A 322 -26.68 -6.00 -14.82
CA ALA A 322 -25.43 -6.27 -15.54
C ALA A 322 -25.34 -5.48 -16.85
N HIS A 323 -26.50 -5.23 -17.45
CA HIS A 323 -26.60 -4.63 -18.76
C HIS A 323 -26.41 -3.11 -18.68
N LEU A 324 -26.19 -2.58 -17.46
CA LEU A 324 -26.19 -1.15 -17.25
C LEU A 324 -25.05 -0.51 -18.02
N SER A 325 -25.19 0.80 -18.29
CA SER A 325 -24.24 1.51 -19.11
C SER A 325 -22.96 1.78 -18.34
N SER A 326 -23.10 2.25 -17.09
CA SER A 326 -21.94 2.52 -16.26
C SER A 326 -21.21 1.24 -15.92
N PRO A 327 -19.88 1.16 -16.20
CA PRO A 327 -19.09 0.01 -15.76
C PRO A 327 -19.13 -0.16 -14.24
N LEU A 328 -19.12 0.95 -13.49
CA LEU A 328 -19.15 0.82 -12.04
C LEU A 328 -20.41 0.05 -11.65
N ALA A 329 -21.53 0.44 -12.27
CA ALA A 329 -22.83 -0.06 -11.89
C ALA A 329 -23.01 -1.50 -12.35
N SER A 330 -22.58 -1.83 -13.58
CA SER A 330 -22.75 -3.18 -14.10
C SER A 330 -21.94 -4.15 -13.25
N ILE A 331 -20.70 -3.74 -12.95
CA ILE A 331 -19.77 -4.52 -12.15
C ILE A 331 -20.29 -4.62 -10.72
N ALA A 332 -20.86 -3.54 -10.19
CA ALA A 332 -21.35 -3.59 -8.81
C ALA A 332 -22.63 -4.43 -8.71
N ALA A 333 -23.39 -4.50 -9.79
CA ALA A 333 -24.60 -5.30 -9.81
C ALA A 333 -24.22 -6.77 -9.96
N THR A 334 -23.34 -7.02 -10.95
CA THR A 334 -22.88 -8.34 -11.38
C THR A 334 -22.26 -9.07 -10.20
N ASN A 335 -21.45 -8.35 -9.40
CA ASN A 335 -20.64 -8.98 -8.37
C ASN A 335 -21.12 -8.62 -6.97
N LYS A 336 -22.32 -8.05 -6.86
CA LYS A 336 -22.88 -7.78 -5.55
C LYS A 336 -21.87 -7.02 -4.69
N LEU A 337 -21.12 -6.06 -5.27
CA LEU A 337 -20.10 -5.30 -4.57
C LEU A 337 -20.73 -4.33 -3.58
N CYS A 338 -21.96 -3.86 -3.87
CA CYS A 338 -22.59 -2.91 -2.97
C CYS A 338 -24.11 -2.89 -3.14
N GLN A 339 -24.79 -2.26 -2.16
CA GLN A 339 -26.22 -2.02 -2.20
C GLN A 339 -26.47 -0.81 -3.09
N SER A 340 -25.58 0.18 -3.04
CA SER A 340 -25.86 1.48 -3.60
C SER A 340 -24.59 2.32 -3.71
N PHE A 341 -24.65 3.31 -4.58
CA PHE A 341 -23.64 4.34 -4.61
C PHE A 341 -24.19 5.51 -5.42
N GLN A 342 -23.61 6.67 -5.16
CA GLN A 342 -23.84 7.89 -5.91
C GLN A 342 -22.52 8.63 -6.09
N THR A 343 -22.35 9.23 -7.26
CA THR A 343 -21.36 10.26 -7.47
C THR A 343 -22.00 11.57 -7.02
N PHE A 344 -21.21 12.52 -6.54
CA PHE A 344 -21.76 13.83 -6.23
C PHE A 344 -20.74 14.89 -6.64
N ASN A 345 -21.24 16.10 -6.90
CA ASN A 345 -20.37 17.25 -6.95
C ASN A 345 -21.01 18.31 -6.06
N ILE A 346 -20.61 18.34 -4.80
CA ILE A 346 -21.08 19.34 -3.85
C ILE A 346 -20.32 20.64 -4.03
N CYS A 347 -21.11 21.72 -4.17
CA CYS A 347 -20.58 23.01 -4.55
C CYS A 347 -20.70 23.98 -3.39
N TYR A 348 -19.61 24.71 -3.12
CA TYR A 348 -19.60 25.83 -2.21
C TYR A 348 -18.94 27.04 -2.87
N ALA A 349 -18.80 28.13 -2.14
CA ALA A 349 -18.07 29.27 -2.67
C ALA A 349 -16.58 28.93 -2.78
N ASP A 350 -16.10 28.75 -4.02
CA ASP A 350 -14.66 28.68 -4.25
C ASP A 350 -14.06 27.39 -3.69
N THR A 351 -14.88 26.35 -3.46
CA THR A 351 -14.43 25.00 -3.08
C THR A 351 -15.60 24.02 -3.19
N GLY A 352 -15.38 22.74 -2.85
CA GLY A 352 -16.40 21.71 -3.05
C GLY A 352 -15.92 20.29 -2.74
N LEU A 353 -16.86 19.33 -2.77
CA LEU A 353 -16.56 17.92 -2.61
C LEU A 353 -16.97 17.19 -3.88
N LEU A 354 -15.99 16.62 -4.58
CA LEU A 354 -16.25 15.90 -5.80
C LEU A 354 -15.87 14.44 -5.57
N GLY A 355 -16.86 13.55 -5.66
CA GLY A 355 -16.61 12.15 -5.43
C GLY A 355 -17.88 11.30 -5.49
N ALA A 356 -18.08 10.51 -4.43
CA ALA A 356 -18.85 9.29 -4.49
C ALA A 356 -19.08 8.80 -3.06
N HIS A 357 -20.24 8.18 -2.85
CA HIS A 357 -20.53 7.52 -1.59
C HIS A 357 -21.08 6.15 -1.95
N PHE A 358 -20.65 5.12 -1.20
CA PHE A 358 -21.21 3.81 -1.43
C PHE A 358 -21.56 3.19 -0.09
N VAL A 359 -22.55 2.29 -0.13
CA VAL A 359 -22.93 1.46 0.99
C VAL A 359 -22.82 -0.01 0.57
N CYS A 360 -22.17 -0.81 1.40
CA CYS A 360 -21.80 -2.12 0.92
C CYS A 360 -21.53 -3.03 2.09
N ASP A 361 -21.52 -4.32 1.74
CA ASP A 361 -21.23 -5.46 2.60
C ASP A 361 -19.86 -5.26 3.25
N HIS A 362 -19.67 -5.84 4.44
CA HIS A 362 -18.49 -5.50 5.23
C HIS A 362 -17.21 -5.96 4.51
N MET A 363 -17.39 -6.84 3.51
CA MET A 363 -16.31 -7.53 2.81
C MET A 363 -16.11 -7.01 1.39
N SER A 364 -16.86 -5.98 0.98
CA SER A 364 -16.74 -5.54 -0.40
C SER A 364 -16.11 -4.17 -0.49
N ILE A 365 -15.75 -3.57 0.66
CA ILE A 365 -15.33 -2.18 0.69
C ILE A 365 -14.14 -2.03 -0.23
N ASP A 366 -13.12 -2.89 -0.06
CA ASP A 366 -11.95 -2.76 -0.88
C ASP A 366 -12.30 -2.93 -2.35
N ASP A 367 -12.99 -4.01 -2.70
CA ASP A 367 -13.31 -4.23 -4.10
C ASP A 367 -14.05 -3.02 -4.68
N MET A 368 -14.99 -2.45 -3.91
CA MET A 368 -15.77 -1.31 -4.35
C MET A 368 -14.86 -0.14 -4.70
N MET A 369 -13.93 0.15 -3.79
CA MET A 369 -13.06 1.32 -3.84
C MET A 369 -12.19 1.19 -5.07
N PHE A 370 -11.73 -0.03 -5.29
CA PHE A 370 -10.86 -0.32 -6.41
C PHE A 370 -11.57 -0.04 -7.73
N VAL A 371 -12.81 -0.49 -7.88
CA VAL A 371 -13.47 -0.33 -9.16
C VAL A 371 -13.76 1.15 -9.42
N LEU A 372 -14.15 1.85 -8.34
CA LEU A 372 -14.55 3.25 -8.39
C LEU A 372 -13.38 4.12 -8.81
N GLN A 373 -12.24 3.92 -8.15
CA GLN A 373 -11.04 4.68 -8.49
C GLN A 373 -10.64 4.36 -9.91
N GLY A 374 -10.86 3.12 -10.31
CA GLY A 374 -10.52 2.71 -11.65
C GLY A 374 -11.33 3.50 -12.66
N GLN A 375 -12.56 3.84 -12.29
CA GLN A 375 -13.41 4.64 -13.15
C GLN A 375 -12.84 6.04 -13.33
N TRP A 376 -12.54 6.71 -12.20
CA TRP A 376 -11.95 8.04 -12.22
C TRP A 376 -10.70 8.03 -13.08
N MET A 377 -9.86 7.01 -12.88
CA MET A 377 -8.63 6.87 -13.63
C MET A 377 -8.92 6.78 -15.13
N ARG A 378 -9.92 5.98 -15.51
CA ARG A 378 -10.24 5.74 -16.90
C ARG A 378 -10.72 7.03 -17.56
N LEU A 379 -11.51 7.82 -16.83
CA LEU A 379 -12.04 9.06 -17.38
C LEU A 379 -10.92 10.08 -17.56
N CYS A 380 -10.03 10.19 -16.57
CA CYS A 380 -8.89 11.10 -16.63
C CYS A 380 -8.01 10.81 -17.85
N THR A 381 -7.78 9.52 -18.12
CA THR A 381 -6.76 9.15 -19.09
C THR A 381 -7.34 8.84 -20.46
N SER A 382 -8.57 8.33 -20.52
CA SER A 382 -8.93 7.55 -21.70
C SER A 382 -10.42 7.62 -22.08
N ALA A 383 -11.19 8.54 -21.47
CA ALA A 383 -12.62 8.66 -21.70
C ALA A 383 -12.94 8.64 -23.20
N THR A 384 -13.96 7.86 -23.63
CA THR A 384 -14.30 7.69 -25.04
C THR A 384 -15.29 8.76 -25.47
N GLU A 385 -15.37 9.03 -26.79
CA GLU A 385 -16.26 10.06 -27.28
C GLU A 385 -17.70 9.66 -26.94
N SER A 386 -18.00 8.39 -27.20
CA SER A 386 -19.35 7.85 -27.16
C SER A 386 -19.90 8.00 -25.75
N GLU A 387 -19.09 7.63 -24.75
CA GLU A 387 -19.58 7.63 -23.38
C GLU A 387 -19.75 9.06 -22.89
N VAL A 388 -19.01 9.98 -23.50
CA VAL A 388 -19.12 11.37 -23.11
C VAL A 388 -20.44 11.90 -23.65
N LEU A 389 -20.81 11.47 -24.86
CA LEU A 389 -22.07 11.85 -25.47
C LEU A 389 -23.21 11.42 -24.55
N ARG A 390 -23.06 10.21 -24.01
CA ARG A 390 -24.01 9.62 -23.07
C ARG A 390 -24.07 10.47 -21.80
N GLY A 391 -22.91 10.89 -21.29
CA GLY A 391 -22.88 11.67 -20.06
C GLY A 391 -23.57 13.02 -20.28
N LYS A 392 -23.38 13.55 -21.49
CA LYS A 392 -23.98 14.81 -21.89
C LYS A 392 -25.49 14.65 -21.79
N ASN A 393 -25.98 13.56 -22.38
CA ASN A 393 -27.41 13.32 -22.52
C ASN A 393 -28.04 13.13 -21.15
N LEU A 394 -27.28 12.51 -20.24
CA LEU A 394 -27.82 12.26 -18.93
C LEU A 394 -28.05 13.63 -18.27
N LEU A 395 -27.05 14.51 -18.36
CA LEU A 395 -27.08 15.77 -17.66
C LEU A 395 -28.12 16.71 -18.28
N ARG A 396 -28.24 16.63 -19.61
CA ARG A 396 -29.27 17.33 -20.37
C ARG A 396 -30.64 16.99 -19.79
N ASN A 397 -30.97 15.69 -19.79
CA ASN A 397 -32.25 15.19 -19.27
C ASN A 397 -32.45 15.61 -17.82
N ALA A 398 -31.37 15.54 -17.04
CA ALA A 398 -31.44 15.80 -15.61
C ALA A 398 -31.91 17.22 -15.35
N LEU A 399 -31.34 18.16 -16.11
CA LEU A 399 -31.58 19.59 -15.96
C LEU A 399 -32.98 19.97 -16.41
N VAL A 400 -33.39 19.41 -17.56
CA VAL A 400 -34.71 19.67 -18.09
C VAL A 400 -35.75 19.10 -17.13
N SER A 401 -35.62 17.82 -16.78
CA SER A 401 -36.70 17.13 -16.10
C SER A 401 -36.75 17.52 -14.62
N HIS A 402 -35.65 18.07 -14.08
CA HIS A 402 -35.64 18.49 -12.69
C HIS A 402 -36.50 19.75 -12.52
N LEU A 403 -36.37 20.64 -13.51
CA LEU A 403 -37.05 21.93 -13.46
C LEU A 403 -38.48 21.73 -13.96
N ASP A 404 -39.33 21.16 -13.10
CA ASP A 404 -40.67 20.76 -13.50
C ASP A 404 -41.62 20.99 -12.33
N GLY A 405 -42.58 21.91 -12.56
CA GLY A 405 -43.49 22.42 -11.56
C GLY A 405 -42.90 23.63 -10.85
N THR A 406 -43.68 24.24 -9.96
CA THR A 406 -43.35 25.57 -9.49
C THR A 406 -42.24 25.58 -8.44
N THR A 407 -42.18 24.55 -7.59
CA THR A 407 -41.26 24.57 -6.46
C THR A 407 -39.82 24.43 -6.95
N PRO A 408 -39.42 23.37 -7.72
CA PRO A 408 -38.04 23.23 -8.18
C PRO A 408 -37.55 24.50 -8.88
N VAL A 409 -38.46 25.13 -9.65
CA VAL A 409 -38.12 26.28 -10.46
C VAL A 409 -37.93 27.50 -9.57
N CYS A 410 -38.82 27.66 -8.59
CA CYS A 410 -38.66 28.76 -7.64
C CYS A 410 -37.31 28.67 -6.94
N GLU A 411 -36.91 27.45 -6.53
CA GLU A 411 -35.63 27.27 -5.89
C GLU A 411 -34.49 27.62 -6.84
N ASP A 412 -34.61 27.20 -8.10
CA ASP A 412 -33.51 27.38 -9.03
C ASP A 412 -33.22 28.87 -9.16
N ILE A 413 -34.30 29.65 -9.25
CA ILE A 413 -34.24 31.10 -9.32
C ILE A 413 -33.53 31.63 -8.08
N GLY A 414 -34.04 31.24 -6.90
CA GLY A 414 -33.54 31.72 -5.63
C GLY A 414 -32.06 31.41 -5.43
N ARG A 415 -31.70 30.12 -5.54
CA ARG A 415 -30.33 29.71 -5.25
C ARG A 415 -29.41 30.31 -6.30
N SER A 416 -29.84 30.32 -7.57
CA SER A 416 -29.03 30.79 -8.69
C SER A 416 -28.54 32.21 -8.42
N LEU A 417 -29.45 33.06 -7.94
CA LEU A 417 -29.08 34.44 -7.70
C LEU A 417 -28.09 34.56 -6.55
N LEU A 418 -28.01 33.53 -5.70
CA LEU A 418 -27.12 33.57 -4.57
C LEU A 418 -25.75 33.05 -4.97
N THR A 419 -25.72 32.16 -5.97
CA THR A 419 -24.55 31.35 -6.27
C THR A 419 -23.86 31.82 -7.54
N TYR A 420 -24.65 32.15 -8.56
CA TYR A 420 -24.10 32.58 -9.83
C TYR A 420 -24.40 34.07 -10.00
N GLY A 421 -25.14 34.62 -9.06
CA GLY A 421 -25.53 36.02 -9.14
C GLY A 421 -26.55 36.30 -10.24
N ARG A 422 -27.17 35.25 -10.81
CA ARG A 422 -28.17 35.37 -11.87
C ARG A 422 -28.76 34.01 -12.18
N ARG A 423 -29.83 33.99 -12.97
CA ARG A 423 -30.38 32.70 -13.42
C ARG A 423 -29.77 32.34 -14.76
N ILE A 424 -29.44 31.07 -14.90
CA ILE A 424 -28.77 30.65 -16.11
C ILE A 424 -29.82 30.02 -17.01
N PRO A 425 -30.12 30.63 -18.18
CA PRO A 425 -31.10 30.04 -19.11
C PRO A 425 -30.74 28.59 -19.43
N LEU A 426 -31.76 27.74 -19.49
CA LEU A 426 -31.64 26.39 -19.99
C LEU A 426 -30.84 26.35 -21.30
N ALA A 427 -31.09 27.30 -22.20
CA ALA A 427 -30.44 27.20 -23.50
C ALA A 427 -28.94 27.45 -23.37
N GLU A 428 -28.53 28.15 -22.31
CA GLU A 428 -27.11 28.43 -22.06
C GLU A 428 -26.43 27.16 -21.56
N TRP A 429 -27.06 26.53 -20.57
CA TRP A 429 -26.62 25.26 -20.05
C TRP A 429 -26.34 24.29 -21.19
N GLU A 430 -27.26 24.26 -22.16
CA GLU A 430 -27.20 23.32 -23.26
C GLU A 430 -25.98 23.60 -24.13
N SER A 431 -25.71 24.88 -24.37
CA SER A 431 -24.57 25.18 -25.23
C SER A 431 -23.24 24.96 -24.49
N ARG A 432 -23.25 24.95 -23.14
CA ARG A 432 -22.04 24.62 -22.41
C ARG A 432 -21.78 23.12 -22.35
N ILE A 433 -22.87 22.33 -22.31
CA ILE A 433 -22.83 20.87 -22.35
C ILE A 433 -22.38 20.44 -23.75
N ALA A 434 -22.86 21.13 -24.78
CA ALA A 434 -22.58 20.73 -26.15
C ALA A 434 -21.08 20.86 -26.40
N GLU A 435 -20.45 21.81 -25.68
CA GLU A 435 -19.03 22.10 -25.78
C GLU A 435 -18.20 20.91 -25.37
N VAL A 436 -18.67 20.13 -24.38
CA VAL A 436 -17.87 19.08 -23.75
C VAL A 436 -17.65 17.95 -24.75
N ASP A 437 -16.42 17.44 -24.81
CA ASP A 437 -16.15 16.26 -25.60
C ASP A 437 -15.22 15.35 -24.81
N ALA A 438 -14.80 14.26 -25.46
CA ALA A 438 -13.86 13.29 -24.91
C ALA A 438 -12.70 14.01 -24.22
N ARG A 439 -12.03 14.85 -25.02
CA ARG A 439 -10.83 15.57 -24.59
C ARG A 439 -11.13 16.43 -23.37
N VAL A 440 -12.27 17.11 -23.37
CA VAL A 440 -12.61 18.03 -22.29
C VAL A 440 -12.84 17.28 -20.98
N VAL A 441 -13.46 16.10 -21.07
CA VAL A 441 -13.80 15.29 -19.90
C VAL A 441 -12.47 14.79 -19.33
N ARG A 442 -11.59 14.33 -20.22
CA ARG A 442 -10.30 13.80 -19.82
C ARG A 442 -9.57 14.88 -19.04
N GLU A 443 -9.50 16.06 -19.69
CA GLU A 443 -8.66 17.18 -19.30
C GLU A 443 -9.15 17.71 -17.96
N VAL A 444 -10.47 17.82 -17.79
CA VAL A 444 -11.01 18.41 -16.60
C VAL A 444 -10.88 17.45 -15.43
N CYS A 445 -11.19 16.17 -15.70
CA CYS A 445 -11.18 15.15 -14.65
C CYS A 445 -9.77 15.03 -14.09
N SER A 446 -8.77 15.17 -14.97
CA SER A 446 -7.38 15.09 -14.57
C SER A 446 -7.06 16.22 -13.59
N LYS A 447 -7.65 17.39 -13.83
CA LYS A 447 -7.37 18.57 -13.01
C LYS A 447 -7.72 18.25 -11.57
N TYR A 448 -8.80 17.52 -11.34
CA TYR A 448 -9.36 17.43 -10.00
C TYR A 448 -9.03 16.10 -9.33
N PHE A 449 -8.94 15.03 -10.14
CA PHE A 449 -8.81 13.67 -9.66
C PHE A 449 -7.37 13.18 -9.77
N TYR A 450 -6.82 13.16 -11.00
CA TYR A 450 -5.56 12.50 -11.29
C TYR A 450 -4.44 13.04 -10.39
N ASP A 451 -3.89 12.13 -9.59
CA ASP A 451 -2.83 12.40 -8.64
C ASP A 451 -3.14 13.56 -7.71
N GLN A 452 -4.38 13.61 -7.19
CA GLN A 452 -4.76 14.53 -6.12
C GLN A 452 -5.12 13.76 -4.83
N CYS A 453 -5.06 14.39 -3.65
CA CYS A 453 -5.30 13.68 -2.39
C CYS A 453 -6.78 13.74 -1.98
N PRO A 454 -7.50 12.61 -1.89
CA PRO A 454 -8.90 12.64 -1.46
C PRO A 454 -9.11 12.76 0.06
N ALA A 455 -10.33 13.17 0.44
CA ALA A 455 -10.81 13.10 1.82
C ALA A 455 -11.75 11.92 1.93
N VAL A 456 -11.61 11.17 3.04
CA VAL A 456 -12.25 9.87 3.15
C VAL A 456 -13.00 9.77 4.48
N ALA A 457 -14.22 9.25 4.40
CA ALA A 457 -15.01 9.00 5.59
C ALA A 457 -15.70 7.65 5.46
N GLY A 458 -15.52 6.84 6.51
CA GLY A 458 -16.28 5.61 6.64
C GLY A 458 -16.92 5.47 8.04
N PHE A 459 -18.08 4.82 8.06
CA PHE A 459 -18.66 4.44 9.33
C PHE A 459 -19.20 3.02 9.23
N GLY A 460 -19.07 2.27 10.32
CA GLY A 460 -19.66 0.94 10.39
C GLY A 460 -18.61 -0.16 10.46
N PRO A 461 -18.94 -1.35 9.90
CA PRO A 461 -18.01 -2.49 9.89
C PRO A 461 -17.01 -2.26 8.76
N ILE A 462 -16.12 -1.30 8.98
CA ILE A 462 -15.28 -0.77 7.92
C ILE A 462 -13.89 -1.35 8.09
N GLU A 463 -13.83 -2.56 8.63
CA GLU A 463 -12.54 -3.13 8.95
C GLU A 463 -11.70 -3.23 7.68
N GLN A 464 -12.37 -3.37 6.53
CA GLN A 464 -11.65 -3.66 5.30
C GLN A 464 -11.42 -2.40 4.46
N LEU A 465 -11.89 -1.23 4.92
CA LEU A 465 -11.80 0.01 4.16
C LEU A 465 -10.34 0.34 3.82
N PRO A 466 -9.92 0.41 2.54
CA PRO A 466 -8.48 0.51 2.22
C PRO A 466 -7.77 1.58 3.04
N ASP A 467 -6.58 1.23 3.49
CA ASP A 467 -5.67 2.15 4.15
C ASP A 467 -5.51 3.41 3.28
N TYR A 468 -5.31 4.57 3.92
CA TYR A 468 -5.32 5.85 3.22
C TYR A 468 -4.26 5.89 2.13
N ASN A 469 -3.06 5.40 2.44
CA ASN A 469 -1.98 5.33 1.48
C ASN A 469 -2.40 4.52 0.25
N ARG A 470 -3.11 3.41 0.44
CA ARG A 470 -3.47 2.58 -0.68
C ARG A 470 -4.49 3.33 -1.54
N ILE A 471 -5.35 4.10 -0.87
CA ILE A 471 -6.37 4.90 -1.52
C ILE A 471 -5.67 5.95 -2.38
N ARG A 472 -4.61 6.56 -1.85
CA ARG A 472 -3.97 7.66 -2.52
C ARG A 472 -3.18 7.13 -3.72
N SER A 473 -2.65 5.91 -3.64
CA SER A 473 -1.90 5.35 -4.76
C SER A 473 -2.87 4.95 -5.86
N GLY A 474 -4.16 5.03 -5.55
CA GLY A 474 -5.19 4.59 -6.47
C GLY A 474 -5.69 5.75 -7.32
N MET A 475 -5.16 6.94 -7.01
CA MET A 475 -5.49 8.19 -7.67
C MET A 475 -4.54 8.47 -8.84
N PHE A 476 -3.60 7.55 -9.08
CA PHE A 476 -2.86 7.59 -10.33
C PHE A 476 -2.65 6.17 -10.86
N TRP A 477 -2.07 6.11 -12.07
CA TRP A 477 -1.76 4.89 -12.78
C TRP A 477 -0.31 4.94 -13.25
N LEU A 478 0.47 3.93 -12.88
CA LEU A 478 1.83 3.77 -13.33
C LEU A 478 1.94 3.67 -14.86
N ARG A 479 0.88 3.21 -15.54
CA ARG A 479 0.95 2.96 -16.97
C ARG A 479 0.87 4.23 -17.82
N PHE A 480 0.35 5.32 -17.24
CA PHE A 480 0.09 6.56 -17.96
C PHE A 480 1.31 7.49 -17.83
N GLN B 36 -51.82 24.00 -27.21
CA GLN B 36 -51.82 24.21 -25.74
C GLN B 36 -53.15 23.73 -25.16
N ASP B 37 -53.84 22.84 -25.88
CA ASP B 37 -55.02 22.16 -25.36
C ASP B 37 -54.85 20.64 -25.37
N LEU B 38 -55.43 19.98 -24.37
CA LEU B 38 -55.39 18.53 -24.34
C LEU B 38 -56.24 18.00 -25.48
N GLU B 39 -55.65 17.14 -26.32
CA GLU B 39 -56.44 16.47 -27.34
C GLU B 39 -56.74 15.05 -26.86
N PHE B 40 -57.98 14.61 -27.03
CA PHE B 40 -58.38 13.29 -26.59
C PHE B 40 -59.20 12.62 -27.70
N THR B 41 -58.90 11.35 -27.94
CA THR B 41 -59.63 10.51 -28.89
C THR B 41 -59.81 9.12 -28.27
N ARG B 42 -60.88 8.42 -28.68
CA ARG B 42 -61.03 6.99 -28.41
C ARG B 42 -61.12 6.26 -29.75
N LEU B 43 -60.38 5.15 -29.89
CA LEU B 43 -60.44 4.35 -31.10
C LEU B 43 -61.76 3.58 -31.13
N PRO B 44 -62.14 2.96 -32.28
CA PRO B 44 -63.25 2.02 -32.27
C PRO B 44 -63.02 0.96 -31.19
N ASN B 45 -61.78 0.45 -31.09
CA ASN B 45 -61.50 -0.73 -30.28
C ASN B 45 -61.37 -0.42 -28.79
N GLY B 46 -61.58 0.85 -28.39
CA GLY B 46 -61.77 1.24 -26.99
C GLY B 46 -60.58 1.98 -26.38
N LEU B 47 -59.42 1.91 -27.07
CA LEU B 47 -58.18 2.50 -26.61
C LEU B 47 -58.32 4.02 -26.60
N VAL B 48 -58.18 4.63 -25.43
CA VAL B 48 -58.14 6.09 -25.28
C VAL B 48 -56.73 6.61 -25.59
N ILE B 49 -56.66 7.79 -26.23
CA ILE B 49 -55.42 8.52 -26.50
C ILE B 49 -55.60 9.96 -26.08
N ALA B 50 -54.72 10.44 -25.20
CA ALA B 50 -54.69 11.83 -24.82
C ALA B 50 -53.27 12.37 -24.99
N SER B 51 -53.20 13.58 -25.53
CA SER B 51 -51.93 14.25 -25.77
C SER B 51 -52.12 15.73 -25.49
N LEU B 52 -50.99 16.45 -25.56
CA LEU B 52 -50.91 17.87 -25.31
C LEU B 52 -49.55 18.29 -25.81
N GLU B 53 -49.53 19.04 -26.91
CA GLU B 53 -48.30 19.62 -27.41
C GLU B 53 -48.00 20.90 -26.63
N ASN B 54 -47.12 20.81 -25.63
CA ASN B 54 -46.75 21.99 -24.86
C ASN B 54 -45.38 22.49 -25.32
N TYR B 55 -44.85 21.83 -26.35
CA TYR B 55 -43.64 22.30 -27.02
C TYR B 55 -42.56 22.52 -25.97
N ALA B 56 -42.47 21.58 -25.02
CA ALA B 56 -41.45 21.62 -23.99
C ALA B 56 -40.23 20.85 -24.48
N PRO B 57 -39.04 20.97 -23.83
CA PRO B 57 -37.85 20.29 -24.36
C PRO B 57 -37.90 18.78 -24.11
N ALA B 58 -38.72 18.40 -23.13
CA ALA B 58 -38.87 17.01 -22.69
C ALA B 58 -40.25 16.46 -23.08
N SER B 59 -40.25 15.19 -23.55
CA SER B 59 -41.46 14.46 -23.90
C SER B 59 -41.64 13.26 -22.97
N ARG B 60 -42.90 12.93 -22.68
CA ARG B 60 -43.22 11.96 -21.64
C ARG B 60 -44.48 11.19 -22.04
N ILE B 61 -44.35 9.88 -22.22
CA ILE B 61 -45.44 9.07 -22.71
C ILE B 61 -45.77 7.99 -21.67
N GLY B 62 -47.07 7.83 -21.39
CA GLY B 62 -47.52 6.77 -20.50
C GLY B 62 -48.49 5.83 -21.22
N LEU B 63 -48.29 4.52 -21.01
CA LEU B 63 -49.27 3.54 -21.42
C LEU B 63 -49.88 2.92 -20.16
N PHE B 64 -51.14 3.29 -19.89
CA PHE B 64 -51.85 2.93 -18.68
C PHE B 64 -52.76 1.75 -19.01
N ILE B 65 -52.92 0.86 -18.04
CA ILE B 65 -53.47 -0.45 -18.31
C ILE B 65 -54.27 -0.87 -17.09
N LYS B 66 -55.50 -1.33 -17.33
CA LYS B 66 -56.30 -1.93 -16.28
C LYS B 66 -55.66 -3.30 -16.02
N ALA B 67 -54.59 -3.33 -15.18
CA ALA B 67 -53.81 -4.54 -14.97
C ALA B 67 -53.16 -4.62 -13.59
N GLY B 68 -53.70 -3.87 -12.61
CA GLY B 68 -53.22 -3.85 -11.24
C GLY B 68 -53.46 -5.18 -10.51
N SER B 69 -53.14 -5.17 -9.22
CA SER B 69 -53.05 -6.40 -8.44
C SER B 69 -54.43 -7.01 -8.25
N ARG B 70 -55.48 -6.17 -8.38
CA ARG B 70 -56.84 -6.63 -8.22
C ARG B 70 -57.14 -7.75 -9.20
N TYR B 71 -56.42 -7.80 -10.34
CA TYR B 71 -56.73 -8.73 -11.41
C TYR B 71 -55.99 -10.06 -11.24
N GLU B 72 -55.27 -10.20 -10.14
CA GLU B 72 -54.72 -11.51 -9.84
C GLU B 72 -55.80 -12.32 -9.14
N ASN B 73 -55.82 -13.65 -9.37
CA ASN B 73 -56.64 -14.56 -8.57
C ASN B 73 -55.74 -15.33 -7.60
N SER B 74 -56.34 -16.22 -6.80
CA SER B 74 -55.60 -16.88 -5.75
C SER B 74 -54.51 -17.79 -6.31
N ASN B 75 -54.49 -17.97 -7.64
CA ASN B 75 -53.58 -18.90 -8.31
C ASN B 75 -52.36 -18.23 -8.91
N ASN B 76 -52.42 -16.93 -9.20
CA ASN B 76 -51.29 -16.27 -9.82
C ASN B 76 -50.85 -15.08 -8.99
N LEU B 77 -51.07 -15.14 -7.67
CA LEU B 77 -50.69 -14.06 -6.77
C LEU B 77 -49.23 -13.72 -6.96
N GLY B 78 -48.97 -12.42 -7.09
CA GLY B 78 -47.61 -11.94 -7.20
C GLY B 78 -47.18 -11.75 -8.65
N THR B 79 -48.02 -12.17 -9.61
CA THR B 79 -47.56 -12.16 -10.99
C THR B 79 -47.38 -10.72 -11.47
N SER B 80 -48.31 -9.84 -11.12
CA SER B 80 -48.23 -8.48 -11.59
C SER B 80 -47.04 -7.81 -10.91
N HIS B 81 -46.60 -8.35 -9.76
CA HIS B 81 -45.45 -7.76 -9.11
C HIS B 81 -44.24 -8.08 -9.96
N LEU B 82 -44.12 -9.36 -10.33
CA LEU B 82 -42.97 -9.78 -11.11
C LEU B 82 -42.96 -8.98 -12.40
N LEU B 83 -44.15 -8.79 -12.96
CA LEU B 83 -44.35 -8.14 -14.26
C LEU B 83 -43.86 -6.69 -14.23
N ARG B 84 -44.03 -6.04 -13.07
CA ARG B 84 -43.54 -4.69 -12.81
C ARG B 84 -42.01 -4.68 -12.82
N LEU B 85 -41.41 -5.73 -12.25
CA LEU B 85 -39.97 -5.81 -12.09
C LEU B 85 -39.29 -6.22 -13.40
N ALA B 86 -40.07 -6.58 -14.42
CA ALA B 86 -39.57 -7.39 -15.51
C ALA B 86 -39.34 -6.61 -16.80
N SER B 87 -39.45 -5.27 -16.75
CA SER B 87 -39.69 -4.46 -17.95
C SER B 87 -38.50 -4.40 -18.90
N SER B 88 -37.32 -4.79 -18.40
CA SER B 88 -36.14 -4.79 -19.25
C SER B 88 -35.70 -6.21 -19.60
N LEU B 89 -36.58 -7.22 -19.41
CA LEU B 89 -36.32 -8.54 -19.97
C LEU B 89 -36.46 -8.47 -21.48
N THR B 90 -35.91 -9.47 -22.17
CA THR B 90 -35.89 -9.47 -23.63
C THR B 90 -37.32 -9.48 -24.16
N THR B 91 -37.54 -8.66 -25.20
CA THR B 91 -38.77 -8.56 -25.97
C THR B 91 -38.53 -9.10 -27.37
N LYS B 92 -39.61 -9.25 -28.15
CA LYS B 92 -39.49 -9.63 -29.55
C LYS B 92 -38.60 -8.63 -30.30
N GLY B 93 -38.69 -7.34 -29.95
CA GLY B 93 -38.15 -6.30 -30.80
C GLY B 93 -36.76 -5.87 -30.38
N ALA B 94 -36.46 -6.02 -29.09
CA ALA B 94 -35.18 -5.56 -28.56
C ALA B 94 -34.74 -6.45 -27.42
N SER B 95 -33.43 -6.74 -27.40
CA SER B 95 -32.81 -7.55 -26.36
C SER B 95 -32.86 -6.84 -25.01
N SER B 96 -32.57 -7.62 -23.97
CA SER B 96 -32.56 -7.09 -22.63
C SER B 96 -31.45 -6.06 -22.57
N PHE B 97 -30.40 -6.38 -23.31
CA PHE B 97 -29.24 -5.51 -23.39
C PHE B 97 -29.61 -4.19 -24.08
N LYS B 98 -30.29 -4.27 -25.23
CA LYS B 98 -30.69 -3.14 -26.07
C LYS B 98 -31.65 -2.22 -25.31
N ILE B 99 -32.58 -2.77 -24.53
CA ILE B 99 -33.47 -1.86 -23.83
C ILE B 99 -32.63 -0.96 -22.92
N THR B 100 -31.71 -1.56 -22.17
CA THR B 100 -31.05 -0.82 -21.11
C THR B 100 -30.08 0.18 -21.72
N ARG B 101 -29.34 -0.27 -22.74
CA ARG B 101 -28.27 0.53 -23.30
C ARG B 101 -28.87 1.64 -24.15
N GLY B 102 -29.89 1.26 -24.92
CA GLY B 102 -30.55 2.19 -25.82
C GLY B 102 -31.17 3.35 -25.04
N ILE B 103 -31.81 3.06 -23.89
CA ILE B 103 -32.52 4.10 -23.17
C ILE B 103 -31.49 4.97 -22.47
N GLU B 104 -30.43 4.33 -22.00
CA GLU B 104 -29.45 5.10 -21.23
C GLU B 104 -28.67 6.01 -22.19
N ALA B 105 -28.47 5.57 -23.44
CA ALA B 105 -27.75 6.29 -24.48
C ALA B 105 -28.21 7.74 -24.54
N VAL B 106 -29.51 7.94 -24.40
CA VAL B 106 -30.12 9.21 -24.74
C VAL B 106 -30.62 9.88 -23.47
N GLY B 107 -30.16 9.41 -22.31
CA GLY B 107 -30.50 10.07 -21.05
C GLY B 107 -31.89 9.69 -20.56
N GLY B 108 -32.32 8.47 -20.92
CA GLY B 108 -33.72 8.07 -20.87
C GLY B 108 -34.23 7.74 -19.47
N LYS B 109 -35.49 7.32 -19.37
CA LYS B 109 -36.03 6.73 -18.17
C LYS B 109 -37.21 5.86 -18.60
N LEU B 110 -37.20 4.59 -18.20
CA LEU B 110 -38.36 3.74 -18.37
C LEU B 110 -38.70 3.22 -17.00
N SER B 111 -40.00 3.23 -16.69
CA SER B 111 -40.48 3.09 -15.32
C SER B 111 -41.90 2.53 -15.32
N VAL B 112 -42.26 1.84 -14.23
CA VAL B 112 -43.47 1.05 -14.18
C VAL B 112 -44.10 1.24 -12.81
N THR B 113 -45.38 1.67 -12.80
CA THR B 113 -46.13 1.85 -11.58
C THR B 113 -47.36 0.96 -11.52
N SER B 114 -47.64 0.44 -10.32
CA SER B 114 -48.83 -0.34 -10.05
C SER B 114 -49.62 0.29 -8.89
N THR B 115 -50.95 0.31 -9.01
CA THR B 115 -51.82 0.36 -7.85
C THR B 115 -52.61 -0.94 -7.82
N ARG B 116 -53.63 -0.94 -6.98
CA ARG B 116 -54.54 -2.08 -6.96
C ARG B 116 -55.25 -2.22 -8.31
N GLU B 117 -55.43 -1.12 -9.04
CA GLU B 117 -56.33 -1.20 -10.19
C GLU B 117 -55.60 -1.02 -11.52
N ASN B 118 -54.52 -0.26 -11.52
CA ASN B 118 -53.86 0.02 -12.78
C ASN B 118 -52.38 -0.34 -12.71
N MET B 119 -51.78 -0.53 -13.90
CA MET B 119 -50.35 -0.44 -14.13
C MET B 119 -50.06 0.64 -15.20
N ALA B 120 -48.89 1.30 -15.10
CA ALA B 120 -48.53 2.41 -15.96
C ALA B 120 -47.04 2.40 -16.35
N TYR B 121 -46.78 2.26 -17.66
CA TYR B 121 -45.44 2.22 -18.23
C TYR B 121 -45.09 3.62 -18.78
N THR B 122 -44.09 4.30 -18.18
CA THR B 122 -43.77 5.69 -18.52
C THR B 122 -42.37 5.82 -19.08
N VAL B 123 -42.24 6.58 -20.17
CA VAL B 123 -40.94 6.90 -20.76
C VAL B 123 -40.80 8.42 -20.82
N GLU B 124 -39.66 8.93 -20.34
CA GLU B 124 -39.30 10.34 -20.40
C GLU B 124 -38.04 10.42 -21.27
N CYS B 125 -37.83 11.53 -21.98
CA CYS B 125 -36.57 11.76 -22.65
C CYS B 125 -36.53 13.17 -23.21
N LEU B 126 -35.47 13.47 -23.97
CA LEU B 126 -35.49 14.70 -24.73
C LEU B 126 -36.35 14.47 -25.97
N ARG B 127 -37.01 15.54 -26.44
CA ARG B 127 -38.12 15.43 -27.37
C ARG B 127 -37.69 14.79 -28.69
N ASP B 128 -36.39 14.90 -29.02
CA ASP B 128 -35.86 14.43 -30.28
C ASP B 128 -35.80 12.91 -30.37
N ASP B 129 -35.97 12.24 -29.22
CA ASP B 129 -35.71 10.82 -29.16
C ASP B 129 -36.94 10.04 -28.72
N VAL B 130 -38.14 10.65 -28.75
CA VAL B 130 -39.33 9.94 -28.31
C VAL B 130 -39.54 8.73 -29.20
N ASP B 131 -39.13 8.86 -30.46
CA ASP B 131 -39.20 7.78 -31.43
C ASP B 131 -38.55 6.52 -30.86
N ILE B 132 -37.39 6.69 -30.22
CA ILE B 132 -36.61 5.56 -29.79
C ILE B 132 -37.27 4.94 -28.57
N LEU B 133 -37.82 5.78 -27.69
CA LEU B 133 -38.43 5.34 -26.45
C LEU B 133 -39.80 4.74 -26.68
N MET B 134 -40.54 5.26 -27.68
CA MET B 134 -41.84 4.71 -28.00
C MET B 134 -41.63 3.27 -28.46
N GLU B 135 -40.60 3.11 -29.29
CA GLU B 135 -40.18 1.80 -29.77
C GLU B 135 -39.99 0.87 -28.58
N PHE B 136 -39.37 1.38 -27.52
CA PHE B 136 -39.09 0.55 -26.35
C PHE B 136 -40.40 0.27 -25.61
N LEU B 137 -41.17 1.33 -25.36
CA LEU B 137 -42.41 1.18 -24.63
C LEU B 137 -43.32 0.14 -25.29
N LEU B 138 -43.41 0.19 -26.62
CA LEU B 138 -44.29 -0.70 -27.37
C LEU B 138 -43.79 -2.14 -27.29
N ASN B 139 -42.46 -2.30 -27.30
CA ASN B 139 -41.85 -3.61 -27.21
C ASN B 139 -42.23 -4.27 -25.88
N VAL B 140 -42.06 -3.52 -24.79
CA VAL B 140 -42.11 -4.09 -23.46
C VAL B 140 -43.55 -4.48 -23.17
N THR B 141 -44.50 -3.72 -23.70
CA THR B 141 -45.90 -3.93 -23.36
C THR B 141 -46.59 -4.81 -24.41
N THR B 142 -46.13 -4.74 -25.66
CA THR B 142 -46.77 -5.40 -26.79
C THR B 142 -46.18 -6.78 -27.02
N ALA B 143 -44.84 -6.93 -26.96
CA ALA B 143 -44.27 -8.24 -27.23
C ALA B 143 -43.10 -8.64 -26.31
N PRO B 144 -43.28 -8.77 -24.97
CA PRO B 144 -42.23 -9.34 -24.11
C PRO B 144 -42.13 -10.82 -24.45
N GLU B 145 -40.96 -11.42 -24.25
CA GLU B 145 -40.80 -12.86 -24.47
C GLU B 145 -40.82 -13.61 -23.14
N PHE B 146 -40.38 -12.96 -22.05
CA PHE B 146 -40.40 -13.59 -20.74
C PHE B 146 -39.70 -14.95 -20.84
N ARG B 147 -38.45 -14.94 -21.32
CA ARG B 147 -37.72 -16.18 -21.55
C ARG B 147 -37.57 -16.89 -20.22
N ARG B 148 -37.53 -18.23 -20.28
CA ARG B 148 -37.45 -19.00 -19.05
C ARG B 148 -36.28 -18.54 -18.21
N TRP B 149 -35.11 -18.35 -18.83
CA TRP B 149 -33.91 -18.17 -18.03
C TRP B 149 -33.87 -16.79 -17.40
N GLU B 150 -34.44 -15.82 -18.11
CA GLU B 150 -34.44 -14.45 -17.62
C GLU B 150 -35.41 -14.32 -16.45
N VAL B 151 -36.55 -15.01 -16.58
CA VAL B 151 -37.61 -14.94 -15.59
C VAL B 151 -37.12 -15.64 -14.32
N ALA B 152 -36.57 -16.84 -14.50
CA ALA B 152 -35.90 -17.56 -13.43
C ALA B 152 -34.93 -16.64 -12.70
N ALA B 153 -34.18 -15.87 -13.49
CA ALA B 153 -33.08 -15.10 -12.96
C ALA B 153 -33.61 -13.90 -12.18
N LEU B 154 -34.78 -13.42 -12.56
CA LEU B 154 -35.29 -12.19 -11.97
C LEU B 154 -35.96 -12.46 -10.62
N GLN B 155 -36.21 -13.74 -10.32
CA GLN B 155 -37.05 -14.17 -9.20
C GLN B 155 -36.59 -13.57 -7.88
N PRO B 156 -35.28 -13.61 -7.55
CA PRO B 156 -34.83 -13.11 -6.24
C PRO B 156 -35.06 -11.61 -6.09
N GLN B 157 -35.21 -10.90 -7.22
CA GLN B 157 -35.48 -9.48 -7.17
C GLN B 157 -36.81 -9.25 -6.47
N LEU B 158 -37.75 -10.20 -6.64
CA LEU B 158 -39.04 -10.11 -5.98
C LEU B 158 -38.82 -9.87 -4.49
N ARG B 159 -37.90 -10.66 -3.91
CA ARG B 159 -37.63 -10.64 -2.49
C ARG B 159 -36.95 -9.34 -2.07
N ILE B 160 -36.03 -8.86 -2.91
CA ILE B 160 -35.31 -7.61 -2.67
C ILE B 160 -36.29 -6.45 -2.66
N ASP B 161 -37.02 -6.30 -3.79
CA ASP B 161 -37.94 -5.19 -3.98
C ASP B 161 -38.96 -5.21 -2.83
N LYS B 162 -39.48 -6.41 -2.51
CA LYS B 162 -40.45 -6.57 -1.43
C LYS B 162 -39.83 -6.15 -0.10
N ALA B 163 -38.61 -6.63 0.16
CA ALA B 163 -37.98 -6.46 1.45
C ALA B 163 -37.76 -4.98 1.76
N VAL B 164 -37.36 -4.26 0.70
CA VAL B 164 -37.09 -2.84 0.77
C VAL B 164 -38.41 -2.14 1.05
N ALA B 165 -39.45 -2.51 0.30
CA ALA B 165 -40.75 -1.88 0.42
C ALA B 165 -41.28 -1.96 1.86
N LEU B 166 -41.16 -3.15 2.46
CA LEU B 166 -41.71 -3.44 3.78
C LEU B 166 -40.90 -2.77 4.87
N GLN B 167 -39.84 -2.08 4.46
CA GLN B 167 -39.14 -1.26 5.41
C GLN B 167 -40.02 -0.11 5.90
N ASN B 168 -40.81 0.47 5.01
N ASN B 168 -40.80 0.52 5.02
CA ASN B 168 -41.74 1.53 5.39
CA ASN B 168 -41.70 1.58 5.44
C ASN B 168 -42.93 0.88 6.07
C ASN B 168 -42.93 0.93 6.07
N PRO B 169 -43.13 1.01 7.42
CA PRO B 169 -44.15 0.24 8.11
C PRO B 169 -45.56 0.62 7.68
N GLN B 170 -45.72 1.75 7.00
CA GLN B 170 -47.01 2.10 6.43
C GLN B 170 -47.46 0.96 5.51
N ALA B 171 -46.54 0.44 4.69
CA ALA B 171 -46.85 -0.66 3.77
C ALA B 171 -47.38 -1.89 4.49
N HIS B 172 -46.80 -2.25 5.65
CA HIS B 172 -47.36 -3.34 6.44
C HIS B 172 -48.86 -3.09 6.59
N VAL B 173 -49.19 -2.13 7.46
CA VAL B 173 -50.54 -1.75 7.82
C VAL B 173 -51.46 -1.66 6.59
N ILE B 174 -51.02 -0.96 5.52
CA ILE B 174 -51.95 -0.66 4.44
C ILE B 174 -52.25 -1.91 3.62
N GLU B 175 -51.27 -2.81 3.52
CA GLU B 175 -51.50 -3.98 2.69
C GLU B 175 -52.39 -4.95 3.47
N ASN B 176 -52.12 -5.09 4.77
CA ASN B 176 -52.97 -5.89 5.63
C ASN B 176 -54.39 -5.32 5.61
N LEU B 177 -54.49 -3.98 5.69
CA LEU B 177 -55.77 -3.29 5.81
C LEU B 177 -56.66 -3.75 4.67
N HIS B 178 -56.11 -3.67 3.45
CA HIS B 178 -56.84 -4.06 2.26
C HIS B 178 -57.28 -5.52 2.37
N ALA B 179 -56.40 -6.36 2.93
CA ALA B 179 -56.63 -7.81 3.04
C ALA B 179 -57.73 -8.09 4.05
N ALA B 180 -57.75 -7.30 5.13
CA ALA B 180 -58.75 -7.38 6.18
C ALA B 180 -60.12 -6.95 5.64
N ALA B 181 -60.12 -5.86 4.86
CA ALA B 181 -61.32 -5.19 4.40
C ALA B 181 -62.05 -5.99 3.33
N TYR B 182 -61.31 -6.53 2.35
CA TYR B 182 -61.96 -7.21 1.25
C TYR B 182 -61.73 -8.72 1.28
N ARG B 183 -62.49 -9.42 0.42
CA ARG B 183 -62.35 -10.85 0.32
C ARG B 183 -61.74 -11.24 -1.03
N ASN B 184 -61.62 -10.30 -1.98
CA ASN B 184 -61.26 -10.69 -3.34
C ASN B 184 -60.16 -9.82 -3.94
N ALA B 185 -60.51 -8.75 -4.67
CA ALA B 185 -59.51 -8.22 -5.59
C ALA B 185 -58.67 -7.15 -4.91
N LEU B 186 -59.35 -6.09 -4.47
CA LEU B 186 -58.70 -5.02 -3.75
C LEU B 186 -58.01 -5.58 -2.50
N ALA B 187 -58.30 -6.84 -2.18
CA ALA B 187 -57.63 -7.50 -1.07
C ALA B 187 -56.16 -7.78 -1.38
N ASN B 188 -55.85 -8.03 -2.66
CA ASN B 188 -54.51 -8.44 -3.07
C ASN B 188 -53.50 -7.37 -2.73
N SER B 189 -52.34 -7.79 -2.20
CA SER B 189 -51.21 -6.90 -2.02
C SER B 189 -50.48 -6.73 -3.34
N LEU B 190 -49.78 -5.60 -3.48
CA LEU B 190 -49.06 -5.20 -4.68
C LEU B 190 -47.72 -5.92 -4.76
N TYR B 191 -47.28 -6.42 -3.60
CA TYR B 191 -46.03 -7.14 -3.50
C TYR B 191 -46.31 -8.63 -3.27
N CYS B 192 -45.71 -9.44 -4.15
CA CYS B 192 -45.81 -10.88 -4.19
C CYS B 192 -45.74 -11.44 -2.77
N PRO B 193 -46.59 -12.43 -2.42
CA PRO B 193 -46.50 -13.11 -1.13
C PRO B 193 -45.32 -14.08 -1.12
N ASP B 194 -44.75 -14.32 0.08
CA ASP B 194 -43.47 -15.00 0.17
C ASP B 194 -43.55 -16.34 -0.54
N TYR B 195 -44.67 -17.04 -0.32
CA TYR B 195 -44.72 -18.42 -0.74
C TYR B 195 -44.60 -18.52 -2.26
N ARG B 196 -44.62 -17.38 -2.95
CA ARG B 196 -44.71 -17.38 -4.40
C ARG B 196 -43.40 -16.93 -5.04
N ILE B 197 -42.50 -16.39 -4.20
CA ILE B 197 -41.21 -15.91 -4.68
C ILE B 197 -40.33 -17.12 -5.05
N GLY B 198 -40.03 -17.19 -6.34
CA GLY B 198 -39.31 -18.31 -6.89
C GLY B 198 -40.23 -19.06 -7.83
N LYS B 199 -41.53 -18.81 -7.70
CA LYS B 199 -42.53 -19.76 -8.21
C LYS B 199 -43.49 -19.15 -9.25
N VAL B 200 -43.34 -17.85 -9.58
CA VAL B 200 -44.03 -17.23 -10.70
C VAL B 200 -43.40 -17.72 -12.00
N THR B 201 -44.23 -18.14 -12.98
CA THR B 201 -43.71 -18.83 -14.14
C THR B 201 -43.76 -17.92 -15.37
N PRO B 202 -42.98 -18.23 -16.43
CA PRO B 202 -43.12 -17.59 -17.73
C PRO B 202 -44.57 -17.63 -18.23
N VAL B 203 -45.16 -18.82 -18.15
CA VAL B 203 -46.53 -18.99 -18.64
C VAL B 203 -47.45 -18.00 -17.96
N GLU B 204 -47.23 -17.75 -16.65
CA GLU B 204 -48.12 -16.92 -15.87
C GLU B 204 -47.98 -15.45 -16.24
N LEU B 205 -46.73 -15.06 -16.49
CA LEU B 205 -46.43 -13.73 -16.96
C LEU B 205 -47.13 -13.53 -18.28
N HIS B 206 -46.99 -14.52 -19.18
CA HIS B 206 -47.59 -14.41 -20.49
C HIS B 206 -49.10 -14.23 -20.36
N ASP B 207 -49.74 -15.10 -19.58
CA ASP B 207 -51.19 -15.07 -19.43
C ASP B 207 -51.62 -13.68 -18.96
N TYR B 208 -50.90 -13.16 -17.96
CA TYR B 208 -51.29 -11.91 -17.33
C TYR B 208 -51.30 -10.77 -18.36
N VAL B 209 -50.32 -10.79 -19.29
CA VAL B 209 -50.14 -9.74 -20.27
C VAL B 209 -51.18 -9.90 -21.37
N GLN B 210 -51.29 -11.14 -21.85
CA GLN B 210 -52.17 -11.45 -22.96
C GLN B 210 -53.63 -11.17 -22.55
N ASN B 211 -53.96 -11.39 -21.27
CA ASN B 211 -55.33 -11.32 -20.77
C ASN B 211 -55.72 -9.91 -20.34
N HIS B 212 -54.73 -9.05 -20.04
CA HIS B 212 -55.05 -7.79 -19.41
C HIS B 212 -54.49 -6.58 -20.15
N PHE B 213 -53.52 -6.80 -21.04
CA PHE B 213 -52.97 -5.73 -21.87
C PHE B 213 -53.70 -5.76 -23.20
N THR B 214 -54.96 -5.31 -23.22
CA THR B 214 -55.78 -5.33 -24.42
C THR B 214 -56.24 -3.91 -24.75
N SER B 215 -56.50 -3.65 -26.04
CA SER B 215 -56.72 -2.29 -26.55
C SER B 215 -57.80 -1.61 -25.73
N ALA B 216 -58.78 -2.43 -25.36
CA ALA B 216 -59.95 -2.08 -24.61
C ALA B 216 -59.60 -1.52 -23.24
N ARG B 217 -58.44 -1.89 -22.70
CA ARG B 217 -58.14 -1.63 -21.30
C ARG B 217 -56.86 -0.81 -21.18
N MET B 218 -56.62 0.01 -22.20
CA MET B 218 -55.42 0.82 -22.19
C MET B 218 -55.74 2.28 -22.50
N ALA B 219 -54.85 3.18 -22.02
CA ALA B 219 -54.88 4.60 -22.30
C ALA B 219 -53.46 5.06 -22.61
N LEU B 220 -53.27 5.68 -23.79
CA LEU B 220 -51.96 6.10 -24.24
C LEU B 220 -51.85 7.63 -24.13
N ILE B 221 -51.18 8.09 -23.08
CA ILE B 221 -51.16 9.50 -22.71
C ILE B 221 -49.82 10.09 -23.10
N GLY B 222 -49.83 11.37 -23.46
CA GLY B 222 -48.68 11.95 -24.15
C GLY B 222 -48.60 13.44 -23.91
N LEU B 223 -47.60 13.84 -23.13
CA LEU B 223 -47.27 15.24 -22.96
C LEU B 223 -45.99 15.54 -23.74
N GLY B 224 -45.99 16.63 -24.50
CA GLY B 224 -44.90 17.00 -25.39
C GLY B 224 -44.78 16.17 -26.67
N VAL B 225 -45.91 15.80 -27.30
CA VAL B 225 -45.85 15.13 -28.60
C VAL B 225 -47.15 15.41 -29.39
N SER B 226 -47.14 15.19 -30.72
CA SER B 226 -48.28 15.55 -31.57
C SER B 226 -49.33 14.44 -31.53
N HIS B 227 -50.61 14.81 -31.37
CA HIS B 227 -51.69 13.86 -31.15
C HIS B 227 -51.95 13.01 -32.38
N PRO B 228 -51.80 13.58 -33.60
CA PRO B 228 -51.90 12.77 -34.82
C PRO B 228 -50.90 11.62 -34.79
N VAL B 229 -49.71 11.87 -34.25
CA VAL B 229 -48.67 10.86 -34.25
C VAL B 229 -48.96 9.79 -33.18
N LEU B 230 -49.57 10.17 -32.05
CA LEU B 230 -50.01 9.20 -31.07
C LEU B 230 -51.12 8.30 -31.63
N LYS B 231 -52.17 8.89 -32.24
CA LYS B 231 -53.21 8.12 -32.94
C LYS B 231 -52.57 7.07 -33.85
N GLN B 232 -51.61 7.50 -34.67
CA GLN B 232 -50.95 6.68 -35.69
C GLN B 232 -50.34 5.46 -35.02
N VAL B 233 -49.57 5.74 -33.97
CA VAL B 233 -48.81 4.73 -33.27
C VAL B 233 -49.78 3.71 -32.69
N ALA B 234 -50.84 4.22 -32.03
CA ALA B 234 -51.78 3.38 -31.31
C ALA B 234 -52.62 2.53 -32.26
N GLU B 235 -52.92 3.07 -33.44
CA GLU B 235 -53.70 2.37 -34.45
C GLU B 235 -52.95 1.13 -34.93
N GLN B 236 -51.63 1.26 -35.12
CA GLN B 236 -50.89 0.15 -35.70
C GLN B 236 -50.43 -0.81 -34.60
N PHE B 237 -49.86 -0.23 -33.54
CA PHE B 237 -49.01 -0.96 -32.61
C PHE B 237 -49.76 -1.37 -31.34
N LEU B 238 -50.79 -0.62 -30.93
CA LEU B 238 -51.65 -1.03 -29.82
C LEU B 238 -52.98 -1.58 -30.35
N ASN B 239 -52.92 -2.57 -31.24
CA ASN B 239 -54.14 -3.18 -31.70
C ASN B 239 -54.31 -4.57 -31.07
N ILE B 240 -54.13 -4.68 -29.75
CA ILE B 240 -54.11 -5.98 -29.08
C ILE B 240 -55.54 -6.47 -28.90
N ARG B 241 -55.92 -7.59 -29.52
CA ARG B 241 -57.31 -8.04 -29.40
C ARG B 241 -57.73 -8.19 -27.94
N GLY B 242 -58.71 -7.37 -27.58
CA GLY B 242 -59.51 -7.52 -26.37
C GLY B 242 -59.67 -8.99 -25.97
N GLY B 243 -58.80 -9.42 -25.05
CA GLY B 243 -58.89 -10.71 -24.37
C GLY B 243 -59.76 -10.67 -23.11
N LEU B 244 -60.41 -9.51 -22.83
CA LEU B 244 -61.43 -9.30 -21.81
C LEU B 244 -62.18 -7.96 -22.06
N ALA B 249 -64.99 -10.02 -11.04
CA ALA B 249 -65.98 -9.88 -9.94
C ALA B 249 -65.84 -8.50 -9.30
N LYS B 250 -66.99 -7.91 -8.90
CA LYS B 250 -66.99 -6.76 -8.02
C LYS B 250 -66.17 -7.12 -6.79
N ALA B 251 -65.39 -6.16 -6.31
CA ALA B 251 -64.68 -6.29 -5.05
C ALA B 251 -65.70 -6.35 -3.91
N LYS B 252 -65.67 -7.43 -3.14
CA LYS B 252 -66.67 -7.61 -2.09
C LYS B 252 -66.03 -7.30 -0.74
N TYR B 253 -66.31 -6.11 -0.19
CA TYR B 253 -65.86 -5.69 1.14
C TYR B 253 -66.59 -6.50 2.17
N HIS B 254 -65.85 -7.11 3.11
CA HIS B 254 -66.47 -7.95 4.11
C HIS B 254 -66.23 -7.35 5.50
N GLY B 255 -64.99 -6.91 5.72
CA GLY B 255 -64.67 -6.31 6.99
C GLY B 255 -64.05 -7.35 7.91
N GLY B 256 -62.95 -6.96 8.52
CA GLY B 256 -62.04 -7.89 9.15
C GLY B 256 -61.04 -7.10 9.98
N GLU B 257 -60.02 -7.82 10.48
CA GLU B 257 -59.07 -7.25 11.41
C GLU B 257 -57.80 -8.10 11.37
N ILE B 258 -56.66 -7.44 11.17
CA ILE B 258 -55.37 -8.12 11.05
C ILE B 258 -54.31 -7.48 11.94
N ARG B 259 -53.74 -8.26 12.83
CA ARG B 259 -52.80 -7.76 13.81
C ARG B 259 -51.43 -8.35 13.52
N GLU B 260 -50.39 -7.55 13.68
CA GLU B 260 -49.04 -8.02 13.44
C GLU B 260 -48.24 -7.72 14.71
N GLN B 261 -47.88 -8.74 15.50
CA GLN B 261 -47.08 -8.46 16.68
C GLN B 261 -45.60 -8.36 16.29
N ASN B 262 -44.93 -7.28 16.73
CA ASN B 262 -43.48 -7.17 16.76
C ASN B 262 -43.13 -6.41 18.03
N GLY B 263 -42.01 -5.67 18.06
CA GLY B 263 -41.82 -4.79 19.21
C GLY B 263 -41.42 -3.37 18.85
N ASP B 264 -42.14 -2.71 17.94
CA ASP B 264 -41.64 -1.49 17.33
C ASP B 264 -41.72 -0.38 18.35
N SER B 265 -42.64 -0.56 19.31
CA SER B 265 -42.84 0.37 20.43
C SER B 265 -43.57 1.62 19.95
N LEU B 266 -43.67 1.76 18.63
CA LEU B 266 -44.66 2.62 18.01
C LEU B 266 -45.67 1.72 17.29
N VAL B 267 -46.93 2.01 17.52
CA VAL B 267 -47.98 1.22 16.92
C VAL B 267 -48.62 2.02 15.79
N HIS B 268 -48.57 1.42 14.61
CA HIS B 268 -49.38 1.86 13.51
C HIS B 268 -50.72 1.12 13.56
N ALA B 269 -51.79 1.86 13.28
CA ALA B 269 -53.13 1.29 13.11
C ALA B 269 -53.89 2.10 12.08
N ALA B 270 -54.66 1.39 11.24
CA ALA B 270 -55.66 2.02 10.38
C ALA B 270 -57.02 1.42 10.67
N LEU B 271 -58.04 2.28 10.70
CA LEU B 271 -59.41 1.87 10.93
C LEU B 271 -60.26 2.49 9.83
N VAL B 272 -60.91 1.63 9.05
CA VAL B 272 -61.66 2.09 7.90
C VAL B 272 -63.04 1.44 7.89
N ALA B 273 -63.95 2.10 7.20
CA ALA B 273 -65.26 1.54 6.89
C ALA B 273 -65.38 1.63 5.38
N GLU B 274 -66.36 0.91 4.81
CA GLU B 274 -66.58 1.00 3.39
C GLU B 274 -66.90 2.45 3.07
N SER B 275 -66.52 2.92 1.87
CA SER B 275 -66.64 4.33 1.55
C SER B 275 -67.54 4.50 0.32
N ALA B 276 -67.01 5.14 -0.72
CA ALA B 276 -67.73 5.30 -1.97
C ALA B 276 -66.73 5.18 -3.10
N ALA B 277 -67.19 4.63 -4.24
CA ALA B 277 -66.37 4.48 -5.44
C ALA B 277 -66.09 5.83 -6.07
N ILE B 278 -65.03 5.89 -6.90
CA ILE B 278 -64.68 7.10 -7.63
C ILE B 278 -65.81 7.40 -8.60
N GLY B 279 -66.04 8.69 -8.80
CA GLY B 279 -67.03 9.15 -9.76
C GLY B 279 -68.38 9.39 -9.13
N SER B 280 -68.64 8.86 -7.93
CA SER B 280 -69.83 9.24 -7.17
C SER B 280 -69.62 10.59 -6.49
N ALA B 281 -70.69 11.37 -6.37
CA ALA B 281 -70.52 12.63 -5.68
C ALA B 281 -70.30 12.35 -4.21
N GLU B 282 -70.62 11.13 -3.79
CA GLU B 282 -70.37 10.71 -2.42
C GLU B 282 -68.87 10.79 -2.22
N ALA B 283 -68.14 10.41 -3.27
CA ALA B 283 -66.69 10.34 -3.24
C ALA B 283 -66.13 11.70 -2.86
N ASN B 284 -66.69 12.76 -3.46
CA ASN B 284 -66.19 14.09 -3.17
C ASN B 284 -66.50 14.45 -1.72
N ALA B 285 -67.59 13.87 -1.20
CA ALA B 285 -68.02 14.17 0.16
C ALA B 285 -66.99 13.65 1.15
N PHE B 286 -66.53 12.42 0.90
CA PHE B 286 -65.55 11.78 1.73
C PHE B 286 -64.23 12.55 1.69
N SER B 287 -63.82 12.94 0.47
CA SER B 287 -62.58 13.69 0.27
C SER B 287 -62.59 14.97 1.11
N VAL B 288 -63.73 15.65 1.16
CA VAL B 288 -63.82 16.85 1.97
C VAL B 288 -63.77 16.48 3.45
N LEU B 289 -64.44 15.40 3.84
CA LEU B 289 -64.42 15.01 5.25
C LEU B 289 -62.98 14.70 5.66
N GLN B 290 -62.21 14.16 4.72
CA GLN B 290 -60.83 13.80 4.98
C GLN B 290 -60.07 15.06 5.39
N HIS B 291 -60.32 16.14 4.65
CA HIS B 291 -59.56 17.37 4.82
C HIS B 291 -60.09 18.16 6.02
N VAL B 292 -61.32 17.89 6.45
CA VAL B 292 -61.83 18.46 7.70
C VAL B 292 -61.03 17.86 8.84
N LEU B 293 -61.05 16.53 8.88
CA LEU B 293 -60.47 15.78 9.97
C LEU B 293 -58.97 16.05 9.98
N GLY B 294 -58.41 16.24 8.78
CA GLY B 294 -57.00 16.53 8.62
C GLY B 294 -56.27 15.36 7.98
N ALA B 295 -55.78 15.59 6.77
CA ALA B 295 -54.94 14.60 6.13
C ALA B 295 -53.53 15.17 6.03
N GLY B 296 -52.89 15.40 7.18
CA GLY B 296 -51.46 15.63 7.11
C GLY B 296 -51.09 17.10 7.06
N PRO B 297 -49.78 17.42 7.08
CA PRO B 297 -49.32 18.69 7.67
C PRO B 297 -49.19 19.69 6.54
N HIS B 298 -49.37 20.97 6.84
CA HIS B 298 -49.19 21.98 5.81
C HIS B 298 -47.93 22.80 6.10
N VAL B 299 -47.37 22.59 7.30
CA VAL B 299 -46.25 23.39 7.79
C VAL B 299 -45.16 22.47 8.31
N LYS B 300 -43.89 22.75 7.96
CA LYS B 300 -42.74 22.08 8.54
C LYS B 300 -42.79 22.25 10.06
N ARG B 301 -42.72 21.14 10.79
CA ARG B 301 -42.69 21.23 12.25
C ARG B 301 -44.05 21.70 12.77
N GLY B 302 -45.10 21.55 11.94
CA GLY B 302 -46.40 22.15 12.17
C GLY B 302 -47.09 21.61 13.42
N SER B 303 -47.94 22.45 14.05
CA SER B 303 -48.79 22.01 15.15
C SER B 303 -50.11 21.45 14.61
N ASN B 304 -50.44 21.84 13.38
CA ASN B 304 -51.69 21.48 12.73
C ASN B 304 -52.87 21.98 13.55
N ALA B 305 -52.91 23.31 13.70
CA ALA B 305 -53.96 23.99 14.42
C ALA B 305 -55.31 23.67 13.79
N THR B 306 -55.31 23.35 12.49
CA THR B 306 -56.53 23.24 11.71
C THR B 306 -56.98 21.79 11.55
N SER B 307 -56.20 20.80 12.01
CA SER B 307 -56.55 19.39 11.85
C SER B 307 -57.37 18.87 13.03
N SER B 308 -58.66 18.57 12.79
CA SER B 308 -59.57 18.09 13.83
C SER B 308 -58.91 16.97 14.60
N LEU B 309 -58.50 15.95 13.83
CA LEU B 309 -57.97 14.70 14.36
C LEU B 309 -56.77 15.00 15.26
N TYR B 310 -55.87 15.84 14.76
CA TYR B 310 -54.57 16.02 15.39
C TYR B 310 -54.74 16.66 16.77
N GLN B 311 -55.59 17.68 16.79
CA GLN B 311 -55.88 18.43 17.99
C GLN B 311 -56.72 17.57 18.93
N ALA B 312 -57.49 16.65 18.34
CA ALA B 312 -58.37 15.81 19.12
C ALA B 312 -57.52 14.89 19.96
N VAL B 313 -56.51 14.27 19.33
CA VAL B 313 -55.62 13.35 20.01
C VAL B 313 -54.83 14.10 21.07
N ALA B 314 -54.30 15.25 20.63
CA ALA B 314 -53.33 16.03 21.35
C ALA B 314 -53.92 16.63 22.63
N LYS B 315 -55.25 16.75 22.70
CA LYS B 315 -55.91 17.18 23.91
C LYS B 315 -55.97 15.99 24.87
N GLY B 316 -54.82 15.64 25.44
CA GLY B 316 -54.76 14.58 26.43
C GLY B 316 -53.44 13.82 26.37
N VAL B 317 -53.00 13.52 25.15
CA VAL B 317 -51.77 12.78 24.94
C VAL B 317 -50.68 13.72 24.39
N HIS B 318 -49.62 13.95 25.18
CA HIS B 318 -48.66 15.03 24.93
C HIS B 318 -47.26 14.48 24.72
N GLN B 319 -47.07 13.69 23.64
CA GLN B 319 -45.84 12.96 23.34
C GLN B 319 -45.82 12.61 21.87
N PRO B 320 -44.84 11.83 21.34
CA PRO B 320 -44.81 11.59 19.89
C PRO B 320 -46.06 10.82 19.45
N PHE B 321 -46.73 11.32 18.41
CA PHE B 321 -47.82 10.62 17.76
C PHE B 321 -48.00 11.29 16.39
N ASP B 322 -48.80 10.63 15.56
CA ASP B 322 -49.26 11.25 14.35
C ASP B 322 -50.61 10.64 14.04
N VAL B 323 -51.46 11.42 13.36
CA VAL B 323 -52.77 10.93 12.96
C VAL B 323 -53.21 11.67 11.69
N SER B 324 -53.96 10.94 10.87
CA SER B 324 -54.43 11.45 9.60
C SER B 324 -55.64 10.65 9.16
N ALA B 325 -56.60 11.33 8.54
CA ALA B 325 -57.66 10.68 7.81
C ALA B 325 -57.06 9.88 6.64
N PHE B 326 -57.59 8.67 6.45
CA PHE B 326 -57.22 7.81 5.33
C PHE B 326 -58.39 7.74 4.36
N ASN B 327 -58.11 7.98 3.08
CA ASN B 327 -59.17 7.90 2.07
C ASN B 327 -58.66 7.24 0.79
N ALA B 328 -59.31 6.13 0.43
CA ALA B 328 -58.99 5.35 -0.76
C ALA B 328 -60.27 5.15 -1.55
N SER B 329 -60.27 5.57 -2.81
CA SER B 329 -61.49 5.45 -3.59
C SER B 329 -61.15 4.65 -4.85
N TYR B 330 -61.84 3.52 -5.08
CA TYR B 330 -61.48 2.66 -6.19
C TYR B 330 -62.64 2.58 -7.17
N SER B 331 -62.47 1.79 -8.22
CA SER B 331 -63.48 1.73 -9.28
C SER B 331 -64.85 1.41 -8.66
N ASP B 332 -64.88 0.40 -7.79
CA ASP B 332 -66.11 -0.28 -7.41
C ASP B 332 -66.25 -0.35 -5.89
N SER B 333 -65.45 0.45 -5.17
CA SER B 333 -65.47 0.51 -3.72
C SER B 333 -64.52 1.60 -3.22
N GLY B 334 -64.46 1.77 -1.90
CA GLY B 334 -63.58 2.74 -1.27
C GLY B 334 -63.40 2.41 0.21
N LEU B 335 -62.27 2.82 0.78
CA LEU B 335 -62.03 2.78 2.21
C LEU B 335 -61.89 4.22 2.71
N PHE B 336 -62.54 4.50 3.84
CA PHE B 336 -62.40 5.78 4.51
C PHE B 336 -62.26 5.53 6.01
N GLY B 337 -61.36 6.30 6.63
CA GLY B 337 -61.10 6.23 8.05
C GLY B 337 -59.90 7.10 8.43
N PHE B 338 -59.14 6.64 9.43
CA PHE B 338 -57.97 7.36 9.90
C PHE B 338 -56.87 6.34 10.19
N TYR B 339 -55.61 6.83 10.22
CA TYR B 339 -54.43 6.07 10.57
C TYR B 339 -53.71 6.71 11.77
N THR B 340 -53.39 5.91 12.78
CA THR B 340 -52.64 6.43 13.91
C THR B 340 -51.23 5.89 13.87
N ILE B 341 -50.31 6.68 14.41
CA ILE B 341 -49.02 6.20 14.84
C ILE B 341 -48.88 6.70 16.26
N SER B 342 -48.82 5.79 17.21
CA SER B 342 -48.87 6.19 18.60
C SER B 342 -47.77 5.47 19.37
N GLN B 343 -47.54 5.84 20.62
CA GLN B 343 -46.76 4.98 21.49
C GLN B 343 -47.51 3.65 21.64
N ALA B 344 -46.81 2.56 21.97
CA ALA B 344 -47.46 1.26 22.01
C ALA B 344 -48.51 1.27 23.12
N ALA B 345 -48.16 1.93 24.23
CA ALA B 345 -48.94 1.91 25.45
C ALA B 345 -50.18 2.78 25.27
N SER B 346 -50.08 3.73 24.33
CA SER B 346 -51.03 4.82 24.17
C SER B 346 -52.07 4.53 23.10
N ALA B 347 -51.95 3.41 22.39
CA ALA B 347 -52.72 3.17 21.17
C ALA B 347 -54.22 3.11 21.46
N GLY B 348 -54.58 2.49 22.60
CA GLY B 348 -55.95 2.50 23.05
C GLY B 348 -56.46 3.94 23.08
N ASP B 349 -55.74 4.78 23.83
CA ASP B 349 -56.12 6.15 24.11
C ASP B 349 -56.17 6.97 22.82
N VAL B 350 -55.28 6.69 21.86
CA VAL B 350 -55.16 7.49 20.65
C VAL B 350 -56.25 7.09 19.66
N ILE B 351 -56.52 5.79 19.55
CA ILE B 351 -57.41 5.33 18.49
C ILE B 351 -58.83 5.77 18.83
N LYS B 352 -59.12 5.74 20.14
CA LYS B 352 -60.41 6.12 20.67
C LYS B 352 -60.60 7.62 20.48
N ALA B 353 -59.59 8.40 20.88
CA ALA B 353 -59.67 9.83 20.75
C ALA B 353 -59.95 10.22 19.30
N ALA B 354 -59.29 9.53 18.36
CA ALA B 354 -59.44 9.78 16.94
C ALA B 354 -60.84 9.40 16.46
N TYR B 355 -61.32 8.22 16.87
CA TYR B 355 -62.60 7.71 16.40
C TYR B 355 -63.71 8.65 16.84
N ASN B 356 -63.58 9.14 18.08
CA ASN B 356 -64.52 10.03 18.72
C ASN B 356 -64.68 11.30 17.89
N GLN B 357 -63.58 11.75 17.30
CA GLN B 357 -63.60 13.03 16.61
C GLN B 357 -64.49 12.91 15.40
N VAL B 358 -64.54 11.70 14.82
CA VAL B 358 -65.31 11.48 13.61
C VAL B 358 -66.79 11.40 13.99
N LYS B 359 -67.06 10.89 15.20
CA LYS B 359 -68.40 10.75 15.75
C LYS B 359 -69.02 12.14 15.95
N THR B 360 -68.17 13.11 16.31
CA THR B 360 -68.55 14.51 16.48
C THR B 360 -69.12 15.05 15.18
N ILE B 361 -68.38 14.83 14.08
CA ILE B 361 -68.77 15.32 12.77
C ILE B 361 -70.09 14.66 12.40
N ALA B 362 -70.17 13.35 12.66
CA ALA B 362 -71.34 12.53 12.34
C ALA B 362 -72.57 12.97 13.12
N GLN B 363 -72.37 13.45 14.35
CA GLN B 363 -73.50 13.91 15.15
C GLN B 363 -73.64 15.42 15.02
N GLY B 364 -73.26 16.00 13.89
CA GLY B 364 -73.66 17.37 13.61
C GLY B 364 -72.53 18.42 13.69
N ASN B 365 -71.57 18.27 14.60
CA ASN B 365 -70.67 19.36 14.97
C ASN B 365 -69.65 19.70 13.89
N LEU B 366 -70.06 20.53 12.93
CA LEU B 366 -69.17 20.93 11.87
C LEU B 366 -69.55 22.34 11.42
N SER B 367 -68.67 23.33 11.66
CA SER B 367 -68.97 24.70 11.24
C SER B 367 -68.65 24.86 9.75
N ASN B 368 -69.18 25.92 9.12
CA ASN B 368 -68.83 26.26 7.74
C ASN B 368 -67.40 26.75 7.61
N PRO B 369 -66.89 27.56 8.57
CA PRO B 369 -65.45 27.83 8.64
C PRO B 369 -64.64 26.57 8.33
N ASP B 370 -64.96 25.47 9.02
CA ASP B 370 -64.20 24.24 8.97
C ASP B 370 -64.28 23.64 7.56
N VAL B 371 -65.48 23.65 6.97
CA VAL B 371 -65.71 22.98 5.70
C VAL B 371 -65.14 23.84 4.56
N GLN B 372 -65.04 25.15 4.81
CA GLN B 372 -64.46 26.05 3.82
C GLN B 372 -62.97 25.72 3.75
N ALA B 373 -62.35 25.62 4.94
CA ALA B 373 -60.93 25.33 5.08
C ALA B 373 -60.64 24.02 4.36
N ALA B 374 -61.53 23.05 4.58
CA ALA B 374 -61.37 21.73 4.01
C ALA B 374 -61.35 21.83 2.48
N LYS B 375 -62.26 22.61 1.91
CA LYS B 375 -62.41 22.59 0.47
C LYS B 375 -61.25 23.31 -0.19
N ASN B 376 -60.78 24.37 0.48
CA ASN B 376 -59.69 25.18 -0.03
C ASN B 376 -58.46 24.31 -0.10
N LYS B 377 -58.29 23.45 0.93
CA LYS B 377 -57.17 22.53 1.06
C LYS B 377 -57.19 21.57 -0.12
N LEU B 378 -58.34 20.91 -0.29
CA LEU B 378 -58.55 19.89 -1.31
C LEU B 378 -58.38 20.53 -2.70
N LYS B 379 -59.02 21.69 -2.89
CA LYS B 379 -58.92 22.40 -4.16
C LYS B 379 -57.46 22.72 -4.49
N ALA B 380 -56.76 23.34 -3.52
CA ALA B 380 -55.37 23.76 -3.63
C ALA B 380 -54.50 22.53 -3.90
N GLY B 381 -54.66 21.53 -3.05
CA GLY B 381 -53.86 20.32 -3.15
C GLY B 381 -54.07 19.59 -4.47
N TYR B 382 -55.28 19.67 -5.02
CA TYR B 382 -55.53 19.01 -6.30
C TYR B 382 -54.70 19.68 -7.39
N LEU B 383 -54.75 21.02 -7.42
CA LEU B 383 -54.16 21.79 -8.51
C LEU B 383 -52.66 21.64 -8.48
N MET B 384 -52.13 21.51 -7.25
CA MET B 384 -50.71 21.40 -6.97
C MET B 384 -50.24 20.02 -7.39
N SER B 385 -51.12 19.04 -7.26
CA SER B 385 -50.76 17.68 -7.56
C SER B 385 -50.64 17.48 -9.07
N VAL B 386 -51.10 18.47 -9.86
CA VAL B 386 -50.97 18.42 -11.31
C VAL B 386 -50.10 19.58 -11.85
N GLU B 387 -49.30 20.19 -10.96
CA GLU B 387 -48.30 21.21 -11.26
C GLU B 387 -47.23 20.68 -12.23
N SER B 388 -46.88 19.40 -12.13
CA SER B 388 -45.72 18.84 -12.81
C SER B 388 -46.12 18.14 -14.11
N SER B 389 -45.12 17.68 -14.86
CA SER B 389 -45.30 16.73 -15.94
C SER B 389 -45.77 15.40 -15.34
N GLU B 390 -45.04 14.96 -14.32
CA GLU B 390 -45.30 13.69 -13.66
C GLU B 390 -46.79 13.64 -13.33
N GLY B 391 -47.24 14.62 -12.53
CA GLY B 391 -48.53 14.59 -11.84
C GLY B 391 -49.67 14.66 -12.83
N PHE B 392 -49.50 15.53 -13.82
CA PHE B 392 -50.51 15.72 -14.84
C PHE B 392 -50.69 14.43 -15.63
N LEU B 393 -49.57 13.83 -16.07
CA LEU B 393 -49.65 12.64 -16.88
C LEU B 393 -50.44 11.57 -16.13
N ASP B 394 -50.22 11.52 -14.81
CA ASP B 394 -50.78 10.46 -13.98
C ASP B 394 -52.28 10.66 -13.86
N GLU B 395 -52.67 11.94 -13.79
CA GLU B 395 -54.06 12.34 -13.65
C GLU B 395 -54.81 12.07 -14.93
N VAL B 396 -54.22 12.46 -16.06
CA VAL B 396 -54.92 12.36 -17.33
C VAL B 396 -55.09 10.90 -17.71
N GLY B 397 -54.06 10.11 -17.43
CA GLY B 397 -54.08 8.69 -17.72
C GLY B 397 -55.03 7.96 -16.77
N SER B 398 -54.99 8.39 -15.51
CA SER B 398 -55.83 7.84 -14.46
C SER B 398 -57.31 7.92 -14.86
N GLN B 399 -57.74 9.13 -15.25
CA GLN B 399 -59.10 9.45 -15.65
C GLN B 399 -59.50 8.73 -16.93
N ALA B 400 -58.60 8.70 -17.92
CA ALA B 400 -58.84 8.01 -19.18
C ALA B 400 -59.34 6.57 -18.96
N LEU B 401 -58.80 5.87 -17.95
CA LEU B 401 -59.17 4.49 -17.65
C LEU B 401 -60.50 4.50 -16.88
N ALA B 402 -60.55 5.30 -15.80
CA ALA B 402 -61.57 5.26 -14.76
C ALA B 402 -62.91 5.77 -15.29
N ALA B 403 -62.95 6.99 -15.84
CA ALA B 403 -64.13 7.39 -16.61
C ALA B 403 -63.89 6.98 -18.06
N GLY B 404 -63.93 7.95 -18.97
CA GLY B 404 -63.41 7.70 -20.32
C GLY B 404 -63.08 9.00 -21.02
N SER B 405 -62.71 9.99 -20.20
CA SER B 405 -62.85 11.41 -20.51
C SER B 405 -61.87 12.24 -19.68
N TYR B 406 -61.78 13.51 -20.02
CA TYR B 406 -60.97 14.46 -19.27
C TYR B 406 -61.89 15.44 -18.56
N THR B 407 -61.63 15.68 -17.28
CA THR B 407 -62.33 16.69 -16.53
C THR B 407 -61.36 17.81 -16.23
N PRO B 408 -61.57 19.03 -16.75
CA PRO B 408 -60.62 20.11 -16.52
C PRO B 408 -60.65 20.46 -15.04
N PRO B 409 -59.54 21.03 -14.50
CA PRO B 409 -59.45 21.33 -13.07
C PRO B 409 -60.58 22.23 -12.56
N SER B 410 -61.06 23.14 -13.44
CA SER B 410 -62.13 24.07 -13.09
C SER B 410 -63.40 23.32 -12.70
N THR B 411 -63.79 22.33 -13.51
CA THR B 411 -64.96 21.50 -13.28
C THR B 411 -64.82 20.70 -11.99
N VAL B 412 -63.60 20.22 -11.74
CA VAL B 412 -63.35 19.47 -10.53
C VAL B 412 -63.61 20.35 -9.33
N LEU B 413 -63.16 21.61 -9.42
CA LEU B 413 -63.24 22.48 -8.26
C LEU B 413 -64.72 22.77 -8.01
N GLN B 414 -65.50 22.79 -9.10
CA GLN B 414 -66.93 23.05 -8.99
C GLN B 414 -67.54 21.92 -8.20
N GLN B 415 -67.10 20.69 -8.50
CA GLN B 415 -67.65 19.50 -7.89
C GLN B 415 -67.27 19.44 -6.41
N ILE B 416 -66.13 20.03 -6.05
CA ILE B 416 -65.71 20.11 -4.67
C ILE B 416 -66.52 21.18 -3.95
N ASP B 417 -66.73 22.33 -4.61
CA ASP B 417 -67.57 23.41 -4.10
C ASP B 417 -69.00 22.91 -3.92
N ALA B 418 -69.39 21.95 -4.77
CA ALA B 418 -70.76 21.47 -4.86
C ALA B 418 -71.08 20.50 -3.71
N VAL B 419 -70.16 20.30 -2.77
CA VAL B 419 -70.46 19.36 -1.71
C VAL B 419 -71.08 20.12 -0.55
N ALA B 420 -72.15 19.58 0.03
CA ALA B 420 -72.88 20.22 1.12
C ALA B 420 -72.33 19.75 2.46
N ASP B 421 -72.32 20.63 3.46
CA ASP B 421 -71.93 20.30 4.82
C ASP B 421 -72.77 19.12 5.30
N ALA B 422 -73.99 19.01 4.76
CA ALA B 422 -74.88 17.90 5.04
C ALA B 422 -74.28 16.61 4.48
N ASP B 423 -73.72 16.69 3.26
CA ASP B 423 -73.04 15.55 2.63
C ASP B 423 -71.84 15.05 3.44
N VAL B 424 -71.13 16.00 4.06
CA VAL B 424 -69.95 15.73 4.85
C VAL B 424 -70.40 15.05 6.15
N ILE B 425 -71.45 15.59 6.77
CA ILE B 425 -71.95 15.01 8.01
C ILE B 425 -72.46 13.60 7.73
N ASN B 426 -72.93 13.37 6.50
CA ASN B 426 -73.45 12.07 6.09
C ASN B 426 -72.32 11.06 5.94
N ALA B 427 -71.22 11.53 5.34
CA ALA B 427 -70.06 10.69 5.09
C ALA B 427 -69.48 10.20 6.42
N ALA B 428 -69.40 11.11 7.40
CA ALA B 428 -68.95 10.82 8.75
C ALA B 428 -69.90 9.84 9.43
N LYS B 429 -71.21 10.06 9.20
CA LYS B 429 -72.26 9.22 9.74
C LYS B 429 -72.00 7.80 9.20
N LYS B 430 -71.72 7.73 7.88
CA LYS B 430 -71.55 6.46 7.16
C LYS B 430 -70.41 5.65 7.76
N PHE B 431 -69.35 6.34 8.18
CA PHE B 431 -68.17 5.69 8.71
C PHE B 431 -68.49 5.09 10.08
N VAL B 432 -69.07 5.91 10.96
CA VAL B 432 -69.28 5.50 12.35
C VAL B 432 -70.20 4.28 12.36
N SER B 433 -71.17 4.28 11.46
CA SER B 433 -72.21 3.29 11.53
C SER B 433 -71.82 2.07 10.70
N GLY B 434 -70.97 2.27 9.69
CA GLY B 434 -70.56 1.22 8.77
C GLY B 434 -69.68 0.17 9.45
N ARG B 435 -69.66 -1.04 8.85
CA ARG B 435 -68.95 -2.20 9.36
C ARG B 435 -67.46 -1.98 9.18
N LYS B 436 -66.68 -2.27 10.23
CA LYS B 436 -65.32 -1.77 10.30
C LYS B 436 -64.30 -2.79 9.81
N SER B 437 -63.25 -2.32 9.12
CA SER B 437 -62.01 -3.08 8.93
C SER B 437 -60.83 -2.37 9.58
N MET B 438 -59.91 -3.16 10.14
CA MET B 438 -58.80 -2.62 10.91
C MET B 438 -57.57 -3.48 10.64
N ALA B 439 -56.42 -2.82 10.67
CA ALA B 439 -55.13 -3.47 10.62
C ALA B 439 -54.19 -2.69 11.54
N ALA B 440 -53.33 -3.42 12.24
CA ALA B 440 -52.35 -2.78 13.09
C ALA B 440 -51.06 -3.57 12.99
N SER B 441 -50.00 -2.97 13.55
CA SER B 441 -48.69 -3.59 13.69
C SER B 441 -47.87 -2.79 14.69
N GLY B 442 -47.03 -3.51 15.44
CA GLY B 442 -46.33 -2.98 16.59
C GLY B 442 -46.42 -3.90 17.80
N ASN B 443 -46.04 -3.38 18.98
CA ASN B 443 -46.33 -4.07 20.22
C ASN B 443 -47.79 -3.77 20.60
N LEU B 444 -48.69 -4.72 20.29
CA LEU B 444 -50.12 -4.44 20.27
C LEU B 444 -50.74 -4.74 21.62
N GLY B 445 -49.97 -4.58 22.70
CA GLY B 445 -50.45 -4.97 24.01
C GLY B 445 -51.66 -4.15 24.43
N HIS B 446 -51.64 -2.86 24.09
CA HIS B 446 -52.66 -1.96 24.57
C HIS B 446 -53.41 -1.42 23.36
N THR B 447 -53.27 -2.12 22.23
CA THR B 447 -54.02 -1.83 21.01
C THR B 447 -55.35 -2.58 21.01
N PRO B 448 -56.51 -1.88 20.91
CA PRO B 448 -57.79 -2.58 20.98
C PRO B 448 -58.19 -3.33 19.70
N PHE B 449 -59.08 -4.32 19.88
CA PHE B 449 -59.71 -5.05 18.79
C PHE B 449 -60.92 -4.23 18.35
N ILE B 450 -61.48 -4.54 17.16
CA ILE B 450 -62.55 -3.71 16.63
C ILE B 450 -63.67 -3.64 17.68
N ASP B 451 -63.95 -4.83 18.24
CA ASP B 451 -65.13 -5.04 19.05
C ASP B 451 -64.95 -4.40 20.43
N GLU B 452 -63.80 -3.74 20.65
CA GLU B 452 -63.56 -2.92 21.83
C GLU B 452 -63.84 -1.44 21.53
N LEU B 453 -64.43 -1.15 20.34
CA LEU B 453 -64.73 0.19 19.84
C LEU B 453 -63.45 1.01 19.66
N THR C 2 -12.80 -9.18 -11.50
CA THR C 2 -12.57 -7.87 -10.81
C THR C 2 -11.08 -7.50 -10.95
N ASN C 3 -10.24 -7.92 -9.99
CA ASN C 3 -8.89 -7.43 -9.73
C ASN C 3 -7.89 -8.60 -9.82
N ILE C 4 -6.84 -8.47 -10.65
CA ILE C 4 -5.93 -9.58 -10.94
C ILE C 4 -5.12 -10.05 -9.73
N ARG C 5 -4.69 -9.10 -8.93
CA ARG C 5 -3.81 -9.40 -7.81
C ARG C 5 -4.51 -10.35 -6.85
N LYS C 6 -5.84 -10.36 -6.85
CA LYS C 6 -6.63 -11.11 -5.90
C LYS C 6 -7.08 -12.45 -6.47
N SER C 7 -7.07 -12.61 -7.81
CA SER C 7 -7.63 -13.80 -8.45
C SER C 7 -6.56 -14.77 -8.95
N HIS C 8 -5.70 -14.29 -9.86
CA HIS C 8 -4.73 -15.08 -10.64
C HIS C 8 -3.97 -16.04 -9.72
N PRO C 9 -3.90 -17.36 -10.05
CA PRO C 9 -3.36 -18.37 -9.15
C PRO C 9 -2.00 -18.04 -8.57
N LEU C 10 -1.20 -17.31 -9.34
CA LEU C 10 0.17 -17.08 -8.92
C LEU C 10 0.24 -15.75 -8.17
N MET C 11 -0.46 -14.76 -8.72
CA MET C 11 -0.44 -13.41 -8.19
C MET C 11 -1.13 -13.39 -6.83
N LYS C 12 -2.17 -14.24 -6.66
CA LYS C 12 -2.98 -14.31 -5.46
C LYS C 12 -2.03 -14.53 -4.27
N ILE C 13 -1.16 -15.53 -4.44
CA ILE C 13 -0.23 -16.04 -3.43
C ILE C 13 0.69 -14.90 -3.03
N VAL C 14 1.30 -14.25 -4.03
CA VAL C 14 2.21 -13.14 -3.83
C VAL C 14 1.48 -11.97 -3.16
N ASN C 15 0.21 -11.77 -3.54
CA ASN C 15 -0.58 -10.73 -2.93
C ASN C 15 -0.80 -11.05 -1.46
N ASN C 16 -1.21 -12.31 -1.20
CA ASN C 16 -1.61 -12.72 0.13
C ASN C 16 -0.42 -12.72 1.08
N ALA C 17 0.76 -12.88 0.48
CA ALA C 17 2.01 -13.13 1.16
C ALA C 17 2.70 -11.83 1.49
N PHE C 18 2.57 -10.83 0.61
CA PHE C 18 3.51 -9.72 0.68
C PHE C 18 2.91 -8.37 0.33
N ILE C 19 1.60 -8.28 0.05
CA ILE C 19 1.05 -6.99 -0.36
C ILE C 19 -0.10 -6.62 0.58
N ASP C 20 -1.04 -7.56 0.72
CA ASP C 20 -2.29 -7.32 1.43
C ASP C 20 -2.29 -8.08 2.75
N LEU C 21 -1.18 -8.77 3.04
CA LEU C 21 -1.00 -9.42 4.32
C LEU C 21 -1.21 -8.44 5.47
N PRO C 22 -2.23 -8.66 6.34
CA PRO C 22 -2.36 -7.89 7.58
C PRO C 22 -1.19 -8.12 8.52
N ALA C 23 -0.31 -7.10 8.63
CA ALA C 23 0.84 -7.04 9.51
C ALA C 23 0.48 -6.21 10.76
N PRO C 24 1.07 -6.45 11.96
CA PRO C 24 0.81 -5.59 13.10
C PRO C 24 1.40 -4.21 12.84
N SER C 25 0.78 -3.18 13.41
CA SER C 25 1.18 -1.80 13.25
C SER C 25 2.57 -1.53 13.79
N ASN C 26 3.00 -2.38 14.74
CA ASN C 26 3.99 -1.94 15.69
C ASN C 26 5.22 -2.87 15.70
N ILE C 27 5.37 -3.73 14.70
CA ILE C 27 6.59 -4.53 14.67
C ILE C 27 7.78 -3.59 14.50
N SER C 28 8.86 -3.91 15.23
CA SER C 28 10.07 -3.10 15.32
C SER C 28 11.11 -3.49 14.28
N SER C 29 12.33 -2.96 14.45
CA SER C 29 13.39 -3.21 13.49
C SER C 29 13.83 -4.67 13.59
N TRP C 30 13.50 -5.29 14.72
CA TRP C 30 13.88 -6.67 15.00
C TRP C 30 13.12 -7.64 14.09
N TRP C 31 12.03 -7.18 13.46
CA TRP C 31 11.29 -8.00 12.51
C TRP C 31 11.83 -7.85 11.08
N ASN C 32 12.91 -7.07 10.93
CA ASN C 32 13.53 -6.90 9.63
C ASN C 32 14.29 -8.14 9.21
N PHE C 33 14.65 -8.98 10.19
CA PHE C 33 15.71 -9.93 9.99
C PHE C 33 15.29 -11.05 9.06
N GLY C 34 14.00 -11.41 9.11
CA GLY C 34 13.43 -12.44 8.25
C GLY C 34 13.63 -12.16 6.76
N SER C 35 13.23 -10.96 6.33
CA SER C 35 13.46 -10.52 4.97
C SER C 35 14.97 -10.52 4.68
N LEU C 36 15.75 -10.00 5.62
CA LEU C 36 17.17 -9.89 5.43
C LEU C 36 17.80 -11.27 5.26
N LEU C 37 17.31 -12.25 6.01
CA LEU C 37 17.79 -13.62 5.86
C LEU C 37 17.51 -14.13 4.45
N GLY C 38 16.32 -13.81 3.94
CA GLY C 38 15.99 -14.17 2.56
C GLY C 38 17.00 -13.60 1.58
N ILE C 39 17.38 -12.33 1.81
CA ILE C 39 18.34 -11.64 0.96
C ILE C 39 19.68 -12.35 1.05
N CYS C 40 20.11 -12.60 2.29
CA CYS C 40 21.34 -13.32 2.54
C CYS C 40 21.35 -14.57 1.67
N LEU C 41 20.21 -15.27 1.64
CA LEU C 41 20.12 -16.56 0.98
C LEU C 41 20.24 -16.43 -0.54
N ILE C 42 19.53 -15.45 -1.10
CA ILE C 42 19.58 -15.15 -2.52
C ILE C 42 21.01 -14.73 -2.89
N LEU C 43 21.63 -13.93 -2.00
CA LEU C 43 22.94 -13.33 -2.20
C LEU C 43 23.97 -14.43 -2.34
N GLN C 44 23.97 -15.32 -1.34
CA GLN C 44 24.85 -16.48 -1.39
C GLN C 44 24.64 -17.29 -2.67
N ILE C 45 23.38 -17.49 -3.10
CA ILE C 45 23.16 -18.35 -4.26
C ILE C 45 23.74 -17.70 -5.51
N LEU C 46 23.58 -16.37 -5.64
CA LEU C 46 24.06 -15.72 -6.85
C LEU C 46 25.57 -15.71 -6.86
N THR C 47 26.17 -15.16 -5.80
CA THR C 47 27.62 -15.04 -5.70
C THR C 47 28.20 -16.45 -5.77
N GLY C 48 27.55 -17.38 -5.07
CA GLY C 48 27.94 -18.78 -5.11
C GLY C 48 27.97 -19.31 -6.54
N LEU C 49 26.89 -19.08 -7.29
CA LEU C 49 26.77 -19.63 -8.64
C LEU C 49 27.93 -19.11 -9.50
N PHE C 50 28.25 -17.83 -9.33
CA PHE C 50 29.29 -17.22 -10.13
C PHE C 50 30.63 -17.85 -9.79
N LEU C 51 30.88 -17.99 -8.49
CA LEU C 51 32.14 -18.58 -8.07
C LEU C 51 32.28 -19.97 -8.69
N ALA C 52 31.16 -20.71 -8.76
CA ALA C 52 31.18 -22.13 -9.09
C ALA C 52 31.42 -22.34 -10.59
N MET C 53 31.32 -21.24 -11.36
CA MET C 53 31.61 -21.25 -12.78
C MET C 53 33.11 -21.22 -13.00
N HIS C 54 33.90 -21.06 -11.91
CA HIS C 54 35.33 -20.78 -11.99
C HIS C 54 36.15 -21.69 -11.06
N TYR C 55 35.49 -22.29 -10.06
CA TYR C 55 36.19 -23.06 -9.03
C TYR C 55 36.30 -24.52 -9.45
N THR C 56 37.32 -25.23 -8.92
CA THR C 56 37.43 -26.68 -9.06
C THR C 56 37.62 -27.35 -7.70
N SER C 57 37.05 -28.56 -7.53
CA SER C 57 37.06 -29.28 -6.26
C SER C 57 37.99 -30.49 -6.34
N ASP C 58 39.17 -30.26 -6.92
CA ASP C 58 40.26 -31.21 -6.75
C ASP C 58 41.27 -30.61 -5.78
N THR C 59 41.67 -31.40 -4.78
CA THR C 59 42.70 -31.07 -3.80
C THR C 59 43.86 -30.27 -4.42
N THR C 60 44.29 -30.67 -5.62
CA THR C 60 45.45 -30.09 -6.27
C THR C 60 45.12 -28.71 -6.86
N THR C 61 43.96 -28.53 -7.48
CA THR C 61 43.64 -27.32 -8.21
C THR C 61 42.88 -26.30 -7.34
N ALA C 62 42.29 -26.75 -6.22
CA ALA C 62 41.21 -26.03 -5.56
C ALA C 62 41.68 -24.70 -4.97
N PHE C 63 42.73 -24.74 -4.14
CA PHE C 63 43.24 -23.52 -3.53
C PHE C 63 43.54 -22.47 -4.62
N SER C 64 44.16 -22.92 -5.72
CA SER C 64 44.61 -21.97 -6.71
C SER C 64 43.45 -21.49 -7.56
N SER C 65 42.43 -22.34 -7.77
CA SER C 65 41.28 -21.91 -8.56
C SER C 65 40.58 -20.72 -7.90
N VAL C 66 40.58 -20.69 -6.56
CA VAL C 66 39.94 -19.62 -5.80
C VAL C 66 40.74 -18.33 -5.93
N THR C 67 42.08 -18.47 -5.87
CA THR C 67 42.94 -17.31 -5.94
C THR C 67 42.93 -16.78 -7.38
N HIS C 68 42.66 -17.70 -8.31
CA HIS C 68 42.52 -17.39 -9.73
C HIS C 68 41.30 -16.50 -9.93
N ILE C 69 40.22 -16.81 -9.21
CA ILE C 69 39.03 -15.97 -9.20
C ILE C 69 39.44 -14.56 -8.77
N CYS C 70 40.33 -14.48 -7.79
CA CYS C 70 40.66 -13.21 -7.15
C CYS C 70 41.69 -12.43 -7.94
N ARG C 71 42.42 -13.10 -8.84
CA ARG C 71 43.46 -12.42 -9.59
C ARG C 71 43.04 -12.14 -11.03
N ASP C 72 42.47 -13.16 -11.71
CA ASP C 72 42.36 -13.22 -13.17
C ASP C 72 40.90 -13.23 -13.69
N VAL C 73 39.93 -13.57 -12.83
CA VAL C 73 38.54 -13.52 -13.26
C VAL C 73 38.08 -12.08 -13.10
N ASN C 74 37.25 -11.62 -14.04
CA ASN C 74 36.83 -10.22 -14.05
C ASN C 74 35.88 -9.98 -12.89
N TYR C 75 36.28 -9.12 -11.93
CA TYR C 75 35.46 -8.80 -10.77
C TYR C 75 35.32 -10.02 -9.86
N GLY C 76 36.07 -11.08 -10.16
CA GLY C 76 36.01 -12.29 -9.36
C GLY C 76 36.30 -12.00 -7.89
N TRP C 77 37.17 -11.02 -7.66
CA TRP C 77 37.52 -10.67 -6.29
C TRP C 77 36.31 -10.20 -5.49
N ILE C 78 35.54 -9.25 -6.05
CA ILE C 78 34.47 -8.66 -5.27
C ILE C 78 33.41 -9.70 -4.98
N ILE C 79 33.08 -10.49 -6.01
CA ILE C 79 32.16 -11.61 -5.88
C ILE C 79 32.59 -12.54 -4.74
N ARG C 80 33.89 -12.89 -4.69
CA ARG C 80 34.33 -13.90 -3.76
C ARG C 80 34.21 -13.39 -2.33
N TYR C 81 34.58 -12.10 -2.14
CA TYR C 81 34.65 -11.50 -0.81
C TYR C 81 33.24 -11.25 -0.32
N MET C 82 32.36 -11.05 -1.30
CA MET C 82 30.97 -10.83 -0.98
C MET C 82 30.36 -12.12 -0.43
N HIS C 83 30.63 -13.24 -1.11
CA HIS C 83 30.11 -14.54 -0.73
C HIS C 83 30.68 -14.95 0.63
N ALA C 84 31.87 -14.43 0.94
CA ALA C 84 32.47 -14.76 2.22
C ALA C 84 31.95 -13.84 3.33
N ASN C 85 31.95 -12.53 3.10
CA ASN C 85 31.34 -11.67 4.10
C ASN C 85 29.84 -11.93 4.14
N GLY C 86 29.27 -12.23 2.97
CA GLY C 86 27.88 -12.66 2.93
C GLY C 86 27.59 -13.70 4.00
N ALA C 87 28.46 -14.71 4.11
CA ALA C 87 28.20 -15.79 5.04
C ALA C 87 28.15 -15.28 6.48
N SER C 88 29.04 -14.33 6.80
CA SER C 88 28.98 -13.67 8.10
C SER C 88 27.66 -12.92 8.32
N MET C 89 27.24 -12.13 7.31
CA MET C 89 26.04 -11.32 7.43
C MET C 89 24.84 -12.24 7.65
N PHE C 90 24.88 -13.42 7.02
CA PHE C 90 23.80 -14.38 7.15
C PHE C 90 23.68 -14.85 8.59
N PHE C 91 24.84 -15.08 9.24
CA PHE C 91 24.83 -15.57 10.61
C PHE C 91 24.51 -14.45 11.57
N ILE C 92 24.89 -13.23 11.20
CA ILE C 92 24.44 -12.15 12.06
C ILE C 92 22.92 -12.11 12.00
N CYS C 93 22.37 -12.17 10.79
CA CYS C 93 20.94 -12.03 10.64
C CYS C 93 20.24 -13.15 11.38
N LEU C 94 20.86 -14.34 11.31
CA LEU C 94 20.31 -15.53 11.93
C LEU C 94 20.26 -15.39 13.45
N TYR C 95 21.31 -14.80 14.03
CA TYR C 95 21.38 -14.77 15.48
C TYR C 95 20.52 -13.64 16.01
N MET C 96 20.43 -12.55 15.25
CA MET C 96 19.52 -11.49 15.60
C MET C 96 18.09 -12.05 15.60
N HIS C 97 17.77 -12.81 14.54
CA HIS C 97 16.43 -13.31 14.27
C HIS C 97 16.00 -14.22 15.42
N VAL C 98 16.96 -15.01 15.91
CA VAL C 98 16.69 -16.03 16.92
C VAL C 98 16.52 -15.31 18.25
N GLY C 99 17.30 -14.25 18.42
CA GLY C 99 17.21 -13.37 19.56
C GLY C 99 15.78 -12.85 19.75
N ARG C 100 15.23 -12.33 18.65
CA ARG C 100 13.89 -11.74 18.71
C ARG C 100 12.90 -12.82 19.09
N GLY C 101 13.05 -13.99 18.46
CA GLY C 101 12.26 -15.14 18.82
C GLY C 101 12.22 -15.34 20.34
N LEU C 102 13.38 -15.29 20.98
CA LEU C 102 13.43 -15.67 22.38
C LEU C 102 12.82 -14.58 23.24
N TYR C 103 13.12 -13.33 22.90
CA TYR C 103 12.81 -12.23 23.79
C TYR C 103 11.32 -11.93 23.73
N TYR C 104 10.76 -12.07 22.53
CA TYR C 104 9.38 -11.65 22.32
C TYR C 104 8.44 -12.85 22.33
N GLY C 105 8.97 -14.03 22.62
CA GLY C 105 8.08 -15.18 22.74
C GLY C 105 7.47 -15.58 21.41
N SER C 106 8.18 -15.31 20.32
CA SER C 106 7.67 -15.70 19.01
C SER C 106 7.65 -17.23 18.87
N TYR C 107 8.40 -17.95 19.72
CA TYR C 107 8.60 -19.39 19.64
C TYR C 107 7.32 -20.11 20.05
N THR C 108 6.31 -19.34 20.49
CA THR C 108 5.03 -19.97 20.79
C THR C 108 4.44 -20.52 19.49
N PHE C 109 4.81 -19.91 18.36
CA PHE C 109 4.44 -20.40 17.04
C PHE C 109 5.27 -21.65 16.72
N LEU C 110 4.80 -22.80 17.20
CA LEU C 110 5.65 -23.98 17.33
C LEU C 110 6.14 -24.46 15.97
N GLU C 111 5.21 -24.60 15.01
CA GLU C 111 5.62 -25.19 13.77
C GLU C 111 6.66 -24.27 13.13
N THR C 112 6.31 -22.97 13.03
CA THR C 112 7.18 -21.96 12.45
C THR C 112 8.56 -22.11 13.06
N TRP C 113 8.61 -22.17 14.41
CA TRP C 113 9.81 -22.20 15.24
C TRP C 113 10.71 -23.41 14.97
N ASN C 114 10.13 -24.61 14.95
CA ASN C 114 10.96 -25.79 14.76
C ASN C 114 11.51 -25.85 13.34
N ILE C 115 10.70 -25.45 12.35
CA ILE C 115 11.18 -25.31 10.99
C ILE C 115 12.45 -24.44 11.07
N GLY C 116 12.36 -23.39 11.89
CA GLY C 116 13.40 -22.39 11.97
C GLY C 116 14.70 -22.98 12.52
N VAL C 117 14.56 -23.78 13.57
CA VAL C 117 15.66 -24.53 14.14
C VAL C 117 16.37 -25.30 13.04
N ILE C 118 15.57 -25.97 12.18
CA ILE C 118 16.08 -26.76 11.06
C ILE C 118 16.73 -25.85 10.04
N LEU C 119 16.14 -24.68 9.80
CA LEU C 119 16.80 -23.77 8.90
C LEU C 119 18.23 -23.49 9.39
N LEU C 120 18.36 -23.26 10.70
CA LEU C 120 19.60 -22.89 11.36
C LEU C 120 20.63 -24.00 11.20
N LEU C 121 20.21 -25.22 11.53
CA LEU C 121 21.07 -26.37 11.36
C LEU C 121 21.51 -26.46 9.91
N THR C 122 20.60 -26.18 8.98
CA THR C 122 20.88 -26.46 7.58
C THR C 122 21.88 -25.43 7.04
N VAL C 123 21.75 -24.20 7.50
CA VAL C 123 22.65 -23.12 7.11
C VAL C 123 24.00 -23.37 7.74
N MET C 124 24.01 -23.90 8.97
CA MET C 124 25.23 -24.29 9.66
C MET C 124 25.98 -25.32 8.82
N ALA C 125 25.31 -26.41 8.43
CA ALA C 125 25.96 -27.44 7.64
C ALA C 125 26.57 -26.79 6.40
N THR C 126 25.79 -25.87 5.79
CA THR C 126 26.15 -25.30 4.51
C THR C 126 27.49 -24.57 4.63
N ALA C 127 27.57 -23.71 5.65
CA ALA C 127 28.69 -22.79 5.84
C ALA C 127 29.91 -23.56 6.34
N PHE C 128 29.66 -24.70 6.98
CA PHE C 128 30.77 -25.49 7.48
C PHE C 128 31.50 -26.05 6.27
N MET C 129 30.74 -26.55 5.30
CA MET C 129 31.27 -27.23 4.14
C MET C 129 31.81 -26.25 3.11
N GLY C 130 31.24 -25.04 3.07
CA GLY C 130 31.70 -24.00 2.18
C GLY C 130 33.12 -23.56 2.56
N TYR C 131 33.37 -23.47 3.87
CA TYR C 131 34.64 -22.99 4.41
C TYR C 131 35.76 -23.97 4.05
N VAL C 132 35.40 -25.21 3.73
CA VAL C 132 36.38 -26.22 3.38
C VAL C 132 36.79 -26.03 1.92
N LEU C 133 35.90 -25.46 1.11
CA LEU C 133 36.02 -25.46 -0.35
C LEU C 133 37.32 -24.83 -0.83
N PRO C 134 37.82 -23.72 -0.25
CA PRO C 134 39.11 -23.17 -0.65
C PRO C 134 40.35 -24.03 -0.37
N TRP C 135 40.25 -24.91 0.63
CA TRP C 135 41.33 -25.85 0.92
C TRP C 135 42.56 -25.13 1.48
N GLY C 136 42.30 -24.20 2.42
CA GLY C 136 43.32 -23.52 3.20
C GLY C 136 43.69 -24.33 4.44
N GLN C 137 44.62 -23.82 5.23
CA GLN C 137 45.05 -24.52 6.44
C GLN C 137 43.87 -24.67 7.41
N MET C 138 43.11 -23.59 7.62
CA MET C 138 42.03 -23.66 8.58
C MET C 138 40.94 -24.57 8.06
N SER C 139 40.54 -24.35 6.80
CA SER C 139 39.56 -25.17 6.11
C SER C 139 39.83 -26.63 6.46
N PHE C 140 41.08 -27.04 6.27
CA PHE C 140 41.38 -28.45 6.26
C PHE C 140 41.40 -28.99 7.69
N TRP C 141 42.14 -28.30 8.55
CA TRP C 141 42.34 -28.81 9.89
C TRP C 141 41.07 -28.63 10.71
N GLY C 142 40.32 -27.55 10.42
CA GLY C 142 39.01 -27.32 11.00
C GLY C 142 38.09 -28.51 10.72
N ALA C 143 37.99 -28.87 9.43
CA ALA C 143 37.04 -29.88 8.95
C ALA C 143 37.40 -31.25 9.51
N THR C 144 38.70 -31.43 9.76
CA THR C 144 39.24 -32.69 10.25
C THR C 144 38.82 -32.87 11.71
N VAL C 145 39.07 -31.85 12.54
CA VAL C 145 38.86 -31.96 13.98
C VAL C 145 37.37 -32.21 14.26
N ILE C 146 36.55 -31.45 13.55
CA ILE C 146 35.12 -31.35 13.80
C ILE C 146 34.46 -32.65 13.36
N THR C 147 34.73 -33.08 12.13
CA THR C 147 34.15 -34.32 11.66
C THR C 147 34.55 -35.49 12.55
N ASN C 148 35.76 -35.40 13.13
CA ASN C 148 36.29 -36.46 13.99
C ASN C 148 35.48 -36.63 15.27
N LEU C 149 34.75 -35.59 15.66
CA LEU C 149 33.96 -35.74 16.87
C LEU C 149 32.96 -36.89 16.71
N LEU C 150 32.57 -37.22 15.47
CA LEU C 150 31.55 -38.22 15.30
C LEU C 150 32.15 -39.59 15.53
N SER C 151 33.49 -39.62 15.69
CA SER C 151 34.24 -40.81 16.05
C SER C 151 33.94 -41.23 17.48
N ALA C 152 33.59 -40.24 18.33
CA ALA C 152 33.33 -40.47 19.75
C ALA C 152 32.02 -41.22 19.97
N ILE C 153 31.12 -41.21 18.97
CA ILE C 153 29.96 -42.09 18.96
C ILE C 153 30.45 -43.53 19.18
N PRO C 154 30.05 -44.21 20.27
CA PRO C 154 30.54 -45.56 20.53
C PRO C 154 29.84 -46.49 19.53
N TYR C 155 30.45 -47.68 19.36
CA TYR C 155 30.09 -48.68 18.37
C TYR C 155 30.53 -48.16 16.99
N ILE C 156 29.83 -47.16 16.46
CA ILE C 156 29.84 -46.88 15.04
C ILE C 156 30.72 -45.67 14.68
N GLY C 157 31.26 -44.98 15.67
CA GLY C 157 31.87 -43.68 15.44
C GLY C 157 32.91 -43.70 14.31
N THR C 158 33.86 -44.64 14.43
CA THR C 158 35.01 -44.68 13.54
C THR C 158 34.51 -44.90 12.13
N ASN C 159 33.60 -45.87 11.97
CA ASN C 159 33.13 -46.25 10.65
C ASN C 159 32.41 -45.07 10.03
N LEU C 160 31.68 -44.34 10.88
CA LEU C 160 30.76 -43.34 10.39
C LEU C 160 31.56 -42.17 9.84
N VAL C 161 32.62 -41.79 10.55
CA VAL C 161 33.43 -40.66 10.15
C VAL C 161 34.19 -41.00 8.86
N GLU C 162 34.59 -42.27 8.72
CA GLU C 162 35.36 -42.70 7.56
C GLU C 162 34.48 -42.75 6.31
N TRP C 163 33.19 -42.99 6.51
CA TRP C 163 32.22 -43.05 5.43
C TRP C 163 31.88 -41.64 4.96
N ILE C 164 31.80 -40.69 5.90
CA ILE C 164 31.62 -39.29 5.53
C ILE C 164 32.80 -38.88 4.66
N TRP C 165 34.01 -39.14 5.16
CA TRP C 165 35.22 -38.74 4.47
C TRP C 165 35.32 -39.40 3.10
N GLY C 166 34.95 -40.67 3.02
CA GLY C 166 35.15 -41.44 1.80
C GLY C 166 36.60 -41.92 1.67
N GLY C 167 37.22 -42.14 2.85
CA GLY C 167 38.61 -42.59 2.96
C GLY C 167 39.08 -42.55 4.41
N PHE C 168 40.40 -42.41 4.60
CA PHE C 168 41.05 -42.52 5.89
C PHE C 168 41.43 -41.15 6.47
N SER C 169 41.28 -40.10 5.67
CA SER C 169 41.35 -38.75 6.19
C SER C 169 40.49 -37.84 5.33
N VAL C 170 40.34 -36.58 5.75
CA VAL C 170 39.76 -35.58 4.88
C VAL C 170 40.68 -35.43 3.67
N ASP C 171 40.21 -35.83 2.48
CA ASP C 171 41.07 -35.85 1.30
C ASP C 171 40.24 -35.60 0.06
N LYS C 172 40.63 -36.21 -1.08
CA LYS C 172 40.19 -35.70 -2.37
C LYS C 172 38.66 -35.84 -2.45
N ALA C 173 38.22 -37.04 -2.06
CA ALA C 173 36.84 -37.50 -2.11
C ALA C 173 35.95 -36.69 -1.19
N THR C 174 36.49 -36.19 -0.07
CA THR C 174 35.71 -35.42 0.89
C THR C 174 35.44 -34.04 0.30
N LEU C 175 36.44 -33.45 -0.34
CA LEU C 175 36.29 -32.09 -0.86
C LEU C 175 35.26 -32.10 -1.99
N THR C 176 35.32 -33.11 -2.85
CA THR C 176 34.47 -33.14 -4.03
C THR C 176 33.01 -33.30 -3.61
N ARG C 177 32.79 -34.04 -2.52
CA ARG C 177 31.44 -34.30 -2.04
C ARG C 177 30.91 -33.10 -1.27
N PHE C 178 31.81 -32.38 -0.59
CA PHE C 178 31.43 -31.19 0.16
C PHE C 178 31.05 -30.07 -0.80
N PHE C 179 31.68 -30.08 -1.99
CA PHE C 179 31.32 -29.11 -3.01
C PHE C 179 29.88 -29.39 -3.41
N ALA C 180 29.60 -30.66 -3.72
CA ALA C 180 28.28 -31.09 -4.12
C ALA C 180 27.23 -30.70 -3.08
N PHE C 181 27.49 -31.05 -1.81
CA PHE C 181 26.53 -30.80 -0.73
C PHE C 181 26.28 -29.31 -0.58
N HIS C 182 27.37 -28.53 -0.62
CA HIS C 182 27.35 -27.10 -0.40
C HIS C 182 26.50 -26.40 -1.47
N PHE C 183 26.34 -27.05 -2.64
CA PHE C 183 25.67 -26.45 -3.78
C PHE C 183 24.16 -26.64 -3.64
N ILE C 184 23.78 -27.88 -3.29
CA ILE C 184 22.39 -28.30 -3.26
C ILE C 184 21.72 -27.86 -1.95
N LEU C 185 22.50 -27.61 -0.89
CA LEU C 185 21.88 -27.35 0.40
C LEU C 185 21.09 -26.04 0.42
N PRO C 186 21.65 -24.93 -0.11
CA PRO C 186 20.91 -23.67 -0.19
C PRO C 186 19.56 -23.84 -0.88
N PHE C 187 19.49 -24.76 -1.85
CA PHE C 187 18.24 -25.00 -2.56
C PHE C 187 17.25 -25.58 -1.55
N ILE C 188 17.72 -26.53 -0.75
CA ILE C 188 16.82 -27.16 0.19
C ILE C 188 16.43 -26.13 1.25
N ILE C 189 17.35 -25.21 1.56
CA ILE C 189 17.07 -24.14 2.51
C ILE C 189 15.94 -23.26 1.99
N MET C 190 15.96 -22.97 0.69
CA MET C 190 14.88 -22.19 0.11
C MET C 190 13.52 -22.86 0.33
N ALA C 191 13.44 -24.17 0.16
CA ALA C 191 12.14 -24.82 0.29
C ALA C 191 11.70 -24.82 1.74
N ILE C 192 12.62 -25.20 2.63
CA ILE C 192 12.30 -25.20 4.04
C ILE C 192 11.82 -23.81 4.46
N ALA C 193 12.50 -22.77 3.93
CA ALA C 193 12.09 -21.41 4.22
C ALA C 193 10.69 -21.12 3.67
N MET C 194 10.36 -21.54 2.44
CA MET C 194 9.00 -21.47 1.91
CA MET C 194 9.00 -21.37 1.97
C MET C 194 8.05 -21.98 3.00
N VAL C 195 8.30 -23.23 3.45
CA VAL C 195 7.46 -23.84 4.46
C VAL C 195 7.44 -23.02 5.76
N HIS C 196 8.60 -22.46 6.15
CA HIS C 196 8.76 -21.66 7.35
C HIS C 196 7.71 -20.56 7.32
N LEU C 197 7.65 -19.87 6.17
CA LEU C 197 6.67 -18.83 5.95
C LEU C 197 5.25 -19.39 5.94
N LEU C 198 5.04 -20.51 5.23
CA LEU C 198 3.69 -21.05 5.08
C LEU C 198 3.01 -21.16 6.45
N PHE C 199 3.76 -21.59 7.47
CA PHE C 199 3.20 -21.77 8.79
C PHE C 199 3.04 -20.43 9.48
N LEU C 200 3.95 -19.50 9.15
CA LEU C 200 3.84 -18.21 9.81
C LEU C 200 2.55 -17.54 9.35
N HIS C 201 2.21 -17.75 8.07
CA HIS C 201 1.08 -17.08 7.45
C HIS C 201 -0.23 -17.60 8.05
N GLU C 202 -0.23 -18.76 8.72
CA GLU C 202 -1.40 -19.22 9.46
C GLU C 202 -1.73 -18.37 10.68
N THR C 203 -0.76 -17.70 11.29
CA THR C 203 -1.01 -17.06 12.57
C THR C 203 -0.86 -15.56 12.41
N GLY C 204 -0.19 -15.14 11.32
CA GLY C 204 0.33 -13.80 11.21
C GLY C 204 1.45 -13.57 12.22
N SER C 205 1.95 -12.33 12.29
CA SER C 205 3.14 -12.08 13.09
C SER C 205 2.78 -11.79 14.55
N ASN C 206 3.72 -12.12 15.44
CA ASN C 206 3.76 -11.60 16.79
C ASN C 206 4.13 -10.11 16.73
N ASN C 207 4.11 -9.43 17.88
CA ASN C 207 4.64 -8.08 17.96
C ASN C 207 5.33 -7.86 19.31
N PRO C 208 6.05 -6.73 19.50
CA PRO C 208 6.81 -6.48 20.73
C PRO C 208 6.05 -6.43 22.04
N THR C 209 4.77 -6.02 22.00
CA THR C 209 3.97 -6.07 23.21
C THR C 209 3.70 -7.52 23.62
N GLY C 210 3.68 -8.42 22.65
CA GLY C 210 3.31 -9.80 22.90
C GLY C 210 1.80 -9.97 22.93
N ILE C 211 1.06 -8.86 22.76
CA ILE C 211 -0.39 -8.86 22.89
C ILE C 211 -1.02 -8.97 21.50
N SER C 212 -2.14 -9.70 21.37
CA SER C 212 -2.68 -9.88 20.03
C SER C 212 -2.90 -8.53 19.33
N SER C 213 -2.63 -8.43 18.02
CA SER C 213 -2.71 -7.14 17.35
C SER C 213 -3.78 -7.07 16.25
N ASP C 214 -4.84 -7.88 16.36
CA ASP C 214 -5.83 -7.92 15.30
C ASP C 214 -6.61 -6.62 15.20
N VAL C 215 -6.67 -5.89 16.31
CA VAL C 215 -7.42 -4.66 16.33
C VAL C 215 -6.59 -3.53 15.72
N ASP C 216 -5.33 -3.80 15.35
CA ASP C 216 -4.52 -2.76 14.75
C ASP C 216 -3.51 -3.35 13.78
N LYS C 217 -4.04 -3.95 12.71
CA LYS C 217 -3.21 -4.42 11.62
C LYS C 217 -3.21 -3.38 10.52
N ILE C 218 -2.27 -3.50 9.57
CA ILE C 218 -2.10 -2.56 8.47
C ILE C 218 -1.63 -3.38 7.28
N PRO C 219 -1.93 -2.96 6.04
CA PRO C 219 -1.57 -3.75 4.87
C PRO C 219 -0.05 -3.66 4.84
N PHE C 220 0.59 -4.77 4.48
CA PHE C 220 2.03 -4.92 4.42
C PHE C 220 2.62 -3.87 3.49
N HIS C 221 2.05 -3.80 2.28
CA HIS C 221 2.45 -2.80 1.32
C HIS C 221 1.49 -1.63 1.51
N PRO C 222 2.01 -0.39 1.68
CA PRO C 222 3.42 -0.07 1.47
C PRO C 222 4.27 0.08 2.72
N TYR C 223 3.69 -0.17 3.90
CA TYR C 223 4.33 0.21 5.14
C TYR C 223 5.62 -0.57 5.32
N TYR C 224 5.53 -1.88 5.07
CA TYR C 224 6.59 -2.81 5.38
C TYR C 224 7.39 -3.08 4.11
N THR C 225 6.87 -2.70 2.94
CA THR C 225 7.70 -2.79 1.74
C THR C 225 8.81 -1.75 1.83
N ILE C 226 8.45 -0.52 2.19
CA ILE C 226 9.45 0.52 2.29
C ILE C 226 10.46 0.13 3.36
N LYS C 227 9.95 -0.45 4.44
CA LYS C 227 10.73 -0.57 5.67
C LYS C 227 11.74 -1.70 5.50
N ASP C 228 11.35 -2.74 4.75
CA ASP C 228 12.25 -3.85 4.49
C ASP C 228 13.38 -3.38 3.58
N ILE C 229 13.03 -2.59 2.55
CA ILE C 229 13.99 -1.99 1.64
C ILE C 229 15.02 -1.19 2.43
N LEU C 230 14.53 -0.39 3.38
CA LEU C 230 15.44 0.44 4.16
C LEU C 230 16.45 -0.46 4.87
N GLY C 231 15.93 -1.53 5.46
CA GLY C 231 16.71 -2.53 6.16
C GLY C 231 17.73 -3.20 5.24
N ALA C 232 17.32 -3.52 4.01
CA ALA C 232 18.19 -4.15 3.03
C ALA C 232 19.31 -3.19 2.63
N LEU C 233 18.99 -1.91 2.54
CA LEU C 233 20.05 -0.94 2.27
C LEU C 233 21.09 -1.05 3.37
N LEU C 234 20.63 -1.07 4.62
CA LEU C 234 21.50 -1.07 5.78
C LEU C 234 22.35 -2.34 5.84
N LEU C 235 21.74 -3.48 5.48
CA LEU C 235 22.47 -4.72 5.29
C LEU C 235 23.51 -4.51 4.19
N ILE C 236 23.11 -3.99 3.03
CA ILE C 236 24.12 -3.76 2.02
C ILE C 236 25.20 -2.79 2.50
N LEU C 237 24.83 -1.75 3.25
CA LEU C 237 25.84 -0.80 3.70
C LEU C 237 26.93 -1.57 4.43
N ALA C 238 26.45 -2.39 5.36
CA ALA C 238 27.26 -3.20 6.25
C ALA C 238 28.10 -4.19 5.46
N LEU C 239 27.46 -4.97 4.58
CA LEU C 239 28.14 -6.02 3.84
C LEU C 239 29.34 -5.42 3.13
N MET C 240 29.08 -4.30 2.43
CA MET C 240 30.04 -3.73 1.52
C MET C 240 31.12 -3.00 2.31
N LEU C 241 30.80 -2.57 3.54
CA LEU C 241 31.79 -1.90 4.39
C LEU C 241 32.93 -2.87 4.61
N LEU C 242 32.54 -4.10 4.99
CA LEU C 242 33.45 -5.22 5.11
C LEU C 242 34.19 -5.45 3.79
N VAL C 243 33.45 -5.73 2.70
CA VAL C 243 34.07 -6.21 1.47
C VAL C 243 35.08 -5.20 0.91
N LEU C 244 34.76 -3.91 1.11
CA LEU C 244 35.49 -2.90 0.38
C LEU C 244 36.49 -2.21 1.30
N PHE C 245 36.28 -2.32 2.61
CA PHE C 245 37.20 -1.66 3.54
C PHE C 245 37.96 -2.68 4.39
N ALA C 246 37.34 -3.84 4.65
CA ALA C 246 37.89 -4.72 5.66
C ALA C 246 37.64 -6.18 5.31
N PRO C 247 37.93 -6.65 4.07
CA PRO C 247 37.33 -7.88 3.58
C PRO C 247 37.73 -9.08 4.44
N ASP C 248 38.86 -8.97 5.15
CA ASP C 248 39.44 -10.09 5.86
C ASP C 248 39.19 -10.01 7.36
N LEU C 249 38.50 -8.95 7.79
CA LEU C 249 38.30 -8.68 9.20
C LEU C 249 37.76 -9.89 9.96
N LEU C 250 36.81 -10.63 9.36
CA LEU C 250 36.17 -11.70 10.12
C LEU C 250 36.77 -13.07 9.84
N GLY C 251 37.90 -13.13 9.13
CA GLY C 251 38.44 -14.43 8.78
C GLY C 251 39.78 -14.67 9.46
N ASP C 252 40.35 -15.85 9.18
CA ASP C 252 41.63 -16.24 9.74
C ASP C 252 42.67 -16.26 8.62
N PRO C 253 43.87 -15.70 8.86
CA PRO C 253 44.94 -15.67 7.84
C PRO C 253 45.49 -17.03 7.40
N ASP C 254 45.40 -18.04 8.28
CA ASP C 254 45.93 -19.36 7.98
C ASP C 254 45.24 -19.90 6.74
N ASN C 255 44.16 -19.23 6.34
CA ASN C 255 43.35 -19.71 5.24
C ASN C 255 43.90 -19.12 3.94
N TYR C 256 45.02 -18.40 4.04
CA TYR C 256 45.77 -18.02 2.86
C TYR C 256 46.95 -18.96 2.63
N THR C 257 47.11 -19.97 3.49
CA THR C 257 48.25 -20.88 3.41
C THR C 257 47.69 -22.22 2.98
N PRO C 258 48.09 -22.79 1.81
CA PRO C 258 47.40 -23.98 1.33
C PRO C 258 47.38 -25.09 2.39
N ALA C 259 46.38 -25.97 2.27
CA ALA C 259 46.20 -27.05 3.22
C ALA C 259 47.35 -28.05 3.10
N ASN C 260 47.92 -28.44 4.25
CA ASN C 260 49.15 -29.21 4.33
C ASN C 260 48.99 -30.31 5.40
N PRO C 261 48.79 -31.60 5.01
CA PRO C 261 48.46 -32.63 5.99
C PRO C 261 49.56 -32.97 7.00
N LEU C 262 50.70 -32.27 6.89
CA LEU C 262 51.89 -32.60 7.67
C LEU C 262 52.21 -31.54 8.71
N ASN C 263 51.52 -30.39 8.68
CA ASN C 263 51.87 -29.27 9.53
C ASN C 263 50.61 -28.64 10.13
N THR C 264 50.39 -28.88 11.43
CA THR C 264 49.14 -28.49 12.08
C THR C 264 49.26 -27.03 12.56
N PRO C 265 48.26 -26.14 12.29
CA PRO C 265 48.32 -24.73 12.70
C PRO C 265 48.31 -24.52 14.20
N PRO C 266 48.92 -23.41 14.67
CA PRO C 266 49.13 -23.17 16.10
C PRO C 266 47.83 -23.11 16.92
N HIS C 267 46.81 -22.45 16.40
CA HIS C 267 45.53 -22.54 17.05
C HIS C 267 44.49 -22.87 15.97
N ILE C 268 43.76 -23.99 16.12
CA ILE C 268 42.70 -24.38 15.20
C ILE C 268 41.36 -23.88 15.72
N LYS C 269 40.67 -23.07 14.90
CA LYS C 269 39.35 -22.57 15.25
C LYS C 269 38.42 -22.71 14.04
N PRO C 270 37.09 -22.83 14.19
CA PRO C 270 36.21 -22.77 13.03
C PRO C 270 35.90 -21.29 12.84
N GLU C 271 34.96 -20.98 11.93
CA GLU C 271 34.51 -19.59 11.72
C GLU C 271 33.89 -19.03 13.01
N TRP C 272 33.81 -17.69 13.14
CA TRP C 272 33.39 -17.05 14.38
C TRP C 272 31.98 -17.45 14.83
N TYR C 273 31.10 -17.72 13.84
CA TYR C 273 29.70 -18.02 14.05
C TYR C 273 29.51 -19.42 14.64
N PHE C 274 30.60 -20.15 14.88
CA PHE C 274 30.51 -21.41 15.58
C PHE C 274 31.34 -21.40 16.87
N LEU C 275 31.81 -20.21 17.28
CA LEU C 275 32.79 -20.20 18.35
C LEU C 275 32.13 -20.50 19.68
N PHE C 276 30.90 -20.04 19.85
CA PHE C 276 30.25 -20.27 21.14
C PHE C 276 30.15 -21.78 21.38
N ALA C 277 29.90 -22.56 20.31
CA ALA C 277 29.65 -23.99 20.42
C ALA C 277 30.96 -24.76 20.52
N TYR C 278 32.00 -24.22 19.89
CA TYR C 278 33.34 -24.77 20.03
C TYR C 278 33.76 -24.69 21.49
N ALA C 279 33.50 -23.55 22.13
CA ALA C 279 33.92 -23.29 23.51
C ALA C 279 33.15 -24.18 24.50
N ILE C 280 31.89 -24.49 24.19
CA ILE C 280 31.13 -25.36 25.07
C ILE C 280 31.72 -26.76 24.98
N LEU C 281 32.00 -27.18 23.74
CA LEU C 281 32.56 -28.49 23.45
C LEU C 281 33.90 -28.65 24.17
N ARG C 282 34.75 -27.61 24.08
CA ARG C 282 36.10 -27.64 24.63
C ARG C 282 36.07 -27.64 26.15
N SER C 283 34.93 -27.27 26.76
CA SER C 283 34.88 -27.19 28.22
C SER C 283 34.85 -28.58 28.86
N ILE C 284 34.26 -29.55 28.16
CA ILE C 284 34.04 -30.89 28.70
C ILE C 284 35.34 -31.68 28.53
N PRO C 285 35.91 -32.30 29.60
CA PRO C 285 37.07 -33.20 29.45
C PRO C 285 36.85 -34.31 28.44
N ASN C 286 35.74 -35.05 28.59
CA ASN C 286 35.44 -36.28 27.85
C ASN C 286 34.95 -35.93 26.44
N LYS C 287 35.29 -36.75 25.44
CA LYS C 287 35.10 -36.33 24.05
C LYS C 287 33.64 -36.51 23.62
N LEU C 288 32.99 -37.58 24.06
CA LEU C 288 31.59 -37.79 23.75
C LEU C 288 30.73 -36.81 24.55
N GLY C 289 31.15 -36.53 25.78
CA GLY C 289 30.54 -35.48 26.56
C GLY C 289 30.50 -34.17 25.77
N GLY C 290 31.66 -33.76 25.25
CA GLY C 290 31.83 -32.52 24.51
C GLY C 290 30.96 -32.48 23.26
N VAL C 291 30.83 -33.63 22.57
CA VAL C 291 29.97 -33.78 21.42
C VAL C 291 28.51 -33.52 21.79
N LEU C 292 28.03 -34.15 22.87
CA LEU C 292 26.63 -34.10 23.23
C LEU C 292 26.26 -32.73 23.75
N ALA C 293 27.21 -32.05 24.40
CA ALA C 293 27.10 -30.66 24.80
C ALA C 293 27.00 -29.74 23.59
N LEU C 294 27.84 -30.00 22.57
CA LEU C 294 27.87 -29.17 21.38
C LEU C 294 26.51 -29.27 20.69
N ALA C 295 26.02 -30.51 20.56
CA ALA C 295 24.73 -30.77 19.93
C ALA C 295 23.61 -30.11 20.74
N PHE C 296 23.71 -30.18 22.08
CA PHE C 296 22.65 -29.69 22.95
C PHE C 296 22.64 -28.16 22.95
N SER C 297 23.81 -27.53 22.77
CA SER C 297 23.91 -26.08 22.74
C SER C 297 23.08 -25.47 21.60
N ILE C 298 22.70 -26.31 20.63
CA ILE C 298 21.97 -25.91 19.43
C ILE C 298 20.55 -26.47 19.52
N LEU C 299 20.43 -27.76 19.86
CA LEU C 299 19.16 -28.46 19.80
C LEU C 299 18.27 -28.00 20.95
N ILE C 300 18.89 -27.33 21.92
CA ILE C 300 18.13 -26.88 23.07
C ILE C 300 17.10 -25.87 22.61
N LEU C 301 17.40 -25.17 21.49
CA LEU C 301 16.50 -24.21 20.87
C LEU C 301 15.11 -24.82 20.80
N ALA C 302 15.08 -26.15 20.61
CA ALA C 302 13.87 -26.87 20.27
C ALA C 302 13.01 -27.03 21.51
N LEU C 303 13.67 -26.94 22.67
CA LEU C 303 13.02 -27.20 23.95
C LEU C 303 12.42 -25.94 24.58
N ILE C 304 12.99 -24.77 24.26
CA ILE C 304 12.67 -23.47 24.83
C ILE C 304 11.16 -23.21 24.89
N PRO C 305 10.36 -23.56 23.84
CA PRO C 305 8.91 -23.58 23.94
C PRO C 305 8.35 -24.25 25.18
N LEU C 306 8.94 -25.36 25.61
CA LEU C 306 8.34 -26.02 26.75
C LEU C 306 8.76 -25.39 28.08
N LEU C 307 9.88 -24.66 28.06
CA LEU C 307 10.46 -24.05 29.24
C LEU C 307 9.82 -22.69 29.58
N HIS C 308 8.85 -22.23 28.78
CA HIS C 308 8.18 -20.95 28.98
C HIS C 308 7.25 -21.03 30.17
N THR C 309 7.39 -20.09 31.11
CA THR C 309 6.57 -20.13 32.32
C THR C 309 5.70 -18.88 32.39
N SER C 310 6.11 -17.79 31.74
CA SER C 310 5.49 -16.50 32.00
C SER C 310 4.05 -16.51 31.49
N LYS C 311 3.18 -15.78 32.20
CA LYS C 311 1.80 -15.59 31.77
C LYS C 311 1.75 -14.53 30.66
N GLN C 312 2.84 -13.78 30.50
CA GLN C 312 2.97 -12.80 29.44
C GLN C 312 3.86 -13.42 28.36
N ARG C 313 3.60 -13.08 27.09
CA ARG C 313 4.28 -13.74 25.98
C ARG C 313 5.67 -13.13 25.80
N SER C 314 5.70 -11.80 25.80
CA SER C 314 6.89 -11.03 25.47
C SER C 314 7.55 -10.55 26.76
N MET C 315 8.87 -10.33 26.64
CA MET C 315 9.68 -9.87 27.75
C MET C 315 9.57 -8.36 27.96
N MET C 316 8.67 -7.71 27.24
CA MET C 316 8.65 -6.27 27.28
C MET C 316 8.36 -5.85 28.70
N PHE C 317 7.46 -6.59 29.37
CA PHE C 317 6.95 -6.18 30.66
C PHE C 317 7.46 -7.11 31.74
N ARG C 318 8.63 -7.69 31.48
CA ARG C 318 9.18 -8.72 32.34
C ARG C 318 10.61 -8.33 32.71
N PRO C 319 10.78 -7.37 33.64
CA PRO C 319 12.11 -6.84 33.95
C PRO C 319 13.14 -7.90 34.35
N LEU C 320 12.75 -8.85 35.20
CA LEU C 320 13.69 -9.83 35.72
CA LEU C 320 13.70 -9.82 35.71
C LEU C 320 14.17 -10.72 34.57
N SER C 321 13.22 -11.14 33.72
CA SER C 321 13.49 -11.92 32.53
C SER C 321 14.37 -11.18 31.53
N GLN C 322 14.18 -9.86 31.41
CA GLN C 322 14.97 -9.04 30.50
C GLN C 322 16.45 -9.08 30.90
N CYS C 323 16.71 -8.95 32.20
CA CYS C 323 18.08 -8.95 32.70
C CYS C 323 18.73 -10.28 32.37
N LEU C 324 17.97 -11.37 32.56
CA LEU C 324 18.48 -12.72 32.36
C LEU C 324 18.76 -12.95 30.89
N PHE C 325 17.91 -12.37 30.03
CA PHE C 325 18.03 -12.52 28.58
C PHE C 325 19.35 -11.92 28.13
N TRP C 326 19.64 -10.71 28.62
CA TRP C 326 20.83 -10.00 28.21
C TRP C 326 22.06 -10.67 28.79
N ALA C 327 21.88 -11.33 29.94
CA ALA C 327 22.92 -12.15 30.54
C ALA C 327 23.30 -13.27 29.58
N LEU C 328 22.29 -13.92 29.02
CA LEU C 328 22.51 -15.02 28.10
C LEU C 328 23.27 -14.51 26.88
N VAL C 329 22.93 -13.30 26.44
CA VAL C 329 23.50 -12.73 25.22
C VAL C 329 24.97 -12.48 25.48
N ALA C 330 25.26 -11.88 26.63
CA ALA C 330 26.61 -11.48 26.94
C ALA C 330 27.44 -12.75 27.12
N ASP C 331 26.80 -13.79 27.67
CA ASP C 331 27.46 -15.05 27.95
C ASP C 331 27.91 -15.70 26.63
N LEU C 332 27.11 -15.49 25.58
CA LEU C 332 27.37 -16.05 24.27
C LEU C 332 28.48 -15.25 23.60
N LEU C 333 28.58 -13.97 23.96
CA LEU C 333 29.71 -13.16 23.52
C LEU C 333 30.96 -13.72 24.19
N THR C 334 30.81 -14.13 25.46
CA THR C 334 31.93 -14.63 26.22
C THR C 334 32.35 -16.00 25.71
N LEU C 335 31.36 -16.85 25.43
CA LEU C 335 31.61 -18.18 24.89
C LEU C 335 32.36 -18.06 23.57
N THR C 336 32.12 -16.96 22.84
CA THR C 336 32.72 -16.77 21.52
C THR C 336 34.17 -16.36 21.70
N TRP C 337 34.39 -15.49 22.69
CA TRP C 337 35.72 -15.03 23.02
C TRP C 337 36.57 -16.22 23.41
N ILE C 338 36.04 -17.03 24.33
CA ILE C 338 36.68 -18.22 24.85
C ILE C 338 37.02 -19.19 23.72
N GLY C 339 36.10 -19.34 22.78
CA GLY C 339 36.28 -20.31 21.69
C GLY C 339 37.35 -19.90 20.70
N GLY C 340 37.70 -18.61 20.70
CA GLY C 340 38.75 -18.07 19.85
C GLY C 340 40.12 -18.10 20.54
N GLN C 341 40.13 -18.57 21.80
CA GLN C 341 41.31 -18.51 22.65
C GLN C 341 41.95 -19.89 22.78
N PRO C 342 43.28 -19.98 23.03
CA PRO C 342 43.96 -21.27 23.19
C PRO C 342 43.61 -21.84 24.57
N VAL C 343 43.72 -23.16 24.71
CA VAL C 343 43.23 -23.85 25.90
C VAL C 343 44.27 -23.73 27.03
N GLU C 344 44.24 -22.60 27.74
CA GLU C 344 45.20 -22.27 28.78
C GLU C 344 44.43 -21.56 29.90
N HIS C 345 45.03 -21.44 31.09
CA HIS C 345 44.51 -20.52 32.09
C HIS C 345 44.66 -19.07 31.59
N PRO C 346 43.71 -18.16 31.92
CA PRO C 346 42.48 -18.52 32.64
C PRO C 346 41.28 -19.05 31.85
N TYR C 347 41.42 -19.12 30.53
CA TYR C 347 40.34 -19.29 29.56
C TYR C 347 39.61 -20.62 29.72
N ILE C 348 40.32 -21.64 30.21
CA ILE C 348 39.74 -22.97 30.35
C ILE C 348 38.58 -22.85 31.31
N THR C 349 38.77 -22.02 32.34
CA THR C 349 37.88 -21.95 33.49
C THR C 349 36.78 -20.92 33.23
N ILE C 350 37.14 -19.83 32.55
CA ILE C 350 36.15 -18.89 32.03
C ILE C 350 35.16 -19.65 31.14
N GLY C 351 35.68 -20.44 30.18
CA GLY C 351 34.86 -21.25 29.30
C GLY C 351 33.94 -22.23 30.04
N GLN C 352 34.46 -22.87 31.09
CA GLN C 352 33.68 -23.86 31.81
C GLN C 352 32.50 -23.15 32.46
N LEU C 353 32.81 -22.00 33.04
CA LEU C 353 31.80 -21.24 33.73
C LEU C 353 30.76 -20.77 32.71
N ALA C 354 31.24 -20.22 31.59
CA ALA C 354 30.33 -19.69 30.59
C ALA C 354 29.38 -20.77 30.09
N SER C 355 29.90 -22.01 30.01
CA SER C 355 29.15 -23.15 29.51
C SER C 355 28.06 -23.52 30.52
N VAL C 356 28.44 -23.57 31.78
CA VAL C 356 27.47 -23.80 32.83
C VAL C 356 26.40 -22.71 32.77
N LEU C 357 26.83 -21.44 32.67
CA LEU C 357 25.92 -20.33 32.80
C LEU C 357 24.83 -20.43 31.73
N TYR C 358 25.29 -20.76 30.52
CA TYR C 358 24.46 -20.86 29.33
C TYR C 358 23.27 -21.80 29.61
N PHE C 359 23.56 -23.04 30.00
CA PHE C 359 22.52 -24.04 30.13
C PHE C 359 21.67 -23.72 31.35
N LEU C 360 22.31 -23.07 32.32
CA LEU C 360 21.69 -22.75 33.60
C LEU C 360 20.57 -21.75 33.37
N LEU C 361 20.88 -20.71 32.60
CA LEU C 361 19.97 -19.65 32.19
C LEU C 361 18.74 -20.21 31.45
N ILE C 362 18.97 -21.06 30.45
CA ILE C 362 17.89 -21.54 29.60
C ILE C 362 17.05 -22.56 30.34
N LEU C 363 17.68 -23.44 31.13
CA LEU C 363 16.94 -24.57 31.67
C LEU C 363 16.43 -24.31 33.08
N VAL C 364 16.94 -23.30 33.79
CA VAL C 364 16.56 -23.17 35.19
C VAL C 364 16.23 -21.73 35.59
N LEU C 365 17.11 -20.76 35.25
CA LEU C 365 16.96 -19.38 35.69
C LEU C 365 15.79 -18.66 35.01
N MET C 366 15.67 -18.73 33.67
CA MET C 366 14.67 -17.91 32.99
C MET C 366 13.29 -18.53 33.13
N PRO C 367 13.17 -19.88 33.23
CA PRO C 367 11.91 -20.49 33.68
C PRO C 367 11.46 -19.95 35.04
N THR C 368 12.39 -19.94 36.00
CA THR C 368 12.14 -19.50 37.36
C THR C 368 11.64 -18.06 37.36
N ALA C 369 12.36 -17.21 36.61
CA ALA C 369 12.11 -15.79 36.58
C ALA C 369 10.69 -15.57 36.10
N GLY C 370 10.29 -16.40 35.12
CA GLY C 370 8.97 -16.27 34.55
C GLY C 370 7.96 -16.35 35.68
N THR C 371 8.23 -17.34 36.55
CA THR C 371 7.35 -17.73 37.63
C THR C 371 7.39 -16.71 38.75
N ILE C 372 8.58 -16.21 39.09
CA ILE C 372 8.69 -15.18 40.10
C ILE C 372 7.87 -13.97 39.69
N GLU C 373 8.00 -13.59 38.41
CA GLU C 373 7.27 -12.48 37.85
C GLU C 373 5.78 -12.73 38.00
N ASN C 374 5.34 -13.96 37.74
CA ASN C 374 3.93 -14.32 37.84
C ASN C 374 3.44 -14.01 39.25
N LYS C 375 4.22 -14.38 40.26
CA LYS C 375 3.81 -14.19 41.65
C LYS C 375 3.81 -12.69 41.96
N LEU C 376 4.72 -11.94 41.34
CA LEU C 376 4.79 -10.50 41.58
C LEU C 376 3.54 -9.79 41.07
N LEU C 377 2.76 -10.49 40.23
CA LEU C 377 1.61 -9.94 39.52
C LEU C 377 0.30 -10.55 40.05
N LYS C 378 0.42 -11.44 41.05
CA LYS C 378 -0.72 -12.04 41.74
C LYS C 378 -1.43 -13.01 40.81
N TRP C 379 -0.64 -13.70 39.98
CA TRP C 379 -1.12 -14.86 39.23
C TRP C 379 0.00 -15.90 39.17
N SER D 85 60.25 -17.84 23.79
CA SER D 85 59.30 -18.85 23.27
C SER D 85 57.94 -18.58 23.88
N ASP D 86 56.87 -19.01 23.19
CA ASP D 86 55.48 -18.74 23.56
C ASP D 86 55.38 -17.42 24.34
N LEU D 87 55.89 -16.35 23.71
CA LEU D 87 55.93 -15.00 24.26
C LEU D 87 55.21 -14.05 23.30
N GLU D 88 55.74 -12.84 23.09
CA GLU D 88 54.95 -11.85 22.39
C GLU D 88 55.69 -11.17 21.23
N LEU D 89 56.16 -9.95 21.52
CA LEU D 89 56.51 -8.90 20.58
C LEU D 89 55.65 -8.96 19.32
N HIS D 90 54.40 -8.49 19.44
CA HIS D 90 53.56 -8.31 18.27
C HIS D 90 54.00 -6.99 17.62
N PRO D 91 54.09 -6.93 16.27
CA PRO D 91 54.53 -5.72 15.54
C PRO D 91 53.92 -4.39 15.95
N PRO D 92 54.67 -3.27 15.95
CA PRO D 92 54.04 -1.95 16.05
C PRO D 92 53.44 -1.62 14.68
N SER D 93 52.77 -0.46 14.60
CA SER D 93 51.95 -0.10 13.44
C SER D 93 52.51 1.10 12.70
N TYR D 94 53.21 0.82 11.59
CA TYR D 94 53.96 1.81 10.84
C TYR D 94 53.00 2.57 9.91
N PRO D 95 53.13 3.91 9.75
CA PRO D 95 52.13 4.69 9.03
C PRO D 95 52.34 4.53 7.53
N TRP D 96 52.00 3.34 7.00
CA TRP D 96 52.15 3.08 5.57
C TRP D 96 51.34 4.10 4.78
N SER D 97 51.80 4.39 3.56
CA SER D 97 51.11 5.36 2.71
C SER D 97 49.74 4.83 2.29
N HIS D 98 49.47 3.56 2.61
CA HIS D 98 48.24 2.87 2.23
C HIS D 98 47.45 2.37 3.45
N ARG D 99 47.80 2.83 4.66
CA ARG D 99 47.08 2.50 5.88
C ARG D 99 45.70 3.14 5.84
N GLY D 100 45.66 4.40 5.39
CA GLY D 100 44.44 5.22 5.35
C GLY D 100 43.32 4.54 4.58
N LEU D 101 42.08 4.83 4.97
CA LEU D 101 40.91 4.12 4.49
C LEU D 101 40.78 4.24 2.96
N LEU D 102 41.09 5.43 2.43
CA LEU D 102 40.87 5.68 1.02
C LEU D 102 42.20 5.79 0.27
N SER D 103 43.28 5.38 0.96
CA SER D 103 44.64 5.57 0.49
C SER D 103 45.09 4.39 -0.37
N SER D 104 45.59 4.71 -1.57
CA SER D 104 46.09 3.69 -2.49
C SER D 104 47.51 3.31 -2.11
N LEU D 105 47.98 2.19 -2.67
CA LEU D 105 49.38 1.84 -2.67
C LEU D 105 50.18 2.86 -3.47
N ASP D 106 51.39 3.14 -2.96
CA ASP D 106 52.43 3.90 -3.63
C ASP D 106 53.06 3.02 -4.72
N HIS D 107 52.73 3.31 -5.98
CA HIS D 107 53.09 2.41 -7.08
C HIS D 107 54.59 2.47 -7.37
N THR D 108 55.24 3.61 -7.04
CA THR D 108 56.67 3.75 -7.25
C THR D 108 57.37 2.81 -6.27
N SER D 109 56.83 2.78 -5.05
CA SER D 109 57.30 1.90 -3.97
C SER D 109 57.13 0.43 -4.35
N ILE D 110 56.05 0.09 -5.07
CA ILE D 110 55.82 -1.27 -5.54
C ILE D 110 56.91 -1.66 -6.52
N ARG D 111 57.30 -0.71 -7.38
CA ARG D 111 58.26 -0.96 -8.46
C ARG D 111 59.62 -1.31 -7.87
N ARG D 112 59.97 -0.58 -6.80
CA ARG D 112 61.23 -0.76 -6.11
C ARG D 112 61.19 -2.09 -5.36
N GLY D 113 60.03 -2.38 -4.76
CA GLY D 113 59.81 -3.57 -3.97
C GLY D 113 59.88 -4.84 -4.79
N PHE D 114 59.43 -4.75 -6.05
CA PHE D 114 59.57 -5.85 -7.00
C PHE D 114 61.05 -6.16 -7.16
N GLN D 115 61.82 -5.09 -7.35
CA GLN D 115 63.25 -5.21 -7.54
C GLN D 115 63.86 -5.99 -6.38
N VAL D 116 63.35 -5.72 -5.17
CA VAL D 116 63.86 -6.30 -3.93
C VAL D 116 63.54 -7.79 -3.91
N TYR D 117 62.35 -8.13 -4.40
CA TYR D 117 62.03 -9.55 -4.52
C TYR D 117 62.97 -10.18 -5.54
N LYS D 118 63.12 -9.49 -6.67
CA LYS D 118 63.75 -10.09 -7.83
C LYS D 118 65.21 -10.37 -7.50
N GLN D 119 65.87 -9.44 -6.84
CA GLN D 119 67.31 -9.51 -6.68
C GLN D 119 67.70 -10.23 -5.40
N VAL D 120 66.81 -10.21 -4.41
CA VAL D 120 67.16 -10.74 -3.10
C VAL D 120 66.39 -12.04 -2.84
N CYS D 121 65.06 -11.92 -2.77
CA CYS D 121 64.23 -12.97 -2.19
C CYS D 121 64.07 -14.16 -3.12
N SER D 122 64.09 -13.92 -4.44
CA SER D 122 63.71 -14.93 -5.41
C SER D 122 64.72 -16.07 -5.52
N SER D 123 65.82 -15.98 -4.78
CA SER D 123 66.79 -17.07 -4.76
C SER D 123 66.23 -18.23 -3.93
N CYS D 124 65.44 -17.92 -2.89
CA CYS D 124 64.94 -18.94 -1.98
C CYS D 124 63.42 -19.09 -2.08
N HIS D 125 62.70 -18.00 -2.39
CA HIS D 125 61.26 -17.92 -2.16
C HIS D 125 60.49 -17.84 -3.47
N SER D 126 59.50 -18.74 -3.66
CA SER D 126 58.66 -18.65 -4.85
C SER D 126 57.60 -17.55 -4.68
N MET D 127 56.90 -17.24 -5.78
CA MET D 127 55.74 -16.36 -5.76
C MET D 127 54.87 -16.74 -6.95
N ASP D 128 54.24 -17.93 -6.84
CA ASP D 128 53.65 -18.71 -7.91
C ASP D 128 52.45 -18.02 -8.57
N TYR D 129 51.91 -16.98 -7.93
CA TYR D 129 50.62 -16.40 -8.31
C TYR D 129 50.80 -15.09 -9.07
N VAL D 130 52.04 -14.68 -9.30
CA VAL D 130 52.33 -13.48 -10.08
C VAL D 130 52.94 -13.89 -11.42
N ALA D 131 52.47 -13.27 -12.51
CA ALA D 131 53.08 -13.45 -13.81
C ALA D 131 53.62 -12.09 -14.25
N TYR D 132 54.40 -12.09 -15.33
CA TYR D 132 55.04 -10.87 -15.77
C TYR D 132 53.96 -9.86 -16.17
N ARG D 133 52.87 -10.39 -16.74
CA ARG D 133 51.76 -9.55 -17.17
C ARG D 133 51.21 -8.73 -16.01
N HIS D 134 51.26 -9.27 -14.78
CA HIS D 134 50.58 -8.63 -13.67
C HIS D 134 51.27 -7.33 -13.27
N LEU D 135 52.48 -7.10 -13.80
CA LEU D 135 53.24 -5.92 -13.41
C LEU D 135 52.79 -4.73 -14.26
N VAL D 136 52.20 -5.04 -15.41
CA VAL D 136 51.76 -4.05 -16.39
C VAL D 136 50.60 -3.24 -15.81
N GLY D 137 50.69 -1.92 -15.94
CA GLY D 137 49.67 -0.99 -15.46
C GLY D 137 49.77 -0.77 -13.96
N VAL D 138 50.74 -1.44 -13.33
CA VAL D 138 50.88 -1.39 -11.88
C VAL D 138 52.18 -0.68 -11.54
N CYS D 139 53.29 -1.19 -12.09
CA CYS D 139 54.60 -0.62 -11.82
C CYS D 139 55.51 -0.64 -13.07
N TYR D 140 55.08 -1.31 -14.14
CA TYR D 140 55.87 -1.44 -15.36
C TYR D 140 54.98 -1.25 -16.59
N THR D 141 55.48 -0.58 -17.63
CA THR D 141 54.82 -0.53 -18.92
C THR D 141 54.82 -1.96 -19.46
N GLU D 142 54.12 -2.15 -20.59
CA GLU D 142 53.92 -3.47 -21.16
C GLU D 142 55.24 -4.04 -21.67
N ASP D 143 56.01 -3.22 -22.39
CA ASP D 143 57.28 -3.72 -22.89
C ASP D 143 58.34 -3.77 -21.77
N GLU D 144 58.25 -2.90 -20.76
CA GLU D 144 59.18 -3.02 -19.64
C GLU D 144 59.05 -4.39 -18.98
N ALA D 145 57.79 -4.82 -18.81
CA ALA D 145 57.45 -6.10 -18.21
C ALA D 145 57.96 -7.23 -19.09
N LYS D 146 57.90 -7.02 -20.41
CA LYS D 146 58.34 -7.99 -21.40
C LYS D 146 59.85 -8.19 -21.26
N ALA D 147 60.59 -7.09 -21.04
CA ALA D 147 62.03 -7.11 -20.86
C ALA D 147 62.38 -8.04 -19.70
N LEU D 148 61.69 -7.81 -18.58
CA LEU D 148 61.86 -8.53 -17.33
C LEU D 148 61.56 -10.01 -17.51
N ALA D 149 60.56 -10.33 -18.35
CA ALA D 149 60.16 -11.71 -18.62
C ALA D 149 61.24 -12.42 -19.42
N GLU D 150 61.77 -11.73 -20.43
CA GLU D 150 62.72 -12.29 -21.38
C GLU D 150 64.01 -12.67 -20.65
N GLU D 151 64.22 -12.11 -19.46
CA GLU D 151 65.44 -12.28 -18.70
C GLU D 151 65.51 -13.67 -18.04
N VAL D 152 64.42 -14.43 -18.03
CA VAL D 152 64.39 -15.69 -17.29
C VAL D 152 64.23 -16.86 -18.26
N GLU D 153 64.69 -18.03 -17.82
CA GLU D 153 64.64 -19.28 -18.55
C GLU D 153 63.47 -20.10 -18.01
N VAL D 154 62.56 -20.52 -18.89
CA VAL D 154 61.44 -21.32 -18.42
C VAL D 154 61.32 -22.54 -19.33
N GLN D 155 60.88 -23.67 -18.76
CA GLN D 155 60.68 -24.87 -19.55
C GLN D 155 59.41 -24.67 -20.39
N ASP D 156 59.35 -25.28 -21.59
CA ASP D 156 58.15 -25.27 -22.42
C ASP D 156 57.79 -26.66 -22.93
N GLY D 157 56.48 -26.88 -23.18
CA GLY D 157 55.83 -28.18 -23.40
C GLY D 157 56.41 -28.90 -24.61
N PRO D 158 56.09 -30.21 -24.79
CA PRO D 158 56.81 -31.07 -25.75
C PRO D 158 56.75 -30.61 -27.21
N ASN D 159 57.92 -30.51 -27.85
CA ASN D 159 58.03 -30.14 -29.25
C ASN D 159 57.79 -31.37 -30.12
N GLU D 160 58.06 -31.22 -31.43
CA GLU D 160 57.92 -32.25 -32.45
C GLU D 160 58.44 -33.59 -31.95
N ASP D 161 59.69 -33.60 -31.44
CA ASP D 161 60.41 -34.81 -31.08
C ASP D 161 59.76 -35.44 -29.86
N GLY D 162 58.99 -34.62 -29.13
CA GLY D 162 58.45 -34.95 -27.84
C GLY D 162 59.48 -34.70 -26.75
N GLU D 163 60.21 -33.59 -26.88
CA GLU D 163 61.21 -33.20 -25.90
C GLU D 163 60.86 -31.85 -25.28
N MET D 164 61.32 -31.65 -24.05
CA MET D 164 61.18 -30.36 -23.39
C MET D 164 62.38 -29.48 -23.74
N PHE D 165 62.13 -28.18 -23.90
CA PHE D 165 63.19 -27.23 -24.15
C PHE D 165 63.09 -26.06 -23.16
N MET D 166 64.09 -25.17 -23.18
CA MET D 166 64.02 -23.94 -22.42
C MET D 166 63.74 -22.82 -23.42
N ARG D 167 63.18 -21.71 -22.94
CA ARG D 167 63.02 -20.51 -23.75
C ARG D 167 63.13 -19.28 -22.84
N PRO D 168 63.14 -18.06 -23.45
CA PRO D 168 62.94 -16.81 -22.71
C PRO D 168 61.48 -16.73 -22.29
N GLY D 169 61.24 -16.09 -21.13
CA GLY D 169 59.88 -15.94 -20.62
C GLY D 169 59.07 -14.94 -21.43
N LYS D 170 57.75 -15.07 -21.36
CA LYS D 170 56.85 -14.07 -21.91
C LYS D 170 56.06 -13.46 -20.75
N LEU D 171 55.15 -12.54 -21.10
CA LEU D 171 54.28 -11.88 -20.15
C LEU D 171 53.40 -12.93 -19.48
N SER D 172 53.06 -13.94 -20.26
CA SER D 172 52.13 -14.99 -19.88
C SER D 172 52.74 -15.97 -18.87
N ASP D 173 54.05 -15.91 -18.62
CA ASP D 173 54.64 -16.86 -17.69
C ASP D 173 54.58 -16.32 -16.27
N TYR D 174 54.32 -17.25 -15.33
CA TYR D 174 54.36 -16.96 -13.90
C TYR D 174 55.84 -16.88 -13.49
N PHE D 175 56.14 -15.95 -12.56
CA PHE D 175 57.41 -15.81 -11.87
C PHE D 175 57.92 -17.16 -11.41
N PRO D 176 59.18 -17.48 -11.75
CA PRO D 176 59.64 -18.88 -11.71
C PRO D 176 59.96 -19.40 -10.32
N LYS D 177 59.66 -20.68 -10.07
CA LYS D 177 59.96 -21.41 -8.85
C LYS D 177 61.49 -21.59 -8.74
N PRO D 178 62.13 -21.19 -7.61
CA PRO D 178 63.58 -21.29 -7.50
C PRO D 178 64.10 -22.72 -7.37
N TYR D 179 63.21 -23.68 -7.11
CA TYR D 179 63.56 -25.08 -7.04
C TYR D 179 62.39 -25.87 -7.61
N PRO D 180 62.61 -27.12 -8.10
CA PRO D 180 61.56 -27.86 -8.80
C PRO D 180 60.52 -28.52 -7.89
N ASN D 181 60.78 -28.50 -6.58
CA ASN D 181 59.79 -28.98 -5.61
C ASN D 181 60.15 -28.52 -4.21
N PRO D 182 59.24 -28.67 -3.22
CA PRO D 182 59.54 -28.35 -1.84
C PRO D 182 60.68 -29.08 -1.13
N GLU D 183 60.93 -30.34 -1.49
CA GLU D 183 61.94 -31.17 -0.84
C GLU D 183 63.32 -30.65 -1.21
N ALA D 184 63.46 -30.25 -2.49
CA ALA D 184 64.65 -29.60 -3.02
C ALA D 184 64.93 -28.30 -2.30
N ALA D 185 63.88 -27.51 -2.04
CA ALA D 185 63.97 -26.26 -1.30
C ALA D 185 64.51 -26.47 0.12
N ARG D 186 64.08 -27.59 0.74
CA ARG D 186 64.44 -27.94 2.11
C ARG D 186 65.91 -28.31 2.19
N ALA D 187 66.37 -29.14 1.25
CA ALA D 187 67.74 -29.60 1.22
C ALA D 187 68.67 -28.38 1.21
N ALA D 188 68.19 -27.30 0.57
CA ALA D 188 68.99 -26.14 0.24
C ALA D 188 68.96 -25.12 1.37
N ASN D 189 68.19 -25.40 2.43
CA ASN D 189 67.94 -24.38 3.43
C ASN D 189 68.03 -24.96 4.83
N ASN D 190 68.84 -26.01 5.00
CA ASN D 190 69.06 -26.70 6.26
C ASN D 190 67.76 -27.29 6.77
N GLY D 191 66.95 -27.82 5.85
CA GLY D 191 65.75 -28.57 6.20
C GLY D 191 64.50 -27.71 6.38
N ALA D 192 64.64 -26.38 6.25
CA ALA D 192 63.50 -25.47 6.34
C ALA D 192 63.01 -25.11 4.94
N LEU D 193 61.67 -25.06 4.77
CA LEU D 193 61.03 -24.68 3.52
C LEU D 193 60.65 -23.19 3.55
N PRO D 194 61.23 -22.34 2.66
CA PRO D 194 60.82 -20.94 2.60
C PRO D 194 59.39 -20.87 2.06
N PRO D 195 58.44 -20.23 2.78
CA PRO D 195 57.08 -20.06 2.29
C PRO D 195 57.03 -19.32 0.95
N ASP D 196 56.09 -19.70 0.08
CA ASP D 196 55.81 -18.92 -1.11
C ASP D 196 55.44 -17.51 -0.63
N LEU D 197 55.68 -16.46 -1.44
CA LEU D 197 55.49 -15.09 -0.96
C LEU D 197 54.24 -14.42 -1.53
N SER D 198 53.47 -15.15 -2.35
CA SER D 198 52.26 -14.65 -3.00
C SER D 198 51.34 -13.96 -2.00
N TYR D 199 51.09 -14.67 -0.89
CA TYR D 199 50.05 -14.25 0.03
C TYR D 199 50.64 -13.86 1.37
N ILE D 200 51.95 -13.65 1.41
CA ILE D 200 52.58 -13.74 2.71
C ILE D 200 52.05 -12.61 3.58
N VAL D 201 51.81 -11.46 2.95
CA VAL D 201 51.30 -10.33 3.72
C VAL D 201 49.99 -10.76 4.36
N ARG D 202 49.21 -11.56 3.60
CA ARG D 202 47.83 -11.86 3.95
C ARG D 202 47.76 -13.04 4.92
N ALA D 203 48.76 -13.93 4.86
CA ALA D 203 48.68 -15.16 5.62
C ALA D 203 49.47 -15.08 6.93
N ARG D 204 49.90 -13.87 7.30
CA ARG D 204 50.51 -13.65 8.60
C ARG D 204 49.84 -12.45 9.27
N HIS D 205 49.33 -12.65 10.50
CA HIS D 205 48.79 -11.60 11.34
C HIS D 205 49.78 -10.43 11.47
N GLY D 206 49.32 -9.21 11.17
CA GLY D 206 50.17 -8.04 11.23
C GLY D 206 50.56 -7.55 9.85
N GLY D 207 50.52 -8.46 8.86
CA GLY D 207 50.75 -8.21 7.45
C GLY D 207 52.07 -7.48 7.22
N GLU D 208 51.96 -6.28 6.63
CA GLU D 208 53.11 -5.43 6.36
C GLU D 208 53.87 -5.07 7.63
N ASP D 209 53.14 -4.86 8.73
CA ASP D 209 53.76 -4.43 9.97
C ASP D 209 54.63 -5.56 10.51
N TYR D 210 54.11 -6.77 10.37
CA TYR D 210 54.80 -7.95 10.84
C TYR D 210 56.07 -8.10 10.03
N VAL D 211 55.89 -8.21 8.70
CA VAL D 211 56.98 -8.53 7.80
C VAL D 211 58.07 -7.45 7.86
N PHE D 212 57.65 -6.19 7.97
CA PHE D 212 58.62 -5.10 8.02
C PHE D 212 59.47 -5.21 9.27
N SER D 213 58.81 -5.51 10.39
CA SER D 213 59.51 -5.54 11.65
C SER D 213 60.32 -6.84 11.77
N LEU D 214 60.01 -7.82 10.91
CA LEU D 214 60.76 -9.06 10.85
C LEU D 214 62.13 -8.78 10.23
N LEU D 215 62.10 -8.16 9.04
CA LEU D 215 63.28 -7.96 8.23
C LEU D 215 64.26 -7.01 8.94
N THR D 216 63.71 -6.12 9.77
CA THR D 216 64.51 -5.06 10.38
C THR D 216 64.67 -5.32 11.87
N GLY D 217 64.43 -6.56 12.29
CA GLY D 217 64.22 -6.83 13.70
C GLY D 217 65.31 -7.75 14.25
N TYR D 218 66.14 -8.26 13.36
CA TYR D 218 67.20 -9.19 13.70
C TYR D 218 68.13 -8.58 14.75
N CYS D 219 68.31 -9.27 15.88
CA CYS D 219 69.23 -8.80 16.90
C CYS D 219 70.01 -9.98 17.47
N GLU D 220 71.05 -9.65 18.24
CA GLU D 220 71.90 -10.62 18.93
C GLU D 220 71.12 -11.21 20.10
N PRO D 221 71.14 -12.55 20.30
CA PRO D 221 70.36 -13.19 21.38
C PRO D 221 70.48 -12.44 22.71
N PRO D 222 69.46 -12.52 23.59
CA PRO D 222 69.61 -11.99 24.95
C PRO D 222 70.43 -12.98 25.77
N THR D 223 70.95 -12.51 26.91
CA THR D 223 71.75 -13.32 27.82
C THR D 223 70.96 -14.56 28.23
N GLY D 224 71.56 -15.74 27.99
CA GLY D 224 71.01 -17.03 28.41
C GLY D 224 70.42 -17.85 27.26
N VAL D 225 70.25 -17.22 26.10
CA VAL D 225 69.65 -17.84 24.94
C VAL D 225 70.73 -18.45 24.06
N SER D 226 70.61 -19.75 23.77
CA SER D 226 71.48 -20.34 22.77
C SER D 226 70.63 -21.11 21.77
N LEU D 227 70.69 -20.69 20.52
CA LEU D 227 69.89 -21.28 19.45
C LEU D 227 70.73 -22.36 18.78
N ARG D 228 70.07 -23.44 18.32
CA ARG D 228 70.68 -24.42 17.42
C ARG D 228 71.25 -23.65 16.24
N GLU D 229 72.34 -24.14 15.63
CA GLU D 229 73.03 -23.26 14.70
C GLU D 229 72.35 -23.29 13.35
N GLY D 230 72.50 -22.17 12.63
CA GLY D 230 71.79 -21.91 11.39
C GLY D 230 70.32 -21.60 11.62
N LEU D 231 69.97 -21.28 12.87
CA LEU D 231 68.69 -20.69 13.23
C LEU D 231 68.97 -19.42 14.02
N TYR D 232 68.40 -18.28 13.59
CA TYR D 232 68.86 -16.96 13.99
C TYR D 232 67.85 -16.34 14.95
N PHE D 233 68.32 -15.36 15.74
CA PHE D 233 67.45 -14.74 16.73
C PHE D 233 66.69 -13.57 16.11
N ASN D 234 65.36 -13.63 16.22
CA ASN D 234 64.51 -12.57 15.73
C ASN D 234 63.30 -12.46 16.65
N PRO D 235 63.17 -11.35 17.40
CA PRO D 235 62.09 -11.21 18.40
C PRO D 235 60.65 -11.21 17.86
N TYR D 236 60.52 -10.99 16.55
CA TYR D 236 59.20 -10.87 15.96
C TYR D 236 58.69 -12.22 15.48
N PHE D 237 59.55 -13.24 15.48
CA PHE D 237 59.13 -14.55 14.98
C PHE D 237 58.53 -15.34 16.15
N PRO D 238 57.58 -16.27 15.88
CA PRO D 238 57.13 -17.23 16.88
C PRO D 238 58.27 -18.10 17.40
N GLY D 239 58.57 -17.96 18.70
CA GLY D 239 59.59 -18.77 19.34
C GLY D 239 60.94 -18.06 19.30
N GLN D 240 61.08 -17.05 18.43
CA GLN D 240 62.24 -16.17 18.35
C GLN D 240 63.43 -16.78 17.59
N ALA D 241 63.30 -18.05 17.18
CA ALA D 241 64.35 -18.75 16.44
C ALA D 241 63.85 -19.04 15.02
N ILE D 242 64.42 -18.30 14.06
CA ILE D 242 63.99 -18.33 12.67
C ILE D 242 65.09 -18.96 11.83
N GLY D 243 64.68 -19.79 10.87
CA GLY D 243 65.63 -20.41 9.97
C GLY D 243 65.93 -19.55 8.75
N MET D 244 65.70 -18.23 8.84
CA MET D 244 66.05 -17.36 7.74
C MET D 244 67.15 -16.41 8.22
N ALA D 245 68.24 -16.36 7.45
CA ALA D 245 69.33 -15.43 7.68
C ALA D 245 68.91 -14.03 7.25
N PRO D 246 69.27 -12.97 8.01
CA PRO D 246 68.85 -11.59 7.73
C PRO D 246 69.05 -11.16 6.29
N PRO D 247 68.03 -11.15 5.41
CA PRO D 247 68.28 -11.00 3.98
C PRO D 247 68.53 -9.57 3.51
N ILE D 248 68.52 -8.61 4.44
CA ILE D 248 68.34 -7.21 4.11
C ILE D 248 69.32 -6.34 4.89
N TYR D 249 70.03 -5.44 4.19
CA TYR D 249 71.03 -4.53 4.75
C TYR D 249 71.36 -3.46 3.71
N ASN D 250 72.08 -2.39 4.12
CA ASN D 250 72.25 -1.23 3.25
C ASN D 250 72.95 -1.63 1.96
N GLU D 251 72.49 -1.07 0.84
CA GLU D 251 73.06 -1.26 -0.50
C GLU D 251 73.03 -2.72 -0.95
N VAL D 252 72.17 -3.55 -0.31
CA VAL D 252 71.93 -4.92 -0.72
C VAL D 252 71.51 -4.97 -2.19
N LEU D 253 71.01 -3.84 -2.72
CA LEU D 253 70.73 -3.78 -4.15
C LEU D 253 70.80 -2.34 -4.66
N GLU D 254 70.62 -2.19 -5.97
CA GLU D 254 70.68 -0.91 -6.65
C GLU D 254 69.27 -0.56 -7.12
N PHE D 255 68.84 0.70 -6.92
CA PHE D 255 67.46 1.06 -7.28
C PHE D 255 67.41 1.73 -8.66
N ASP D 256 66.49 1.24 -9.52
CA ASP D 256 66.22 1.84 -10.82
C ASP D 256 66.12 3.36 -10.71
N ASP D 257 65.37 3.85 -9.70
CA ASP D 257 65.14 5.27 -9.51
C ASP D 257 66.32 5.92 -8.79
N GLY D 258 67.15 5.10 -8.13
CA GLY D 258 68.32 5.58 -7.44
C GLY D 258 67.99 6.10 -6.03
N THR D 259 66.88 5.62 -5.47
CA THR D 259 66.58 5.96 -4.10
C THR D 259 67.65 5.36 -3.17
N PRO D 260 68.13 6.16 -2.17
CA PRO D 260 69.05 5.65 -1.13
C PRO D 260 68.65 4.27 -0.63
N ALA D 261 69.48 3.26 -0.93
CA ALA D 261 69.12 1.88 -0.63
C ALA D 261 69.54 1.48 0.79
N THR D 262 69.00 2.19 1.80
CA THR D 262 69.21 1.90 3.22
C THR D 262 68.39 0.66 3.60
N MET D 263 68.74 -0.01 4.71
CA MET D 263 68.07 -1.25 5.06
C MET D 263 66.55 -1.05 5.28
N SER D 264 66.21 0.01 6.01
CA SER D 264 64.82 0.29 6.36
C SER D 264 64.02 0.63 5.10
N GLN D 265 64.65 1.33 4.14
CA GLN D 265 64.02 1.78 2.91
C GLN D 265 63.67 0.58 2.04
N VAL D 266 64.53 -0.47 2.05
CA VAL D 266 64.32 -1.62 1.19
C VAL D 266 63.30 -2.56 1.82
N ALA D 267 63.21 -2.53 3.16
CA ALA D 267 62.23 -3.34 3.86
C ALA D 267 60.82 -2.77 3.65
N LYS D 268 60.70 -1.44 3.64
CA LYS D 268 59.45 -0.76 3.33
C LYS D 268 58.97 -1.15 1.93
N ASP D 269 59.86 -0.96 0.95
CA ASP D 269 59.50 -1.12 -0.45
C ASP D 269 59.09 -2.57 -0.73
N VAL D 270 59.81 -3.53 -0.14
CA VAL D 270 59.50 -4.93 -0.40
C VAL D 270 58.15 -5.29 0.24
N CYS D 271 57.90 -4.70 1.41
CA CYS D 271 56.61 -4.89 2.07
C CYS D 271 55.47 -4.37 1.21
N THR D 272 55.61 -3.14 0.71
CA THR D 272 54.62 -2.57 -0.19
C THR D 272 54.31 -3.51 -1.36
N PHE D 273 55.35 -4.06 -1.98
CA PHE D 273 55.15 -5.01 -3.06
C PHE D 273 54.47 -6.27 -2.55
N LEU D 274 54.76 -6.66 -1.30
CA LEU D 274 54.25 -7.91 -0.77
C LEU D 274 52.75 -7.84 -0.44
N ARG D 275 52.29 -6.62 -0.13
CA ARG D 275 50.88 -6.29 0.09
C ARG D 275 50.13 -6.39 -1.23
N TRP D 276 50.67 -5.72 -2.25
CA TRP D 276 50.11 -5.74 -3.59
C TRP D 276 50.05 -7.16 -4.15
N ALA D 277 51.08 -7.96 -3.87
CA ALA D 277 51.15 -9.33 -4.37
C ALA D 277 50.04 -10.17 -3.75
N ALA D 278 49.79 -9.93 -2.46
CA ALA D 278 48.77 -10.64 -1.70
C ALA D 278 47.37 -10.15 -2.06
N GLU D 279 47.24 -8.87 -2.45
CA GLU D 279 45.94 -8.28 -2.69
C GLU D 279 46.01 -7.30 -3.86
N PRO D 280 46.11 -7.77 -5.14
CA PRO D 280 46.20 -6.85 -6.27
C PRO D 280 45.06 -5.84 -6.24
N GLU D 281 43.95 -6.18 -5.59
CA GLU D 281 42.75 -5.39 -5.77
C GLU D 281 42.76 -4.13 -4.91
N HIS D 282 43.82 -3.93 -4.11
CA HIS D 282 43.79 -3.01 -2.98
C HIS D 282 43.27 -1.65 -3.40
N ASP D 283 43.75 -1.15 -4.54
CA ASP D 283 43.39 0.18 -5.00
C ASP D 283 41.97 0.21 -5.54
N HIS D 284 41.58 -0.79 -6.35
CA HIS D 284 40.28 -0.77 -6.99
C HIS D 284 39.20 -0.77 -5.90
N ARG D 285 39.41 -1.66 -4.93
CA ARG D 285 38.50 -1.89 -3.82
C ARG D 285 38.26 -0.59 -3.06
N LYS D 286 39.34 0.19 -2.86
CA LYS D 286 39.33 1.42 -2.06
C LYS D 286 38.60 2.52 -2.84
N ARG D 287 38.69 2.48 -4.18
CA ARG D 287 37.98 3.41 -5.05
C ARG D 287 36.48 3.13 -4.91
N MET D 288 36.15 1.83 -4.95
CA MET D 288 34.75 1.44 -4.87
C MET D 288 34.22 1.81 -3.49
N GLY D 289 35.05 1.58 -2.47
CA GLY D 289 34.66 1.94 -1.12
C GLY D 289 34.13 3.36 -1.11
N LEU D 290 34.85 4.26 -1.80
CA LEU D 290 34.52 5.67 -1.79
C LEU D 290 33.17 5.87 -2.44
N LYS D 291 32.97 5.20 -3.58
CA LYS D 291 31.76 5.38 -4.36
C LYS D 291 30.58 4.75 -3.64
N MET D 292 30.83 3.67 -2.91
CA MET D 292 29.79 3.04 -2.08
C MET D 292 29.39 3.96 -0.92
N LEU D 293 30.37 4.61 -0.31
CA LEU D 293 30.11 5.50 0.81
C LEU D 293 29.31 6.69 0.29
N LEU D 294 29.68 7.17 -0.88
CA LEU D 294 28.99 8.32 -1.45
C LEU D 294 27.54 7.95 -1.78
N MET D 295 27.34 6.81 -2.46
CA MET D 295 25.99 6.47 -2.91
C MET D 295 25.08 6.24 -1.71
N MET D 296 25.65 5.63 -0.66
CA MET D 296 24.93 5.34 0.58
C MET D 296 24.61 6.65 1.32
N GLY D 297 25.44 7.67 1.12
CA GLY D 297 25.20 8.96 1.77
C GLY D 297 23.96 9.60 1.20
N LEU D 298 23.81 9.42 -0.12
CA LEU D 298 22.62 9.83 -0.85
C LEU D 298 21.45 8.93 -0.43
N LEU D 299 21.57 7.63 -0.70
CA LEU D 299 20.46 6.71 -0.70
C LEU D 299 19.88 6.47 0.71
N LEU D 300 20.69 6.59 1.77
CA LEU D 300 20.21 6.22 3.10
C LEU D 300 19.24 7.27 3.65
N PRO D 301 19.56 8.58 3.58
CA PRO D 301 18.58 9.59 3.96
C PRO D 301 17.42 9.64 2.97
N LEU D 302 17.67 9.35 1.68
CA LEU D 302 16.60 9.41 0.71
C LEU D 302 15.47 8.42 1.04
N VAL D 303 15.84 7.14 1.15
CA VAL D 303 14.90 6.05 1.37
C VAL D 303 14.28 6.22 2.74
N TYR D 304 15.08 6.73 3.69
CA TYR D 304 14.64 6.97 5.05
C TYR D 304 13.51 7.98 5.00
N ALA D 305 13.64 8.96 4.09
CA ALA D 305 12.67 10.02 3.93
C ALA D 305 11.39 9.44 3.32
N MET D 306 11.57 8.53 2.36
CA MET D 306 10.44 7.83 1.74
C MET D 306 9.65 7.08 2.80
N LYS D 307 10.39 6.45 3.73
CA LYS D 307 9.78 5.64 4.77
C LYS D 307 8.88 6.51 5.62
N ARG D 308 9.41 7.68 6.02
CA ARG D 308 8.77 8.56 6.98
C ARG D 308 7.49 9.14 6.39
N HIS D 309 7.54 9.40 5.08
CA HIS D 309 6.45 9.95 4.29
C HIS D 309 5.26 8.99 4.33
N LYS D 310 5.48 7.76 3.85
CA LYS D 310 4.40 6.78 3.86
C LYS D 310 3.84 6.64 5.27
N TRP D 311 4.74 6.50 6.25
CA TRP D 311 4.38 6.19 7.63
C TRP D 311 3.79 7.40 8.35
N SER D 312 3.95 8.58 7.76
CA SER D 312 3.39 9.79 8.35
C SER D 312 1.88 9.64 8.56
N VAL D 313 1.20 8.89 7.68
CA VAL D 313 -0.23 8.70 7.82
C VAL D 313 -0.54 8.17 9.21
N LEU D 314 0.30 7.20 9.61
CA LEU D 314 0.15 6.42 10.81
C LEU D 314 0.75 7.15 12.00
N LYS D 315 1.85 7.88 11.77
CA LYS D 315 2.55 8.47 12.90
C LYS D 315 1.70 9.57 13.52
N SER D 316 0.98 10.30 12.65
CA SER D 316 0.18 11.48 12.93
C SER D 316 -1.16 11.15 13.58
N ARG D 317 -1.72 9.97 13.23
CA ARG D 317 -3.08 9.57 13.54
C ARG D 317 -3.41 9.70 15.02
N LYS D 318 -4.65 10.10 15.29
CA LYS D 318 -5.13 10.28 16.65
C LYS D 318 -6.30 9.33 16.88
N LEU D 319 -6.39 8.71 18.07
CA LEU D 319 -7.37 7.67 18.33
C LEU D 319 -8.45 8.19 19.27
N ALA D 320 -9.70 7.78 19.04
CA ALA D 320 -10.82 8.24 19.85
C ALA D 320 -11.82 7.12 20.13
N TYR D 321 -12.00 6.82 21.43
CA TYR D 321 -12.94 5.82 21.88
C TYR D 321 -14.26 6.48 22.29
N ARG D 322 -15.40 6.04 21.74
CA ARG D 322 -16.59 6.86 21.90
C ARG D 322 -17.87 6.04 22.14
N PRO D 323 -17.92 5.28 23.25
CA PRO D 323 -19.06 4.40 23.54
C PRO D 323 -20.27 5.14 24.11
N PRO D 324 -21.52 4.72 23.84
CA PRO D 324 -22.70 5.59 24.04
C PRO D 324 -23.29 6.01 25.39
N SER E 79 -24.93 14.09 20.37
CA SER E 79 -24.96 13.92 18.89
C SER E 79 -23.57 13.63 18.33
N HIS E 80 -23.52 13.08 17.12
CA HIS E 80 -22.27 12.93 16.40
C HIS E 80 -21.75 14.27 15.92
N THR E 81 -22.58 15.32 16.03
CA THR E 81 -22.27 16.61 15.44
C THR E 81 -21.23 17.34 16.28
N ASP E 82 -20.90 16.73 17.43
CA ASP E 82 -19.93 17.31 18.35
C ASP E 82 -18.60 16.54 18.31
N ILE E 83 -18.39 15.75 17.26
CA ILE E 83 -17.06 15.31 16.83
C ILE E 83 -16.44 16.52 16.14
N LYS E 84 -15.31 17.05 16.67
CA LYS E 84 -14.47 17.93 15.86
C LYS E 84 -13.09 17.26 15.68
N VAL E 85 -12.55 17.42 14.46
CA VAL E 85 -11.34 16.74 14.05
C VAL E 85 -10.18 17.40 14.77
N PRO E 86 -9.26 16.64 15.42
CA PRO E 86 -8.20 17.24 16.22
C PRO E 86 -7.31 18.19 15.43
N ASP E 87 -6.43 18.88 16.17
CA ASP E 87 -5.55 19.90 15.61
C ASP E 87 -4.30 19.22 15.04
N PHE E 88 -3.99 19.52 13.77
CA PHE E 88 -2.94 18.80 13.07
C PHE E 88 -1.75 19.71 12.82
N SER E 89 -1.83 20.91 13.41
CA SER E 89 -0.91 22.01 13.14
C SER E 89 0.52 21.50 13.19
N ASP E 90 0.81 20.66 14.19
CA ASP E 90 2.15 20.20 14.49
C ASP E 90 2.76 19.36 13.38
N TYR E 91 1.90 18.64 12.63
CA TYR E 91 2.40 17.68 11.66
C TYR E 91 2.32 18.26 10.24
N ARG E 92 1.58 19.35 10.06
CA ARG E 92 1.33 19.89 8.73
C ARG E 92 2.62 20.42 8.10
N ARG E 93 2.70 20.31 6.77
CA ARG E 93 3.67 21.07 5.99
C ARG E 93 3.39 22.55 6.24
N PRO E 94 4.42 23.43 6.28
CA PRO E 94 4.20 24.86 6.49
C PRO E 94 3.34 25.43 5.37
N GLU E 95 3.52 24.90 4.17
CA GLU E 95 2.75 25.36 3.01
C GLU E 95 1.23 25.18 3.19
N VAL E 96 0.78 24.36 4.16
CA VAL E 96 -0.64 24.04 4.27
C VAL E 96 -1.17 24.44 5.65
N LEU E 97 -0.57 25.47 6.26
CA LEU E 97 -0.91 25.74 7.65
C LEU E 97 -2.12 26.67 7.75
N ASP E 98 -2.29 27.51 6.73
CA ASP E 98 -3.22 28.63 6.77
C ASP E 98 -4.62 28.11 6.46
N SER E 99 -5.49 28.11 7.48
CA SER E 99 -6.82 27.53 7.36
C SER E 99 -7.71 28.38 6.47
N THR E 100 -7.19 29.54 6.05
CA THR E 100 -7.97 30.47 5.27
C THR E 100 -7.40 30.61 3.86
N LYS E 101 -6.51 29.68 3.49
CA LYS E 101 -5.95 29.71 2.14
C LYS E 101 -6.19 28.37 1.47
N SER E 102 -6.33 28.40 0.14
CA SER E 102 -6.38 27.17 -0.63
C SER E 102 -5.06 26.42 -0.49
N SER E 103 -5.18 25.10 -0.27
CA SER E 103 -4.02 24.24 -0.28
C SER E 103 -3.65 23.92 -1.72
N LYS E 104 -4.48 24.32 -2.70
CA LYS E 104 -4.27 23.99 -4.11
C LYS E 104 -3.13 24.82 -4.69
N GLU E 105 -2.92 26.02 -4.15
CA GLU E 105 -1.76 26.82 -4.52
C GLU E 105 -0.49 25.98 -4.39
N SER E 106 -0.39 25.22 -3.28
CA SER E 106 0.85 24.55 -2.91
C SER E 106 0.90 23.08 -3.34
N SER E 107 -0.14 22.64 -4.06
CA SER E 107 -0.31 21.22 -4.35
C SER E 107 0.77 20.77 -5.32
N GLU E 108 1.10 21.60 -6.33
CA GLU E 108 2.11 21.23 -7.29
C GLU E 108 3.48 21.13 -6.61
N ALA E 109 3.75 22.10 -5.72
CA ALA E 109 5.00 22.16 -4.97
C ALA E 109 5.18 20.87 -4.16
N ARG E 110 4.14 20.55 -3.38
CA ARG E 110 4.24 19.54 -2.35
C ARG E 110 4.47 18.18 -2.97
N LYS E 111 3.77 17.93 -4.09
CA LYS E 111 3.89 16.71 -4.87
C LYS E 111 5.28 16.66 -5.49
N GLY E 112 5.69 17.81 -6.05
CA GLY E 112 6.96 17.91 -6.72
C GLY E 112 8.11 17.49 -5.81
N PHE E 113 8.09 18.06 -4.60
CA PHE E 113 9.15 17.83 -3.65
C PHE E 113 9.23 16.35 -3.32
N SER E 114 8.09 15.76 -2.94
CA SER E 114 8.09 14.41 -2.41
C SER E 114 8.39 13.38 -3.51
N TYR E 115 7.91 13.66 -4.72
CA TYR E 115 8.25 12.83 -5.86
C TYR E 115 9.67 13.08 -6.35
N LEU E 116 10.26 14.23 -5.99
CA LEU E 116 11.66 14.43 -6.36
C LEU E 116 12.48 13.40 -5.60
N VAL E 117 12.11 13.19 -4.33
CA VAL E 117 12.90 12.32 -3.49
C VAL E 117 12.88 10.95 -4.13
N THR E 118 11.68 10.56 -4.57
CA THR E 118 11.45 9.26 -5.16
C THR E 118 12.28 9.12 -6.44
N ALA E 119 12.30 10.18 -7.24
CA ALA E 119 12.93 10.13 -8.55
C ALA E 119 14.44 10.04 -8.39
N THR E 120 14.98 10.95 -7.56
CA THR E 120 16.35 10.92 -7.10
C THR E 120 16.77 9.52 -6.64
N THR E 121 16.03 8.98 -5.66
CA THR E 121 16.28 7.66 -5.07
C THR E 121 16.50 6.62 -6.15
N THR E 122 15.59 6.61 -7.13
CA THR E 122 15.54 5.61 -8.18
C THR E 122 16.78 5.73 -9.05
N VAL E 123 17.22 6.98 -9.30
CA VAL E 123 18.38 7.21 -10.14
C VAL E 123 19.59 6.56 -9.48
N GLY E 124 19.77 6.82 -8.18
CA GLY E 124 20.90 6.29 -7.44
C GLY E 124 20.91 4.76 -7.50
N VAL E 125 19.73 4.18 -7.37
CA VAL E 125 19.64 2.74 -7.32
C VAL E 125 19.93 2.18 -8.70
N ALA E 126 19.53 2.93 -9.71
CA ALA E 126 19.72 2.44 -11.06
C ALA E 126 21.22 2.40 -11.35
N TYR E 127 21.94 3.43 -10.92
CA TYR E 127 23.38 3.48 -11.08
C TYR E 127 23.98 2.24 -10.43
N ALA E 128 23.69 2.07 -9.14
CA ALA E 128 24.25 0.98 -8.37
C ALA E 128 23.92 -0.34 -9.06
N ALA E 129 22.65 -0.51 -9.46
CA ALA E 129 22.19 -1.78 -10.00
C ALA E 129 22.90 -2.08 -11.31
N LYS E 130 23.12 -1.04 -12.11
CA LYS E 130 23.83 -1.16 -13.38
C LYS E 130 25.18 -1.79 -13.11
N ASN E 131 25.84 -1.26 -12.07
CA ASN E 131 27.18 -1.64 -11.69
C ASN E 131 27.21 -3.09 -11.22
N VAL E 132 26.45 -3.40 -10.17
CA VAL E 132 26.38 -4.75 -9.64
C VAL E 132 26.28 -5.72 -10.82
N VAL E 133 25.26 -5.50 -11.66
CA VAL E 133 24.85 -6.42 -12.72
C VAL E 133 25.99 -6.60 -13.70
N SER E 134 26.50 -5.49 -14.22
CA SER E 134 27.42 -5.60 -15.32
C SER E 134 28.73 -6.24 -14.85
N GLN E 135 29.06 -6.03 -13.58
CA GLN E 135 30.20 -6.70 -12.98
C GLN E 135 30.02 -8.22 -13.09
N PHE E 136 28.88 -8.71 -12.60
CA PHE E 136 28.61 -10.14 -12.63
C PHE E 136 28.77 -10.62 -14.06
N VAL E 137 28.42 -9.75 -15.02
CA VAL E 137 28.39 -10.13 -16.42
C VAL E 137 29.80 -10.31 -16.96
N SER E 138 30.67 -9.33 -16.68
CA SER E 138 32.05 -9.44 -17.14
C SER E 138 32.78 -10.63 -16.49
N SER E 139 32.29 -11.08 -15.33
CA SER E 139 32.86 -12.22 -14.64
C SER E 139 32.85 -13.43 -15.58
N MET E 140 31.88 -13.43 -16.49
CA MET E 140 31.65 -14.56 -17.36
C MET E 140 32.45 -14.42 -18.66
N SER E 141 32.81 -13.17 -18.99
CA SER E 141 33.70 -12.91 -20.12
C SER E 141 35.13 -13.33 -19.81
N ALA E 142 35.97 -13.47 -20.84
CA ALA E 142 37.24 -14.17 -20.66
C ALA E 142 38.10 -13.51 -19.60
N SER E 143 38.68 -14.37 -18.74
CA SER E 143 39.59 -14.04 -17.66
C SER E 143 40.90 -13.49 -18.21
N ALA E 144 41.66 -12.75 -17.38
CA ALA E 144 42.89 -12.06 -17.77
C ALA E 144 43.93 -13.05 -18.30
N ASP E 145 43.86 -14.27 -17.78
CA ASP E 145 44.79 -15.32 -18.14
C ASP E 145 44.41 -15.90 -19.50
N VAL E 146 43.12 -15.78 -19.88
CA VAL E 146 42.69 -16.27 -21.18
C VAL E 146 42.94 -15.19 -22.24
N LEU E 147 42.93 -13.92 -21.82
CA LEU E 147 43.32 -12.83 -22.70
C LEU E 147 44.83 -12.85 -22.96
N ALA E 148 45.61 -13.28 -21.97
CA ALA E 148 47.05 -13.35 -22.09
C ALA E 148 47.45 -14.40 -23.12
N MET E 149 46.52 -15.29 -23.48
CA MET E 149 46.72 -16.26 -24.55
C MET E 149 45.93 -15.85 -25.78
N SER E 150 45.15 -14.76 -25.68
CA SER E 150 44.46 -14.18 -26.83
C SER E 150 45.38 -14.20 -28.05
N LYS E 151 46.44 -13.37 -28.00
CA LYS E 151 47.31 -12.97 -29.10
C LYS E 151 48.67 -13.65 -28.98
N ILE E 152 49.38 -13.73 -30.12
CA ILE E 152 50.71 -14.29 -30.24
C ILE E 152 51.51 -13.39 -31.18
N GLU E 153 52.76 -13.11 -30.78
CA GLU E 153 53.68 -12.30 -31.57
C GLU E 153 54.69 -13.20 -32.28
N ILE E 154 54.95 -12.84 -33.54
CA ILE E 154 55.92 -13.55 -34.35
C ILE E 154 56.85 -12.53 -35.03
N LYS E 155 58.15 -12.88 -35.05
CA LYS E 155 59.21 -12.12 -35.67
C LYS E 155 59.41 -12.58 -37.12
N LEU E 156 59.22 -11.62 -38.05
CA LEU E 156 59.13 -11.86 -39.48
C LEU E 156 60.53 -11.91 -40.08
N SER E 157 61.45 -11.19 -39.45
CA SER E 157 62.83 -11.19 -39.88
C SER E 157 63.53 -12.48 -39.43
N ASP E 158 62.80 -13.34 -38.70
CA ASP E 158 63.32 -14.60 -38.16
C ASP E 158 62.74 -15.81 -38.91
N ILE E 159 62.12 -15.59 -40.08
CA ILE E 159 61.63 -16.68 -40.93
C ILE E 159 62.20 -16.52 -42.34
N PRO E 160 62.86 -17.57 -42.91
CA PRO E 160 63.43 -17.50 -44.26
C PRO E 160 62.48 -17.68 -45.45
N GLU E 161 62.91 -17.21 -46.63
CA GLU E 161 62.06 -16.98 -47.79
C GLU E 161 61.76 -18.27 -48.55
N GLY E 162 60.53 -18.77 -48.40
CA GLY E 162 60.09 -19.99 -49.05
C GLY E 162 59.70 -21.03 -47.99
N LYS E 163 60.34 -20.91 -46.83
CA LYS E 163 60.20 -21.90 -45.77
C LYS E 163 59.03 -21.56 -44.85
N ASN E 164 58.26 -22.59 -44.49
CA ASN E 164 57.20 -22.49 -43.50
C ASN E 164 57.83 -22.49 -42.11
N MET E 165 57.12 -21.94 -41.12
CA MET E 165 57.48 -21.92 -39.71
C MET E 165 56.21 -22.11 -38.89
N ALA E 166 56.12 -23.19 -38.12
CA ALA E 166 54.92 -23.40 -37.32
C ALA E 166 55.05 -22.67 -35.97
N PHE E 167 53.91 -22.45 -35.29
CA PHE E 167 53.82 -21.83 -33.97
C PHE E 167 52.63 -22.46 -33.23
N LYS E 168 52.42 -22.14 -31.93
CA LYS E 168 51.28 -22.63 -31.15
C LYS E 168 50.29 -21.53 -30.77
N TRP E 169 49.02 -21.67 -31.19
CA TRP E 169 48.02 -20.61 -31.02
C TRP E 169 46.65 -21.13 -30.59
N ARG E 170 46.17 -20.66 -29.42
CA ARG E 170 44.97 -21.21 -28.83
C ARG E 170 45.14 -22.72 -28.77
N GLY E 171 46.35 -23.17 -28.39
CA GLY E 171 46.71 -24.57 -28.31
C GLY E 171 46.82 -25.30 -29.67
N LYS E 172 46.72 -24.58 -30.80
CA LYS E 172 46.72 -25.21 -32.12
C LYS E 172 47.95 -24.77 -32.93
N PRO E 173 48.54 -25.65 -33.79
CA PRO E 173 49.53 -25.22 -34.78
C PRO E 173 49.10 -23.99 -35.59
N LEU E 174 50.02 -23.04 -35.77
CA LEU E 174 49.72 -21.83 -36.52
C LEU E 174 50.87 -21.55 -37.50
N PHE E 175 50.57 -21.69 -38.80
CA PHE E 175 51.58 -21.58 -39.84
C PHE E 175 51.68 -20.14 -40.35
N VAL E 176 52.90 -19.61 -40.29
CA VAL E 176 53.34 -18.46 -41.07
C VAL E 176 54.29 -18.97 -42.15
N ARG E 177 54.25 -18.35 -43.34
CA ARG E 177 55.11 -18.76 -44.43
C ARG E 177 55.61 -17.52 -45.16
N HIS E 178 56.94 -17.39 -45.25
CA HIS E 178 57.56 -16.43 -46.16
C HIS E 178 57.40 -16.97 -47.59
N ARG E 179 56.86 -16.14 -48.48
CA ARG E 179 56.62 -16.61 -49.83
C ARG E 179 57.59 -15.94 -50.80
N THR E 180 58.11 -16.73 -51.75
CA THR E 180 58.91 -16.21 -52.83
C THR E 180 58.01 -15.54 -53.86
N LYS E 181 58.61 -14.82 -54.82
CA LYS E 181 57.91 -14.21 -55.95
C LYS E 181 57.44 -15.30 -56.91
N LYS E 182 58.06 -16.49 -56.82
CA LYS E 182 57.56 -17.67 -57.49
C LYS E 182 56.16 -17.97 -56.93
N GLU E 183 56.10 -18.12 -55.61
CA GLU E 183 54.86 -18.50 -54.95
C GLU E 183 53.79 -17.43 -55.19
N ILE E 184 54.14 -16.14 -55.13
CA ILE E 184 53.20 -15.02 -55.19
C ILE E 184 52.53 -14.95 -56.56
N ASP E 185 53.33 -15.13 -57.62
CA ASP E 185 52.84 -15.00 -58.98
C ASP E 185 52.10 -16.27 -59.40
N GLN E 186 52.54 -17.43 -58.89
CA GLN E 186 51.95 -18.70 -59.25
C GLN E 186 50.62 -18.89 -58.51
N GLU E 187 50.43 -18.12 -57.44
CA GLU E 187 49.19 -18.14 -56.67
C GLU E 187 48.31 -16.95 -57.04
N ALA E 188 48.91 -15.94 -57.72
CA ALA E 188 48.17 -14.80 -58.22
C ALA E 188 47.21 -15.24 -59.33
N ALA E 189 47.73 -15.78 -60.44
CA ALA E 189 46.88 -16.14 -61.57
C ALA E 189 46.60 -17.64 -61.67
N VAL E 190 46.20 -18.27 -60.56
CA VAL E 190 45.57 -19.60 -60.56
C VAL E 190 44.13 -19.46 -61.05
N GLU E 191 43.36 -20.55 -61.05
CA GLU E 191 41.99 -20.51 -61.56
C GLU E 191 41.05 -19.78 -60.60
N VAL E 192 40.61 -18.58 -61.03
CA VAL E 192 39.74 -17.68 -60.28
C VAL E 192 38.60 -18.52 -59.67
N SER E 193 37.78 -19.10 -60.55
CA SER E 193 36.51 -19.70 -60.18
C SER E 193 36.67 -21.17 -59.81
N GLN E 194 37.52 -21.91 -60.56
CA GLN E 194 37.47 -23.36 -60.60
C GLN E 194 37.85 -24.01 -59.26
N LEU E 195 38.36 -23.24 -58.31
CA LEU E 195 38.71 -23.74 -56.99
C LEU E 195 37.55 -24.53 -56.38
N ARG E 196 37.85 -25.53 -55.53
CA ARG E 196 36.83 -26.11 -54.66
C ARG E 196 36.25 -25.02 -53.77
N ASP E 197 37.11 -24.33 -53.03
CA ASP E 197 36.67 -23.24 -52.16
C ASP E 197 37.11 -21.90 -52.77
N PRO E 198 36.26 -21.28 -53.64
CA PRO E 198 36.63 -20.07 -54.38
C PRO E 198 37.04 -18.79 -53.63
N GLN E 199 38.36 -18.57 -53.56
CA GLN E 199 38.97 -17.46 -52.85
C GLN E 199 40.31 -17.12 -53.52
N HIS E 200 40.42 -15.89 -54.04
CA HIS E 200 41.65 -15.44 -54.67
C HIS E 200 42.66 -15.08 -53.59
N ASP E 201 43.91 -14.83 -53.99
CA ASP E 201 44.99 -14.76 -53.04
C ASP E 201 45.16 -13.35 -52.44
N LEU E 202 44.83 -12.29 -53.19
CA LEU E 202 45.08 -10.93 -52.72
C LEU E 202 44.11 -10.58 -51.59
N GLU E 203 43.24 -11.55 -51.24
CA GLU E 203 42.22 -11.42 -50.21
C GLU E 203 42.16 -12.66 -49.29
N ARG E 204 43.22 -13.47 -49.28
CA ARG E 204 43.45 -14.40 -48.19
C ARG E 204 44.60 -13.90 -47.32
N VAL E 205 45.28 -12.85 -47.80
CA VAL E 205 46.44 -12.28 -47.11
C VAL E 205 46.41 -10.76 -47.16
N LYS E 206 47.26 -10.17 -46.31
CA LYS E 206 47.40 -8.74 -46.11
C LYS E 206 48.79 -8.31 -46.61
N LYS E 207 49.79 -9.20 -46.56
CA LYS E 207 51.02 -8.94 -47.30
C LYS E 207 51.19 -10.01 -48.39
N PRO E 208 51.63 -9.66 -49.62
CA PRO E 208 51.83 -10.64 -50.68
C PRO E 208 52.75 -11.79 -50.31
N GLU E 209 53.81 -11.46 -49.56
CA GLU E 209 54.93 -12.36 -49.32
C GLU E 209 54.75 -13.11 -48.00
N TRP E 210 53.62 -12.87 -47.32
CA TRP E 210 53.31 -13.46 -46.02
C TRP E 210 51.90 -14.04 -45.99
N VAL E 211 51.82 -15.36 -45.81
CA VAL E 211 50.54 -16.06 -45.69
C VAL E 211 50.45 -16.70 -44.31
N ILE E 212 49.42 -16.34 -43.55
CA ILE E 212 49.22 -16.87 -42.21
C ILE E 212 47.92 -17.69 -42.17
N LEU E 213 48.01 -18.90 -41.59
CA LEU E 213 47.04 -20.00 -41.71
C LEU E 213 47.06 -20.84 -40.45
N ILE E 214 45.89 -21.24 -39.93
CA ILE E 214 45.86 -22.20 -38.83
C ILE E 214 46.12 -23.59 -39.42
N GLY E 215 47.01 -24.34 -38.73
CA GLY E 215 47.60 -25.56 -39.25
C GLY E 215 46.80 -26.81 -38.89
N VAL E 216 45.50 -26.77 -39.21
CA VAL E 216 44.58 -27.87 -38.99
C VAL E 216 43.78 -28.12 -40.27
N CYS E 217 43.75 -29.39 -40.71
CA CYS E 217 43.08 -29.77 -41.94
C CYS E 217 41.56 -29.63 -41.77
N THR E 218 40.89 -28.96 -42.73
CA THR E 218 39.46 -28.65 -42.59
C THR E 218 38.62 -29.93 -42.56
N HIS E 219 39.12 -30.99 -43.23
CA HIS E 219 38.44 -32.27 -43.36
C HIS E 219 38.16 -32.91 -41.99
N LEU E 220 39.17 -33.59 -41.43
CA LEU E 220 39.01 -34.29 -40.16
C LEU E 220 40.23 -34.01 -39.26
N GLY E 221 40.75 -32.78 -39.31
CA GLY E 221 41.77 -32.28 -38.40
C GLY E 221 43.01 -33.17 -38.27
N CYS E 222 44.02 -32.93 -39.12
CA CYS E 222 45.39 -33.32 -38.80
C CYS E 222 46.26 -32.10 -39.03
N VAL E 223 47.59 -32.27 -38.90
CA VAL E 223 48.50 -31.17 -39.18
C VAL E 223 49.10 -31.39 -40.58
N PRO E 224 48.76 -30.54 -41.58
CA PRO E 224 49.39 -30.61 -42.91
C PRO E 224 50.90 -30.53 -42.76
N ILE E 225 51.61 -31.28 -43.62
CA ILE E 225 53.05 -31.20 -43.69
C ILE E 225 53.44 -30.18 -44.77
N ALA E 226 54.31 -29.24 -44.40
CA ALA E 226 54.72 -28.12 -45.23
C ALA E 226 55.69 -28.61 -46.31
N ASN E 227 55.82 -27.84 -47.40
CA ASN E 227 56.74 -28.15 -48.49
C ASN E 227 56.55 -29.58 -49.00
N ALA E 228 55.28 -29.93 -49.26
CA ALA E 228 54.86 -31.24 -49.75
C ALA E 228 53.53 -31.09 -50.47
N GLY E 229 53.07 -32.16 -51.11
CA GLY E 229 51.77 -32.24 -51.76
C GLY E 229 51.87 -32.08 -53.28
N ASP E 230 50.82 -32.50 -53.99
CA ASP E 230 50.75 -32.29 -55.43
C ASP E 230 50.85 -30.80 -55.75
N PHE E 231 50.54 -29.93 -54.78
CA PHE E 231 50.46 -28.51 -55.09
C PHE E 231 51.59 -27.76 -54.39
N GLY E 232 52.61 -28.52 -53.94
CA GLY E 232 53.82 -27.96 -53.34
C GLY E 232 53.50 -26.92 -52.28
N GLY E 233 52.69 -27.30 -51.29
CA GLY E 233 52.29 -26.36 -50.27
C GLY E 233 52.03 -27.13 -48.98
N TYR E 234 50.90 -27.85 -48.94
CA TYR E 234 50.55 -28.67 -47.79
C TYR E 234 49.87 -29.95 -48.28
N TYR E 235 50.35 -31.14 -47.83
CA TYR E 235 49.72 -32.44 -48.02
C TYR E 235 49.40 -33.06 -46.66
N CYS E 236 48.10 -33.28 -46.46
CA CYS E 236 47.65 -34.10 -45.35
C CYS E 236 47.96 -35.56 -45.66
N PRO E 237 48.63 -36.27 -44.71
CA PRO E 237 48.79 -37.72 -44.79
C PRO E 237 47.50 -38.51 -44.58
N CYS E 238 46.54 -37.90 -43.85
CA CYS E 238 45.37 -38.58 -43.27
C CYS E 238 44.44 -39.08 -44.38
N HIS E 239 43.58 -38.20 -44.91
CA HIS E 239 42.64 -38.55 -45.98
C HIS E 239 43.08 -38.00 -47.34
N GLY E 240 44.35 -37.56 -47.42
CA GLY E 240 45.01 -37.07 -48.64
C GLY E 240 44.36 -35.82 -49.23
N SER E 241 44.71 -34.64 -48.67
CA SER E 241 44.25 -33.34 -49.17
C SER E 241 45.45 -32.54 -49.66
N HIS E 242 45.22 -31.67 -50.65
CA HIS E 242 46.29 -30.91 -51.29
C HIS E 242 45.95 -29.43 -51.29
N TYR E 243 46.66 -28.67 -50.45
CA TYR E 243 46.50 -27.22 -50.41
C TYR E 243 47.67 -26.59 -51.17
N ASP E 244 47.37 -25.49 -51.87
CA ASP E 244 48.35 -24.70 -52.60
C ASP E 244 49.18 -23.89 -51.61
N ALA E 245 50.03 -22.99 -52.12
CA ALA E 245 50.80 -22.07 -51.29
C ALA E 245 49.90 -20.99 -50.69
N SER E 246 48.72 -20.76 -51.30
CA SER E 246 47.71 -19.88 -50.73
C SER E 246 46.90 -20.59 -49.62
N GLY E 247 47.13 -21.90 -49.43
CA GLY E 247 46.41 -22.71 -48.44
C GLY E 247 45.07 -23.25 -48.96
N ARG E 248 44.65 -22.77 -50.15
CA ARG E 248 43.37 -23.13 -50.76
C ARG E 248 43.37 -24.63 -51.07
N ILE E 249 42.31 -25.32 -50.67
CA ILE E 249 42.15 -26.74 -50.98
C ILE E 249 41.99 -26.89 -52.49
N ARG E 250 42.86 -27.74 -53.07
CA ARG E 250 42.95 -27.99 -54.49
C ARG E 250 42.45 -29.40 -54.80
N LYS E 251 43.11 -30.42 -54.21
CA LYS E 251 42.76 -31.81 -54.46
C LYS E 251 42.67 -32.60 -53.15
N GLY E 252 41.43 -32.86 -52.68
CA GLY E 252 41.18 -33.73 -51.54
C GLY E 252 39.85 -33.45 -50.84
N PRO E 253 39.48 -34.27 -49.83
CA PRO E 253 38.21 -34.07 -49.09
C PRO E 253 37.95 -32.75 -48.35
N ALA E 254 38.97 -32.25 -47.66
CA ALA E 254 38.93 -30.98 -46.93
C ALA E 254 37.85 -30.06 -47.48
N PRO E 255 36.71 -29.87 -46.76
CA PRO E 255 35.59 -29.07 -47.24
C PRO E 255 36.02 -27.73 -47.85
N LEU E 256 36.61 -26.88 -47.01
CA LEU E 256 36.99 -25.53 -47.40
C LEU E 256 38.52 -25.36 -47.32
N ASN E 257 39.02 -24.16 -47.69
CA ASN E 257 40.44 -23.85 -47.67
C ASN E 257 40.92 -23.81 -46.21
N LEU E 258 42.23 -23.59 -46.02
CA LEU E 258 42.80 -23.42 -44.68
C LEU E 258 42.28 -22.15 -44.03
N GLU E 259 42.30 -22.11 -42.69
CA GLU E 259 41.62 -21.09 -41.88
C GLU E 259 42.50 -19.84 -41.79
N VAL E 260 42.07 -18.74 -42.43
CA VAL E 260 42.82 -17.48 -42.44
C VAL E 260 42.41 -16.66 -41.23
N PRO E 261 43.27 -16.49 -40.20
CA PRO E 261 42.92 -15.76 -38.97
C PRO E 261 42.98 -14.24 -39.13
N SER E 262 42.92 -13.56 -37.98
CA SER E 262 43.03 -12.12 -37.97
C SER E 262 44.42 -11.72 -37.50
N TYR E 263 45.16 -11.09 -38.41
CA TYR E 263 46.50 -10.63 -38.13
C TYR E 263 46.58 -9.12 -38.29
N GLU E 264 47.65 -8.57 -37.71
CA GLU E 264 48.13 -7.22 -37.94
C GLU E 264 49.67 -7.25 -37.92
N PHE E 265 50.30 -6.40 -38.76
CA PHE E 265 51.75 -6.39 -38.87
C PHE E 265 52.32 -5.23 -38.06
N THR E 266 52.30 -5.36 -36.73
CA THR E 266 52.80 -4.36 -35.78
C THR E 266 54.01 -3.59 -36.34
N SER E 267 55.16 -4.27 -36.42
CA SER E 267 56.36 -3.62 -36.91
C SER E 267 56.63 -4.12 -38.32
N ASP E 268 57.66 -3.56 -38.96
CA ASP E 268 58.08 -4.04 -40.27
C ASP E 268 58.49 -5.51 -40.21
N ASP E 269 58.98 -5.96 -39.04
CA ASP E 269 59.45 -7.32 -38.88
C ASP E 269 58.75 -8.01 -37.70
N MET E 270 57.61 -7.46 -37.25
CA MET E 270 56.81 -8.08 -36.20
C MET E 270 55.38 -8.29 -36.70
N VAL E 271 54.79 -9.45 -36.34
CA VAL E 271 53.39 -9.75 -36.62
C VAL E 271 52.67 -10.16 -35.34
N ILE E 272 51.37 -9.82 -35.25
CA ILE E 272 50.50 -10.19 -34.14
C ILE E 272 49.26 -10.93 -34.67
N VAL E 273 49.04 -12.14 -34.11
CA VAL E 273 47.92 -12.97 -34.50
C VAL E 273 47.01 -13.08 -33.28
N GLY E 274 45.84 -12.43 -33.35
CA GLY E 274 44.87 -12.54 -32.26
C GLY E 274 43.86 -11.41 -32.25
N TRP F 13 7.44 -5.32 53.01
CA TRP F 13 6.44 -6.42 52.92
C TRP F 13 6.42 -6.96 51.50
N LEU F 14 5.70 -8.07 51.28
CA LEU F 14 5.51 -8.62 49.95
C LEU F 14 4.99 -7.54 48.99
N GLU F 15 3.98 -6.79 49.45
CA GLU F 15 3.24 -5.79 48.69
C GLU F 15 4.14 -4.64 48.26
N GLY F 16 5.20 -4.35 49.03
CA GLY F 16 6.15 -3.32 48.67
C GLY F 16 6.89 -3.66 47.39
N ILE F 17 7.26 -4.94 47.28
CA ILE F 17 8.00 -5.45 46.14
C ILE F 17 7.09 -5.48 44.92
N ARG F 18 5.87 -6.00 45.11
CA ARG F 18 4.87 -6.15 44.06
C ARG F 18 4.59 -4.80 43.42
N LYS F 19 4.55 -3.75 44.25
CA LYS F 19 4.22 -2.44 43.72
C LYS F 19 5.42 -1.93 42.92
N TRP F 20 6.64 -2.20 43.42
CA TRP F 20 7.80 -1.75 42.66
C TRP F 20 7.82 -2.44 41.30
N TYR F 21 7.52 -3.75 41.34
CA TYR F 21 7.62 -4.59 40.17
C TYR F 21 6.65 -4.07 39.13
N TYR F 22 5.45 -3.65 39.57
CA TYR F 22 4.38 -3.23 38.67
C TYR F 22 4.87 -2.07 37.82
N ASN F 23 5.61 -1.17 38.46
CA ASN F 23 6.05 0.06 37.81
C ASN F 23 7.21 -0.26 36.89
N ALA F 24 7.99 -1.30 37.28
CA ALA F 24 9.12 -1.76 36.49
C ALA F 24 8.63 -2.40 35.21
N ALA F 25 7.68 -3.32 35.34
CA ALA F 25 7.02 -4.01 34.25
C ALA F 25 6.66 -3.01 33.16
N GLY F 26 5.87 -2.00 33.54
CA GLY F 26 5.73 -0.81 32.72
C GLY F 26 4.55 -0.87 31.74
N PHE F 27 3.69 -1.87 31.86
CA PHE F 27 2.60 -1.94 30.91
C PHE F 27 1.65 -0.80 31.26
N ASN F 28 1.74 -0.39 32.51
CA ASN F 28 0.88 0.67 33.00
C ASN F 28 1.17 1.95 32.22
N LYS F 29 2.37 2.08 31.66
CA LYS F 29 2.79 3.32 31.02
C LYS F 29 2.10 3.45 29.66
N LEU F 30 1.51 2.35 29.18
CA LEU F 30 0.82 2.37 27.90
C LEU F 30 -0.69 2.43 28.08
N GLY F 31 -1.09 2.46 29.37
CA GLY F 31 -2.49 2.51 29.76
C GLY F 31 -3.14 1.15 29.58
N LEU F 32 -2.35 0.12 29.88
CA LEU F 32 -2.87 -1.24 29.87
C LEU F 32 -3.16 -1.61 31.31
N MET F 33 -4.08 -2.55 31.51
CA MET F 33 -4.22 -3.22 32.78
C MET F 33 -3.60 -4.62 32.73
N ARG F 34 -3.33 -5.21 33.89
CA ARG F 34 -2.60 -6.47 33.90
C ARG F 34 -3.28 -7.46 32.97
N ASP F 35 -4.61 -7.55 33.05
CA ASP F 35 -5.34 -8.58 32.35
C ASP F 35 -5.25 -8.43 30.83
N ASP F 36 -4.83 -7.25 30.37
CA ASP F 36 -4.69 -6.99 28.95
C ASP F 36 -3.48 -7.71 28.39
N THR F 37 -2.52 -7.99 29.27
CA THR F 37 -1.24 -8.52 28.86
C THR F 37 -1.21 -10.06 28.89
N ILE F 38 -2.28 -10.70 29.36
CA ILE F 38 -2.24 -12.15 29.48
C ILE F 38 -2.13 -12.74 28.08
N HIS F 39 -1.25 -13.71 27.89
CA HIS F 39 -1.06 -14.39 26.62
C HIS F 39 -2.31 -15.22 26.33
N GLU F 40 -2.82 -15.18 25.09
CA GLU F 40 -4.11 -15.76 24.82
C GLU F 40 -4.00 -17.24 24.43
N ASN F 41 -4.12 -18.17 25.39
CA ASN F 41 -4.42 -19.55 25.05
C ASN F 41 -5.94 -19.75 24.91
N ASP F 42 -6.36 -21.02 24.72
CA ASP F 42 -7.74 -21.34 24.43
C ASP F 42 -8.68 -20.93 25.56
N ASP F 43 -8.25 -21.16 26.81
CA ASP F 43 -9.00 -20.76 27.99
C ASP F 43 -9.23 -19.26 27.97
N VAL F 44 -8.17 -18.51 27.66
CA VAL F 44 -8.23 -17.06 27.71
C VAL F 44 -9.10 -16.54 26.57
N LYS F 45 -8.88 -17.10 25.37
CA LYS F 45 -9.73 -16.81 24.23
C LYS F 45 -11.20 -16.81 24.71
N GLU F 46 -11.62 -17.90 25.37
CA GLU F 46 -13.00 -18.12 25.77
C GLU F 46 -13.43 -17.12 26.83
N ALA F 47 -12.53 -16.82 27.76
CA ALA F 47 -12.89 -15.87 28.80
C ALA F 47 -13.22 -14.52 28.15
N ILE F 48 -12.42 -14.14 27.13
CA ILE F 48 -12.60 -12.88 26.43
C ILE F 48 -13.96 -12.94 25.74
N ARG F 49 -14.26 -14.11 25.17
CA ARG F 49 -15.45 -14.34 24.38
C ARG F 49 -16.69 -14.19 25.26
N ARG F 50 -16.53 -14.39 26.57
CA ARG F 50 -17.66 -14.27 27.48
C ARG F 50 -17.77 -12.87 28.09
N LEU F 51 -16.90 -11.94 27.67
CA LEU F 51 -16.86 -10.61 28.24
C LEU F 51 -18.08 -9.85 27.75
N PRO F 52 -18.77 -9.07 28.62
CA PRO F 52 -19.89 -8.21 28.22
C PRO F 52 -19.45 -6.97 27.45
N GLU F 53 -20.37 -6.42 26.64
CA GLU F 53 -20.05 -5.46 25.60
C GLU F 53 -19.15 -4.35 26.16
N ASN F 54 -19.58 -3.75 27.27
CA ASN F 54 -18.79 -2.75 27.99
C ASN F 54 -17.35 -3.23 28.11
N LEU F 55 -17.12 -4.35 28.78
CA LEU F 55 -15.79 -4.79 29.17
C LEU F 55 -14.94 -5.21 27.96
N TYR F 56 -15.61 -5.73 26.93
CA TYR F 56 -14.92 -6.16 25.73
C TYR F 56 -14.43 -4.95 24.96
N ASN F 57 -15.32 -3.98 24.67
CA ASN F 57 -14.91 -2.85 23.85
C ASN F 57 -13.81 -2.05 24.55
N ASP F 58 -13.89 -1.97 25.88
CA ASP F 58 -12.91 -1.30 26.70
C ASP F 58 -11.55 -1.95 26.46
N ARG F 59 -11.53 -3.28 26.40
CA ARG F 59 -10.25 -3.96 26.25
C ARG F 59 -9.68 -3.67 24.87
N VAL F 60 -10.53 -3.86 23.85
CA VAL F 60 -10.27 -3.56 22.45
C VAL F 60 -9.56 -2.21 22.37
N PHE F 61 -10.04 -1.25 23.18
CA PHE F 61 -9.58 0.10 23.04
C PHE F 61 -8.21 0.22 23.67
N ARG F 62 -8.08 -0.33 24.89
CA ARG F 62 -6.87 -0.14 25.67
C ARG F 62 -5.68 -0.65 24.88
N ILE F 63 -5.93 -1.75 24.14
CA ILE F 63 -4.93 -2.45 23.35
C ILE F 63 -4.66 -1.68 22.07
N LYS F 64 -5.72 -1.18 21.39
CA LYS F 64 -5.51 -0.32 20.23
C LYS F 64 -4.53 0.77 20.64
N ARG F 65 -4.74 1.30 21.86
CA ARG F 65 -4.07 2.49 22.36
C ARG F 65 -2.59 2.18 22.55
N ALA F 66 -2.36 1.06 23.25
CA ALA F 66 -1.05 0.57 23.62
C ALA F 66 -0.26 0.22 22.36
N LEU F 67 -0.93 -0.43 21.40
CA LEU F 67 -0.27 -0.87 20.17
C LEU F 67 0.18 0.33 19.35
N ASP F 68 -0.66 1.35 19.35
CA ASP F 68 -0.38 2.57 18.62
C ASP F 68 0.79 3.31 19.28
N LEU F 69 0.86 3.24 20.61
CA LEU F 69 1.96 3.82 21.37
C LEU F 69 3.24 3.01 21.17
N SER F 70 3.10 1.69 21.07
CA SER F 70 4.26 0.84 20.88
C SER F 70 4.92 1.20 19.56
N MET F 71 4.07 1.49 18.58
CA MET F 71 4.53 1.83 17.26
C MET F 71 5.37 3.08 17.35
N ARG F 72 4.93 4.03 18.18
CA ARG F 72 5.56 5.34 18.15
C ARG F 72 6.79 5.37 19.06
N GLN F 73 7.02 4.28 19.79
CA GLN F 73 8.05 4.23 20.82
C GLN F 73 7.79 5.32 21.86
N GLN F 74 6.52 5.46 22.25
CA GLN F 74 6.08 6.51 23.15
C GLN F 74 5.36 5.89 24.33
N ILE F 75 5.16 6.69 25.38
CA ILE F 75 4.32 6.30 26.51
C ILE F 75 3.28 7.37 26.73
N LEU F 76 2.42 7.19 27.76
CA LEU F 76 1.44 8.20 28.12
C LEU F 76 2.07 9.22 29.06
N PRO F 77 1.41 10.37 29.36
CA PRO F 77 1.79 11.18 30.51
C PRO F 77 1.57 10.37 31.80
N LYS F 78 2.39 10.62 32.84
CA LYS F 78 2.27 9.88 34.09
C LYS F 78 0.83 10.01 34.58
N GLU F 79 0.24 11.20 34.37
CA GLU F 79 -1.11 11.45 34.83
C GLU F 79 -2.02 10.31 34.33
N GLN F 80 -1.71 9.79 33.14
CA GLN F 80 -2.57 8.88 32.40
C GLN F 80 -2.20 7.41 32.65
N TRP F 81 -1.16 7.12 33.44
CA TRP F 81 -0.75 5.74 33.67
C TRP F 81 -1.71 5.01 34.58
N THR F 82 -1.87 3.71 34.29
CA THR F 82 -2.73 2.80 35.01
C THR F 82 -2.16 2.66 36.40
N LYS F 83 -2.97 2.96 37.41
CA LYS F 83 -2.52 2.99 38.79
C LYS F 83 -2.60 1.60 39.40
N TYR F 84 -1.55 1.23 40.14
CA TYR F 84 -1.48 -0.08 40.78
C TYR F 84 -2.77 -0.37 41.53
N GLU F 85 -3.30 0.63 42.25
CA GLU F 85 -4.44 0.40 43.11
C GLU F 85 -5.74 0.28 42.29
N GLU F 86 -5.76 0.85 41.08
CA GLU F 86 -7.00 0.99 40.34
C GLU F 86 -7.15 -0.13 39.30
N ASP F 87 -6.19 -1.06 39.26
CA ASP F 87 -6.15 -2.10 38.23
C ASP F 87 -6.96 -3.31 38.68
N LYS F 88 -8.19 -3.43 38.19
CA LYS F 88 -9.06 -4.51 38.62
C LYS F 88 -8.81 -5.73 37.73
N SER F 89 -8.91 -6.93 38.32
CA SER F 89 -8.81 -8.12 37.49
C SER F 89 -10.15 -8.34 36.80
N TYR F 90 -10.37 -7.67 35.65
CA TYR F 90 -11.65 -7.71 34.94
C TYR F 90 -11.92 -9.13 34.42
N LEU F 91 -10.86 -9.93 34.22
CA LEU F 91 -10.95 -11.16 33.44
C LEU F 91 -11.07 -12.38 34.35
N GLU F 92 -10.48 -12.32 35.55
CA GLU F 92 -10.33 -13.48 36.43
C GLU F 92 -11.64 -14.26 36.59
N PRO F 93 -12.74 -13.67 37.08
CA PRO F 93 -14.02 -14.38 37.18
C PRO F 93 -14.45 -15.17 35.95
N TYR F 94 -14.31 -14.56 34.77
CA TYR F 94 -14.70 -15.24 33.54
C TYR F 94 -13.80 -16.46 33.33
N LEU F 95 -12.50 -16.25 33.57
CA LEU F 95 -11.42 -17.20 33.31
C LEU F 95 -11.37 -18.32 34.35
N LYS F 96 -11.60 -17.99 35.63
CA LYS F 96 -11.60 -18.97 36.70
C LYS F 96 -12.63 -20.04 36.36
N GLU F 97 -13.76 -19.60 35.79
CA GLU F 97 -14.89 -20.47 35.49
C GLU F 97 -14.64 -21.24 34.20
N VAL F 98 -14.00 -20.61 33.22
CA VAL F 98 -13.65 -21.35 32.02
C VAL F 98 -12.77 -22.53 32.42
N ILE F 99 -11.86 -22.29 33.37
CA ILE F 99 -10.88 -23.29 33.76
C ILE F 99 -11.56 -24.36 34.63
N ARG F 100 -12.40 -23.91 35.57
CA ARG F 100 -13.18 -24.87 36.35
C ARG F 100 -13.88 -25.84 35.40
N GLU F 101 -14.46 -25.31 34.31
CA GLU F 101 -15.22 -26.14 33.39
C GLU F 101 -14.31 -27.16 32.72
N ARG F 102 -13.10 -26.72 32.36
CA ARG F 102 -12.21 -27.57 31.59
C ARG F 102 -11.78 -28.74 32.46
N LYS F 103 -11.32 -28.41 33.67
CA LYS F 103 -10.90 -29.35 34.68
C LYS F 103 -11.99 -30.41 34.90
N GLU F 104 -13.25 -29.98 34.82
CA GLU F 104 -14.40 -30.87 34.97
C GLU F 104 -14.45 -31.88 33.82
N ARG F 105 -14.22 -31.41 32.60
CA ARG F 105 -14.40 -32.30 31.47
C ARG F 105 -13.25 -33.31 31.45
N GLU F 106 -12.13 -32.89 32.05
CA GLU F 106 -10.93 -33.71 32.11
C GLU F 106 -11.20 -34.87 33.05
N GLU F 107 -11.54 -34.50 34.29
CA GLU F 107 -12.01 -35.41 35.33
C GLU F 107 -12.94 -36.44 34.71
N TRP F 108 -13.92 -35.93 33.97
CA TRP F 108 -14.99 -36.81 33.55
C TRP F 108 -14.44 -37.90 32.64
N ALA F 109 -13.55 -37.49 31.73
CA ALA F 109 -13.10 -38.37 30.66
C ALA F 109 -12.12 -39.44 31.17
N LYS F 110 -11.92 -39.53 32.49
CA LYS F 110 -11.14 -40.60 33.11
C LYS F 110 -12.04 -41.50 34.00
N ARG G 3 -6.95 -15.75 7.36
CA ARG G 3 -7.77 -14.59 7.78
C ARG G 3 -7.17 -13.37 7.09
N GLN G 4 -8.01 -12.50 6.50
CA GLN G 4 -7.59 -11.28 5.82
C GLN G 4 -8.41 -10.08 6.33
N PHE G 5 -8.00 -8.88 5.93
CA PHE G 5 -8.69 -7.66 6.33
C PHE G 5 -10.16 -7.80 5.95
N GLY G 6 -11.02 -7.72 6.97
CA GLY G 6 -12.43 -7.90 6.74
C GLY G 6 -13.06 -8.80 7.79
N HIS G 7 -12.35 -9.88 8.15
CA HIS G 7 -12.67 -10.58 9.39
C HIS G 7 -11.40 -10.92 10.16
N LEU G 8 -10.74 -9.87 10.64
CA LEU G 8 -9.66 -10.04 11.60
C LEU G 8 -10.25 -10.15 13.00
N THR G 9 -10.99 -9.12 13.40
CA THR G 9 -11.59 -9.11 14.73
C THR G 9 -12.78 -8.15 14.77
N ARG G 10 -13.39 -7.99 15.95
CA ARG G 10 -14.60 -7.18 16.15
C ARG G 10 -14.24 -6.02 17.05
N VAL G 11 -14.44 -4.81 16.53
CA VAL G 11 -14.07 -3.57 17.19
C VAL G 11 -15.25 -2.62 17.17
N ARG G 12 -15.55 -2.04 18.33
CA ARG G 12 -16.66 -1.10 18.30
C ARG G 12 -16.25 0.21 18.97
N HIS G 13 -16.63 1.29 18.29
CA HIS G 13 -16.72 2.62 18.87
C HIS G 13 -15.37 3.34 18.86
N VAL G 14 -14.57 3.13 17.80
CA VAL G 14 -13.21 3.66 17.82
C VAL G 14 -13.02 4.51 16.58
N ILE G 15 -12.62 5.77 16.79
CA ILE G 15 -12.45 6.70 15.68
C ILE G 15 -10.96 6.96 15.41
N THR G 16 -10.59 6.75 14.14
CA THR G 16 -9.22 6.94 13.69
C THR G 16 -9.20 8.17 12.80
N TYR G 17 -8.50 9.24 13.21
CA TYR G 17 -8.31 10.39 12.34
C TYR G 17 -6.84 10.51 11.97
N SER G 18 -6.61 10.81 10.69
CA SER G 18 -5.28 10.85 10.08
C SER G 18 -5.27 11.79 8.87
N LEU G 19 -4.08 11.90 8.27
CA LEU G 19 -3.80 12.96 7.32
C LEU G 19 -2.95 12.44 6.17
N SER G 20 -3.19 12.97 4.97
CA SER G 20 -2.39 12.53 3.84
C SER G 20 -0.94 12.86 4.12
N PRO G 21 0.00 12.06 3.60
CA PRO G 21 1.42 12.36 3.75
C PRO G 21 1.77 13.66 3.04
N PHE G 22 1.04 13.96 1.98
CA PHE G 22 1.35 15.15 1.22
C PHE G 22 0.81 16.41 1.89
N GLU G 23 0.11 16.23 3.00
CA GLU G 23 -0.35 17.38 3.75
C GLU G 23 0.65 17.63 4.88
N GLN G 24 1.63 16.74 5.04
CA GLN G 24 2.38 16.80 6.28
C GLN G 24 3.89 16.65 6.10
N ARG G 25 4.61 17.12 7.13
CA ARG G 25 6.06 17.03 7.28
C ARG G 25 6.43 15.58 7.56
N ALA G 26 7.54 15.15 6.95
CA ALA G 26 8.14 13.84 7.13
C ALA G 26 8.83 13.72 8.48
N PHE G 27 9.32 14.85 9.00
CA PHE G 27 10.15 14.81 10.19
C PHE G 27 9.64 15.84 11.20
N PRO G 28 8.35 15.84 11.63
CA PRO G 28 7.89 16.83 12.60
C PRO G 28 8.82 16.83 13.81
N HIS G 29 9.35 18.01 14.16
CA HIS G 29 10.13 18.29 15.37
C HIS G 29 11.04 17.10 15.71
N TYR G 30 11.94 16.76 14.77
CA TYR G 30 12.75 15.55 14.73
C TYR G 30 13.76 15.48 15.88
N PHE G 31 14.41 16.61 16.17
CA PHE G 31 15.41 16.64 17.22
C PHE G 31 14.75 17.10 18.51
N SER G 32 13.93 18.16 18.43
CA SER G 32 13.34 18.76 19.63
C SER G 32 12.46 17.78 20.42
N LYS G 33 11.80 16.85 19.73
CA LYS G 33 11.00 15.82 20.39
C LYS G 33 11.82 14.52 20.46
N GLY G 34 12.68 14.31 19.47
CA GLY G 34 13.28 13.01 19.27
C GLY G 34 14.46 12.72 20.20
N ILE G 35 15.32 13.70 20.37
CA ILE G 35 16.43 13.56 21.29
C ILE G 35 15.88 13.23 22.67
N PRO G 36 14.97 14.04 23.26
CA PRO G 36 14.40 13.72 24.57
C PRO G 36 13.79 12.32 24.64
N ASN G 37 13.12 11.93 23.57
CA ASN G 37 12.45 10.65 23.53
C ASN G 37 13.48 9.53 23.58
N VAL G 38 14.61 9.71 22.89
CA VAL G 38 15.66 8.69 22.80
C VAL G 38 16.36 8.53 24.14
N LEU G 39 16.62 9.67 24.78
CA LEU G 39 17.15 9.63 26.13
C LEU G 39 16.21 8.81 27.01
N ARG G 40 14.90 9.09 26.92
CA ARG G 40 13.90 8.49 27.79
C ARG G 40 13.95 6.97 27.63
N ARG G 41 14.04 6.56 26.36
CA ARG G 41 14.07 5.20 25.88
C ARG G 41 15.30 4.47 26.42
N THR G 42 16.43 5.19 26.50
CA THR G 42 17.69 4.58 26.89
C THR G 42 17.75 4.45 28.41
N ARG G 43 17.30 5.50 29.12
CA ARG G 43 17.29 5.45 30.58
C ARG G 43 16.46 4.23 30.98
N ALA G 44 15.41 3.95 30.18
CA ALA G 44 14.49 2.87 30.48
C ALA G 44 15.17 1.49 30.44
N CYS G 45 16.16 1.31 29.56
CA CYS G 45 16.60 -0.06 29.33
C CYS G 45 18.02 -0.31 29.84
N ILE G 46 18.80 0.74 30.11
CA ILE G 46 20.23 0.56 30.25
C ILE G 46 20.56 -0.28 31.49
N LEU G 47 19.76 -0.16 32.54
CA LEU G 47 20.03 -0.94 33.73
C LEU G 47 19.67 -2.42 33.54
N ARG G 48 18.99 -2.76 32.44
CA ARG G 48 18.70 -4.16 32.16
C ARG G 48 19.78 -4.74 31.24
N VAL G 49 20.19 -3.92 30.25
CA VAL G 49 21.02 -4.30 29.11
C VAL G 49 22.50 -4.14 29.42
N ALA G 50 22.88 -2.98 29.97
CA ALA G 50 24.29 -2.62 30.11
C ALA G 50 25.00 -3.50 31.14
N PRO G 51 24.45 -3.74 32.35
CA PRO G 51 25.13 -4.59 33.33
C PRO G 51 25.87 -5.83 32.82
N PRO G 52 25.22 -6.73 32.02
CA PRO G 52 25.94 -7.88 31.46
C PRO G 52 27.18 -7.55 30.64
N PHE G 53 27.08 -6.49 29.85
CA PHE G 53 28.15 -6.14 28.94
C PHE G 53 29.31 -5.52 29.71
N VAL G 54 29.00 -4.85 30.82
CA VAL G 54 30.01 -4.37 31.75
C VAL G 54 30.80 -5.57 32.27
N ALA G 55 30.08 -6.60 32.74
CA ALA G 55 30.68 -7.79 33.30
C ALA G 55 31.51 -8.52 32.23
N PHE G 56 31.04 -8.51 30.97
CA PHE G 56 31.81 -9.13 29.91
C PHE G 56 33.15 -8.41 29.80
N TYR G 57 33.08 -7.08 29.82
CA TYR G 57 34.25 -6.28 29.51
C TYR G 57 35.29 -6.57 30.58
N LEU G 58 34.79 -6.81 31.80
CA LEU G 58 35.60 -7.01 32.98
C LEU G 58 36.23 -8.39 32.95
N VAL G 59 35.42 -9.42 32.64
CA VAL G 59 35.92 -10.79 32.61
C VAL G 59 36.92 -10.90 31.47
N TYR G 60 36.70 -10.13 30.42
CA TYR G 60 37.60 -10.15 29.29
C TYR G 60 38.88 -9.37 29.61
N THR G 61 38.74 -8.24 30.29
CA THR G 61 39.89 -7.44 30.71
C THR G 61 40.80 -8.30 31.59
N TRP G 62 40.18 -8.88 32.62
CA TRP G 62 40.88 -9.59 33.68
C TRP G 62 41.58 -10.82 33.09
N GLY G 63 40.82 -11.63 32.36
CA GLY G 63 41.29 -12.92 31.89
C GLY G 63 42.35 -12.79 30.79
N THR G 64 42.29 -11.69 30.04
CA THR G 64 43.28 -11.40 29.00
C THR G 64 44.62 -11.07 29.67
N GLN G 65 44.54 -10.37 30.81
CA GLN G 65 45.72 -9.93 31.52
C GLN G 65 46.23 -11.02 32.46
N GLU G 66 45.36 -11.94 32.84
CA GLU G 66 45.78 -13.12 33.60
C GLU G 66 46.58 -14.03 32.68
N PHE G 67 46.23 -14.06 31.38
CA PHE G 67 46.97 -14.82 30.39
C PHE G 67 48.33 -14.16 30.15
N GLU G 68 48.34 -12.83 30.05
CA GLU G 68 49.55 -12.03 30.02
C GLU G 68 50.54 -12.45 31.12
N LYS G 69 50.10 -12.30 32.38
CA LYS G 69 50.92 -12.51 33.57
C LYS G 69 51.48 -13.94 33.60
N SER G 70 50.65 -14.92 33.29
CA SER G 70 51.05 -16.31 33.49
C SER G 70 52.10 -16.71 32.47
N LYS G 71 52.21 -15.97 31.35
CA LYS G 71 53.20 -16.23 30.32
C LYS G 71 54.57 -15.61 30.66
N ARG G 72 54.62 -14.66 31.62
CA ARG G 72 55.88 -14.07 32.09
C ARG G 72 56.58 -15.00 33.06
N LYS G 73 57.85 -14.71 33.41
CA LYS G 73 58.50 -15.39 34.52
C LYS G 73 58.37 -14.51 35.77
N ASN G 74 58.46 -15.15 36.95
CA ASN G 74 58.37 -14.54 38.28
C ASN G 74 59.62 -14.93 39.06
N PRO G 75 60.16 -14.10 39.99
CA PRO G 75 61.50 -14.39 40.52
C PRO G 75 61.61 -15.57 41.52
N ALA G 76 61.77 -16.81 41.02
CA ALA G 76 61.85 -18.06 41.77
C ALA G 76 62.18 -19.22 40.82
N LEU H 44 77.01 5.56 4.06
CA LEU H 44 75.51 5.66 4.06
C LEU H 44 74.98 5.18 5.40
N VAL H 45 74.17 6.04 6.03
CA VAL H 45 73.53 5.80 7.32
C VAL H 45 72.05 5.46 7.11
N ASP H 46 71.65 4.28 7.63
CA ASP H 46 70.27 3.82 7.67
C ASP H 46 69.50 4.69 8.66
N PRO H 47 68.41 5.37 8.24
CA PRO H 47 67.69 6.27 9.15
C PRO H 47 67.06 5.50 10.31
N LEU H 48 67.06 4.16 10.22
CA LEU H 48 66.47 3.33 11.25
C LEU H 48 67.36 3.27 12.47
N THR H 49 68.68 3.18 12.23
CA THR H 49 69.64 3.06 13.31
C THR H 49 69.75 4.41 14.03
N THR H 50 69.58 5.51 13.27
CA THR H 50 69.42 6.87 13.79
C THR H 50 68.28 6.90 14.80
N VAL H 51 67.10 6.50 14.33
CA VAL H 51 65.88 6.74 15.07
C VAL H 51 65.81 5.81 16.27
N ARG H 52 66.37 4.60 16.12
CA ARG H 52 66.49 3.66 17.23
C ARG H 52 67.22 4.33 18.38
N GLU H 53 68.29 5.06 18.04
CA GLU H 53 69.14 5.69 19.05
C GLU H 53 68.35 6.79 19.74
N GLN H 54 67.60 7.58 18.95
CA GLN H 54 66.78 8.66 19.46
C GLN H 54 65.72 8.13 20.42
N CYS H 55 65.15 6.97 20.07
CA CYS H 55 64.06 6.38 20.83
C CYS H 55 64.58 5.85 22.16
N GLU H 56 65.84 5.39 22.18
CA GLU H 56 66.42 4.80 23.37
C GLU H 56 66.62 5.86 24.45
N GLN H 57 66.64 7.14 24.03
CA GLN H 57 66.70 8.32 24.89
C GLN H 57 65.52 8.36 25.87
N LEU H 58 64.37 7.82 25.44
CA LEU H 58 63.11 8.10 26.12
C LEU H 58 63.08 7.35 27.46
N GLU H 59 62.27 7.89 28.39
CA GLU H 59 62.31 7.58 29.80
C GLU H 59 61.90 6.12 29.99
N LYS H 60 60.84 5.77 29.26
CA LYS H 60 60.11 4.51 29.25
C LYS H 60 61.09 3.41 28.80
N CYS H 61 61.95 3.76 27.83
CA CYS H 61 62.96 2.89 27.25
C CYS H 61 64.08 2.60 28.24
N VAL H 62 64.51 3.66 28.93
CA VAL H 62 65.61 3.60 29.88
C VAL H 62 65.22 2.66 31.03
N LYS H 63 63.92 2.59 31.34
CA LYS H 63 63.45 1.78 32.46
C LYS H 63 63.53 0.29 32.10
N ALA H 64 63.24 -0.05 30.83
CA ALA H 64 63.33 -1.42 30.36
C ALA H 64 64.80 -1.79 30.13
N ARG H 65 65.61 -0.78 29.82
CA ARG H 65 67.07 -0.92 29.72
C ARG H 65 67.65 -1.35 31.08
N GLU H 66 67.16 -0.73 32.19
CA GLU H 66 67.57 -1.10 33.54
C GLU H 66 67.21 -2.56 33.80
N ARG H 67 66.00 -2.94 33.37
CA ARG H 67 65.46 -4.27 33.62
C ARG H 67 66.34 -5.32 32.93
N LEU H 68 66.80 -4.96 31.72
CA LEU H 68 67.70 -5.79 30.95
C LEU H 68 69.07 -5.88 31.64
N GLU H 69 69.59 -4.73 32.12
CA GLU H 69 70.88 -4.68 32.81
C GLU H 69 70.88 -5.60 34.03
N LEU H 70 69.85 -5.49 34.88
CA LEU H 70 69.73 -6.29 36.09
C LEU H 70 69.72 -7.78 35.75
N CYS H 71 69.09 -8.14 34.63
CA CYS H 71 68.93 -9.53 34.25
C CYS H 71 70.23 -10.09 33.64
N ASP H 72 71.00 -9.23 32.96
CA ASP H 72 72.30 -9.63 32.43
C ASP H 72 73.26 -10.03 33.54
N GLU H 73 73.44 -9.15 34.55
CA GLU H 73 74.19 -9.46 35.76
C GLU H 73 73.85 -10.88 36.19
N ARG H 74 72.54 -11.11 36.38
CA ARG H 74 71.96 -12.19 37.16
C ARG H 74 72.21 -13.53 36.49
N VAL H 75 71.95 -13.59 35.18
CA VAL H 75 72.12 -14.79 34.38
C VAL H 75 73.61 -14.99 34.10
N SER H 76 74.28 -13.89 33.76
CA SER H 76 75.72 -13.86 33.53
C SER H 76 76.45 -14.49 34.72
N SER H 77 76.09 -14.12 35.95
CA SER H 77 76.90 -14.46 37.12
C SER H 77 76.67 -15.89 37.64
N ARG H 78 75.54 -16.54 37.33
CA ARG H 78 75.36 -17.91 37.78
C ARG H 78 75.87 -18.88 36.72
N SER H 79 76.22 -20.10 37.15
CA SER H 79 76.68 -21.16 36.27
C SER H 79 75.70 -22.32 36.23
N GLN H 80 74.78 -22.39 37.21
CA GLN H 80 73.80 -23.46 37.32
C GLN H 80 72.40 -22.91 37.68
N THR H 81 71.65 -22.45 36.67
CA THR H 81 70.19 -22.25 36.58
C THR H 81 69.84 -22.06 35.10
N GLU H 82 68.57 -21.81 34.82
CA GLU H 82 68.08 -21.99 33.46
C GLU H 82 67.50 -20.70 32.87
N GLU H 83 67.71 -19.54 33.49
CA GLU H 83 67.05 -18.31 33.03
C GLU H 83 67.68 -17.76 31.74
N ASP H 84 66.84 -17.06 30.95
CA ASP H 84 67.28 -16.11 29.94
C ASP H 84 66.60 -14.77 30.19
N CYS H 85 67.04 -13.74 29.46
CA CYS H 85 66.49 -12.40 29.60
C CYS H 85 65.64 -12.04 28.39
N THR H 86 65.01 -13.04 27.74
CA THR H 86 64.22 -12.77 26.55
C THR H 86 63.14 -11.75 26.91
N GLU H 87 62.37 -12.10 27.95
CA GLU H 87 61.29 -11.29 28.49
C GLU H 87 61.67 -9.81 28.53
N GLU H 88 62.77 -9.49 29.22
CA GLU H 88 63.10 -8.09 29.53
C GLU H 88 63.53 -7.34 28.27
N LEU H 89 64.19 -8.08 27.36
CA LEU H 89 64.62 -7.59 26.06
C LEU H 89 63.39 -7.20 25.24
N LEU H 90 62.41 -8.11 25.24
CA LEU H 90 61.25 -8.04 24.36
C LEU H 90 60.40 -6.83 24.73
N ASP H 91 60.21 -6.62 26.03
CA ASP H 91 59.40 -5.48 26.43
C ASP H 91 60.21 -4.22 26.20
N PHE H 92 61.55 -4.33 26.17
CA PHE H 92 62.41 -3.23 25.77
C PHE H 92 62.17 -2.87 24.31
N LEU H 93 62.25 -3.88 23.43
CA LEU H 93 62.11 -3.64 22.00
C LEU H 93 60.72 -3.06 21.71
N HIS H 94 59.73 -3.52 22.49
CA HIS H 94 58.33 -3.15 22.38
C HIS H 94 58.19 -1.64 22.59
N ALA H 95 58.87 -1.11 23.60
CA ALA H 95 58.85 0.30 23.92
C ALA H 95 59.60 1.09 22.86
N ARG H 96 60.75 0.56 22.44
CA ARG H 96 61.55 1.23 21.42
C ARG H 96 60.77 1.26 20.10
N ASP H 97 60.20 0.12 19.71
CA ASP H 97 59.66 -0.07 18.38
C ASP H 97 58.34 0.70 18.18
N HIS H 98 57.54 0.85 19.23
CA HIS H 98 56.35 1.69 19.17
C HIS H 98 56.76 3.15 18.96
N CYS H 99 57.92 3.53 19.54
CA CYS H 99 58.46 4.86 19.35
C CYS H 99 58.98 5.02 17.93
N VAL H 100 59.64 3.96 17.42
CA VAL H 100 60.32 4.00 16.13
C VAL H 100 59.28 4.24 15.05
N ALA H 101 58.18 3.51 15.17
CA ALA H 101 57.08 3.50 14.23
C ALA H 101 56.60 4.92 13.93
N HIS H 102 56.42 5.73 14.99
CA HIS H 102 55.87 7.07 14.85
C HIS H 102 56.75 7.93 13.95
N LYS H 103 58.07 7.74 14.01
CA LYS H 103 59.00 8.72 13.48
C LYS H 103 59.58 8.23 12.15
N LEU H 104 59.91 6.94 12.08
CA LEU H 104 60.77 6.36 11.06
C LEU H 104 60.30 6.74 9.65
N PHE H 105 58.99 6.59 9.43
CA PHE H 105 58.44 6.60 8.09
C PHE H 105 58.62 7.97 7.42
N ASN H 106 58.70 9.05 8.22
CA ASN H 106 58.81 10.40 7.70
C ASN H 106 59.92 10.49 6.70
N SER H 107 61.05 9.86 7.06
CA SER H 107 62.29 9.98 6.31
C SER H 107 62.50 8.78 5.37
N LEU H 108 61.43 8.41 4.63
CA LEU H 108 61.48 7.34 3.63
C LEU H 108 60.63 7.73 2.41
N VAL I 49 -37.06 7.51 14.99
CA VAL I 49 -37.96 8.68 15.28
C VAL I 49 -38.11 8.87 16.78
N LEU I 50 -37.80 10.09 17.27
CA LEU I 50 -37.81 10.41 18.69
C LEU I 50 -38.51 11.74 18.98
N CYS I 51 -39.49 12.15 18.16
CA CYS I 51 -40.16 13.44 18.36
C CYS I 51 -41.33 13.62 17.40
N ARG I 52 -42.44 14.16 17.93
CA ARG I 52 -43.67 14.47 17.20
C ARG I 52 -43.34 15.09 15.84
N GLU I 53 -42.51 16.15 15.85
CA GLU I 53 -42.09 16.88 14.67
C GLU I 53 -41.75 15.90 13.55
N SER I 54 -40.72 15.07 13.77
CA SER I 54 -40.23 14.09 12.81
C SER I 54 -41.26 13.01 12.47
N LEU I 55 -41.99 12.52 13.48
CA LEU I 55 -43.03 11.51 13.35
C LEU I 55 -44.17 11.94 12.40
N ARG I 56 -44.61 13.22 12.49
CA ARG I 56 -45.76 13.73 11.73
C ARG I 56 -45.45 13.70 10.24
N GLY I 57 -46.48 13.34 9.46
CA GLY I 57 -46.42 13.20 8.01
C GLY I 57 -46.24 11.74 7.60
N GLN I 58 -46.32 10.83 8.59
CA GLN I 58 -46.14 9.39 8.39
C GLN I 58 -47.51 8.73 8.24
N ALA I 59 -48.45 9.12 9.10
CA ALA I 59 -49.84 8.70 8.99
C ALA I 59 -50.25 8.75 7.52
N ALA I 60 -50.70 7.60 7.00
CA ALA I 60 -50.92 7.35 5.58
C ALA I 60 -52.32 7.77 5.18
N GLY I 61 -52.44 8.27 3.96
CA GLY I 61 -53.74 8.67 3.44
C GLY I 61 -53.75 8.49 1.93
N ARG I 62 -52.60 7.99 1.42
CA ARG I 62 -52.42 7.51 0.05
C ARG I 62 -52.59 6.00 0.06
N PRO I 63 -53.59 5.38 -0.65
CA PRO I 63 -53.59 3.92 -0.90
C PRO I 63 -52.33 3.69 -1.75
N LEU I 64 -51.65 2.55 -1.57
CA LEU I 64 -50.26 2.57 -1.96
C LEU I 64 -50.07 2.39 -3.47
N VAL I 65 -48.97 3.00 -3.95
CA VAL I 65 -48.57 3.00 -5.34
C VAL I 65 -47.11 2.52 -5.37
N ALA I 66 -46.90 1.35 -5.95
CA ALA I 66 -45.56 0.83 -6.07
C ALA I 66 -44.97 1.26 -7.41
N SER I 67 -43.75 1.78 -7.36
CA SER I 67 -43.12 2.22 -8.59
C SER I 67 -41.67 1.75 -8.64
N VAL I 68 -41.30 1.00 -9.69
CA VAL I 68 -39.93 0.51 -9.85
C VAL I 68 -39.48 0.89 -11.26
N SER I 69 -38.16 1.03 -11.46
CA SER I 69 -37.73 1.77 -12.65
C SER I 69 -36.64 1.03 -13.46
N LEU I 70 -35.97 1.80 -14.32
CA LEU I 70 -34.82 1.30 -15.03
C LEU I 70 -33.55 1.86 -14.38
N ASN I 71 -33.50 3.19 -14.30
CA ASN I 71 -32.33 3.82 -13.71
C ASN I 71 -32.77 4.89 -12.72
N VAL I 72 -33.73 4.55 -11.84
CA VAL I 72 -34.16 5.35 -10.70
C VAL I 72 -34.68 4.46 -9.56
N PRO I 73 -34.27 4.68 -8.28
CA PRO I 73 -34.55 3.72 -7.21
C PRO I 73 -36.03 3.56 -6.87
N ALA I 74 -36.43 2.37 -6.37
CA ALA I 74 -37.82 2.00 -6.15
C ALA I 74 -38.37 2.63 -4.86
N SER I 75 -39.72 2.82 -4.78
CA SER I 75 -40.37 3.73 -3.84
C SER I 75 -41.81 3.31 -3.48
N THR J 5 7.33 27.76 -7.32
CA THR J 5 8.53 27.09 -6.77
C THR J 5 9.14 26.23 -7.88
N LEU J 6 10.42 25.89 -7.73
CA LEU J 6 11.13 25.05 -8.68
C LEU J 6 10.43 23.70 -8.78
N THR J 7 10.08 23.15 -7.61
CA THR J 7 9.55 21.80 -7.48
C THR J 7 8.23 21.71 -8.21
N ALA J 8 7.44 22.79 -8.12
CA ALA J 8 6.19 22.87 -8.84
C ALA J 8 6.47 22.76 -10.34
N ARG J 9 7.47 23.52 -10.82
CA ARG J 9 7.77 23.53 -12.25
C ARG J 9 8.08 22.09 -12.68
N LEU J 10 8.89 21.39 -11.87
CA LEU J 10 9.35 20.02 -12.11
C LEU J 10 8.20 19.01 -12.13
N TYR J 11 7.30 19.13 -11.14
CA TYR J 11 6.17 18.24 -11.00
C TYR J 11 5.36 18.28 -12.29
N SER J 12 4.95 19.48 -12.70
CA SER J 12 4.06 19.59 -13.84
C SER J 12 4.77 19.18 -15.13
N LEU J 13 6.08 19.43 -15.19
CA LEU J 13 6.81 19.21 -16.42
C LEU J 13 7.17 17.74 -16.54
N LEU J 14 7.66 17.15 -15.45
CA LEU J 14 8.30 15.84 -15.54
C LEU J 14 7.49 14.71 -14.88
N PHE J 15 6.94 14.96 -13.69
CA PHE J 15 6.58 13.89 -12.77
C PHE J 15 5.10 13.51 -12.84
N ARG J 16 4.24 14.32 -13.45
CA ARG J 16 2.81 14.05 -13.36
C ARG J 16 2.46 12.80 -14.15
N ARG J 17 2.86 12.76 -15.43
CA ARG J 17 2.64 11.60 -16.28
C ARG J 17 3.64 10.52 -15.87
N THR J 18 3.21 9.28 -15.77
CA THR J 18 4.11 8.29 -15.20
C THR J 18 5.10 7.82 -16.26
N SER J 19 4.68 7.86 -17.53
CA SER J 19 5.55 7.65 -18.67
C SER J 19 6.72 8.64 -18.68
N THR J 20 6.44 9.90 -18.32
CA THR J 20 7.37 11.01 -18.24
C THR J 20 8.27 10.89 -17.02
N PHE J 21 7.71 10.34 -15.94
CA PHE J 21 8.46 10.26 -14.70
C PHE J 21 9.57 9.27 -14.95
N ALA J 22 9.26 8.24 -15.75
CA ALA J 22 10.19 7.19 -16.09
C ALA J 22 11.26 7.72 -17.03
N LEU J 23 10.83 8.48 -18.04
CA LEU J 23 11.73 9.01 -19.05
C LEU J 23 12.74 9.92 -18.35
N THR J 24 12.28 10.66 -17.33
CA THR J 24 13.11 11.53 -16.52
C THR J 24 14.22 10.73 -15.88
N ILE J 25 13.86 9.55 -15.39
CA ILE J 25 14.69 8.86 -14.42
C ILE J 25 15.82 8.16 -15.17
N VAL J 26 15.49 7.59 -16.34
CA VAL J 26 16.48 6.95 -17.18
C VAL J 26 17.50 7.97 -17.71
N VAL J 27 17.02 9.17 -18.09
CA VAL J 27 17.85 10.19 -18.69
C VAL J 27 18.76 10.79 -17.64
N GLY J 28 18.20 10.94 -16.43
CA GLY J 28 18.90 11.55 -15.32
C GLY J 28 19.94 10.61 -14.73
N ALA J 29 19.64 9.31 -14.80
CA ALA J 29 20.57 8.29 -14.34
C ALA J 29 21.78 8.30 -15.26
N LEU J 30 21.52 8.55 -16.55
CA LEU J 30 22.54 8.64 -17.56
C LEU J 30 23.55 9.73 -17.20
N PHE J 31 23.05 10.94 -16.95
CA PHE J 31 23.89 12.10 -16.67
C PHE J 31 24.46 11.97 -15.26
N PHE J 32 23.75 11.27 -14.37
CA PHE J 32 24.22 11.10 -13.00
C PHE J 32 25.39 10.12 -12.97
N GLU J 33 25.26 9.03 -13.73
CA GLU J 33 26.32 8.04 -13.83
C GLU J 33 27.61 8.72 -14.27
N ARG J 34 27.54 9.45 -15.38
CA ARG J 34 28.71 10.10 -15.96
C ARG J 34 29.29 11.10 -14.95
N ALA J 35 28.44 11.98 -14.41
CA ALA J 35 28.82 13.01 -13.45
C ALA J 35 29.41 12.42 -12.17
N PHE J 36 28.74 11.44 -11.59
CA PHE J 36 29.14 10.92 -10.29
C PHE J 36 30.47 10.18 -10.42
N ASP J 37 30.62 9.37 -11.47
CA ASP J 37 31.83 8.60 -11.74
C ASP J 37 33.01 9.57 -11.86
N GLN J 38 32.84 10.58 -12.70
CA GLN J 38 33.90 11.52 -13.04
C GLN J 38 34.34 12.29 -11.79
N GLY J 39 33.37 12.71 -10.99
CA GLY J 39 33.64 13.49 -9.79
C GLY J 39 34.28 12.68 -8.65
N ALA J 40 33.74 11.48 -8.40
CA ALA J 40 34.25 10.64 -7.34
C ALA J 40 35.66 10.19 -7.71
N ASP J 41 35.87 9.91 -9.00
CA ASP J 41 37.16 9.49 -9.53
C ASP J 41 38.21 10.54 -9.23
N ALA J 42 37.88 11.78 -9.59
CA ALA J 42 38.76 12.90 -9.36
C ALA J 42 39.02 13.08 -7.86
N ILE J 43 38.02 12.78 -7.02
CA ILE J 43 38.16 12.88 -5.57
C ILE J 43 39.18 11.85 -5.09
N TYR J 44 39.11 10.63 -5.63
CA TYR J 44 40.01 9.57 -5.21
C TYR J 44 41.43 9.86 -5.68
N GLU J 45 41.55 10.35 -6.91
CA GLU J 45 42.84 10.48 -7.56
C GLU J 45 43.54 11.76 -7.09
N HIS J 46 42.85 12.58 -6.28
CA HIS J 46 43.47 13.75 -5.68
C HIS J 46 43.86 13.36 -4.26
N ILE J 47 43.07 12.48 -3.65
CA ILE J 47 43.36 11.96 -2.33
C ILE J 47 44.62 11.11 -2.43
N ASN J 48 44.84 10.53 -3.62
CA ASN J 48 45.96 9.62 -3.84
C ASN J 48 46.90 10.17 -4.90
N GLU J 49 47.13 11.48 -4.86
CA GLU J 49 48.06 12.15 -5.76
C GLU J 49 49.39 11.40 -5.77
N GLY J 50 49.96 11.20 -6.95
CA GLY J 50 51.35 10.76 -7.11
C GLY J 50 51.53 9.25 -7.04
N LYS J 51 50.61 8.54 -6.37
CA LYS J 51 50.77 7.14 -5.98
C LYS J 51 50.22 6.17 -7.03
N LEU J 52 49.41 6.65 -7.97
CA LEU J 52 48.79 5.81 -8.98
C LEU J 52 49.68 5.70 -10.20
N TRP J 53 49.60 4.54 -10.87
CA TRP J 53 50.34 4.31 -12.11
C TRP J 53 50.06 5.43 -13.10
N LYS J 54 48.78 5.86 -13.17
CA LYS J 54 48.39 6.84 -14.16
C LYS J 54 49.00 8.20 -13.83
N HIS J 55 49.54 8.36 -12.63
CA HIS J 55 50.25 9.57 -12.26
C HIS J 55 51.74 9.51 -12.60
N ILE J 56 52.30 8.30 -12.70
CA ILE J 56 53.74 8.17 -12.83
C ILE J 56 54.11 7.64 -14.22
N LYS J 57 53.11 7.26 -15.03
CA LYS J 57 53.35 6.49 -16.25
C LYS J 57 54.10 7.29 -17.32
N HIS J 58 54.05 8.63 -17.22
CA HIS J 58 54.76 9.50 -18.14
C HIS J 58 56.27 9.23 -18.12
N LYS J 59 56.74 8.53 -17.09
CA LYS J 59 58.18 8.35 -16.92
C LYS J 59 58.72 7.16 -17.71
N TYR J 60 57.86 6.34 -18.37
CA TYR J 60 58.33 5.08 -18.93
C TYR J 60 57.69 4.78 -20.31
N ARG K 9 -15.32 2.12 -33.66
CA ARG K 9 -15.67 3.53 -33.34
C ARG K 9 -15.01 3.91 -32.01
N TYR K 10 -15.44 3.28 -30.90
CA TYR K 10 -14.96 3.62 -29.56
C TYR K 10 -13.54 3.09 -29.33
N ARG K 11 -13.10 2.06 -30.07
CA ARG K 11 -11.70 1.61 -30.13
C ARG K 11 -11.10 2.09 -31.44
N GLN K 12 -10.15 3.03 -31.34
CA GLN K 12 -9.75 3.97 -32.37
C GLN K 12 -10.02 5.39 -31.84
N LEU K 13 -11.19 5.57 -31.18
CA LEU K 13 -11.46 6.69 -30.29
C LEU K 13 -10.81 6.41 -28.92
N ALA K 14 -10.13 5.25 -28.80
CA ALA K 14 -9.07 5.05 -27.82
C ALA K 14 -7.82 5.74 -28.35
N ARG K 15 -6.82 4.95 -28.82
CA ARG K 15 -5.60 5.48 -29.42
C ARG K 15 -5.06 6.66 -28.59
N ASN K 16 -5.38 6.64 -27.28
CA ASN K 16 -4.89 7.59 -26.27
C ASN K 16 -3.68 6.98 -25.57
N TRP K 17 -3.35 5.74 -25.96
CA TRP K 17 -2.12 5.07 -25.54
C TRP K 17 -1.01 5.28 -26.57
N VAL K 18 -1.31 5.95 -27.70
CA VAL K 18 -0.34 6.33 -28.74
C VAL K 18 0.66 7.38 -28.21
N PRO K 19 0.26 8.58 -27.69
CA PRO K 19 1.21 9.45 -26.98
C PRO K 19 1.85 8.98 -25.68
N THR K 20 1.19 8.04 -24.96
CA THR K 20 1.75 7.42 -23.76
C THR K 20 2.74 6.31 -24.16
N ALA K 21 2.43 5.55 -25.23
CA ALA K 21 3.34 4.51 -25.70
C ALA K 21 4.48 5.10 -26.54
N SER K 22 4.35 6.36 -26.97
CA SER K 22 5.46 7.14 -27.51
C SER K 22 6.52 7.36 -26.43
N LEU K 23 6.09 7.80 -25.24
CA LEU K 23 6.95 8.10 -24.10
C LEU K 23 7.55 6.82 -23.50
N TRP K 24 6.83 5.69 -23.63
CA TRP K 24 7.27 4.37 -23.19
C TRP K 24 8.26 3.76 -24.19
N GLY K 25 8.19 4.16 -25.46
CA GLY K 25 9.13 3.74 -26.48
C GLY K 25 10.49 4.43 -26.34
N ALA K 26 10.49 5.69 -25.87
CA ALA K 26 11.71 6.43 -25.55
C ALA K 26 12.37 5.86 -24.30
N VAL K 27 11.56 5.40 -23.32
CA VAL K 27 12.00 4.72 -22.10
C VAL K 27 12.68 3.39 -22.46
N GLY K 28 12.14 2.68 -23.47
CA GLY K 28 12.69 1.42 -23.96
C GLY K 28 13.99 1.64 -24.74
N ALA K 29 14.03 2.70 -25.56
CA ALA K 29 15.18 3.07 -26.39
C ALA K 29 16.35 3.50 -25.51
N VAL K 30 16.11 4.58 -24.73
CA VAL K 30 17.04 5.22 -23.82
C VAL K 30 17.47 4.23 -22.72
N GLY K 31 16.59 3.30 -22.30
CA GLY K 31 16.87 2.31 -21.27
C GLY K 31 17.88 1.23 -21.70
N LEU K 32 17.71 0.70 -22.93
CA LEU K 32 18.59 -0.29 -23.55
C LEU K 32 19.94 0.36 -23.84
N VAL K 33 19.93 1.65 -24.20
CA VAL K 33 21.12 2.43 -24.54
C VAL K 33 21.91 2.81 -23.29
N TRP K 34 21.25 2.94 -22.13
CA TRP K 34 21.93 3.23 -20.87
C TRP K 34 22.57 1.96 -20.31
N ALA K 35 21.81 0.87 -20.34
CA ALA K 35 22.27 -0.38 -19.77
C ALA K 35 23.47 -0.94 -20.55
N THR K 36 23.57 -0.60 -21.87
CA THR K 36 24.55 -1.17 -22.81
C THR K 36 25.77 -0.25 -23.04
N ASP K 37 25.71 1.02 -22.62
CA ASP K 37 26.65 2.05 -23.06
C ASP K 37 26.79 2.01 -24.59
N ASP K 43 27.45 8.32 -28.48
CA ASP K 43 28.51 9.21 -29.05
C ASP K 43 27.95 10.60 -29.34
N TRP K 44 26.74 10.67 -29.92
CA TRP K 44 26.18 11.91 -30.43
C TRP K 44 25.24 12.58 -29.41
N VAL K 45 25.16 12.03 -28.19
CA VAL K 45 24.65 12.74 -27.03
C VAL K 45 25.82 13.53 -26.42
N PRO K 46 25.80 14.88 -26.35
CA PRO K 46 26.92 15.64 -25.76
C PRO K 46 27.18 15.32 -24.30
N TYR K 47 28.46 15.41 -23.88
CA TYR K 47 28.89 15.21 -22.50
C TYR K 47 28.92 13.72 -22.11
N ILE K 48 27.73 13.11 -21.96
CA ILE K 48 27.62 11.70 -21.59
C ILE K 48 28.05 10.84 -22.78
N ASN K 49 29.27 10.29 -22.68
CA ASN K 49 29.86 9.30 -23.58
C ASN K 49 30.36 9.99 -24.87
N GLY K 50 29.74 11.14 -25.17
CA GLY K 50 30.23 12.11 -26.15
C GLY K 50 31.67 12.52 -25.85
N LYS K 51 32.00 12.57 -24.55
CA LYS K 51 33.37 12.67 -24.07
C LYS K 51 33.74 11.41 -23.27
N PHE K 52 33.82 10.27 -23.97
CA PHE K 52 34.34 9.02 -23.44
C PHE K 52 35.18 9.27 -22.18
#